data_1A86
# 
_entry.id   1A86 
# 
_audit_conform.dict_name       mmcif_pdbx.dic 
_audit_conform.dict_version    5.385 
_audit_conform.dict_location   http://mmcif.pdb.org/dictionaries/ascii/mmcif_pdbx.dic 
# 
loop_
_database_2.database_id 
_database_2.database_code 
_database_2.pdbx_database_accession 
_database_2.pdbx_DOI 
PDB   1A86         pdb_00001a86 10.2210/pdb1a86/pdb 
WWPDB D_1000170513 ?            ?                   
# 
loop_
_pdbx_audit_revision_history.ordinal 
_pdbx_audit_revision_history.data_content_type 
_pdbx_audit_revision_history.major_revision 
_pdbx_audit_revision_history.minor_revision 
_pdbx_audit_revision_history.revision_date 
1 'Structure model' 1 0 1999-05-04 
2 'Structure model' 1 1 2008-03-24 
3 'Structure model' 1 2 2011-07-13 
4 'Structure model' 1 3 2012-12-12 
5 'Structure model' 1 4 2024-02-07 
# 
_pdbx_audit_revision_details.ordinal             1 
_pdbx_audit_revision_details.revision_ordinal    1 
_pdbx_audit_revision_details.data_content_type   'Structure model' 
_pdbx_audit_revision_details.provider            repository 
_pdbx_audit_revision_details.type                'Initial release' 
_pdbx_audit_revision_details.description         ? 
_pdbx_audit_revision_details.details             ? 
# 
loop_
_pdbx_audit_revision_group.ordinal 
_pdbx_audit_revision_group.revision_ordinal 
_pdbx_audit_revision_group.data_content_type 
_pdbx_audit_revision_group.group 
1  2 'Structure model' 'Version format compliance' 
2  3 'Structure model' 'Atomic model'              
3  3 'Structure model' 'Database references'       
4  3 'Structure model' 'Derived calculations'      
5  3 'Structure model' 'Non-polymer description'   
6  3 'Structure model' 'Structure summary'         
7  3 'Structure model' 'Version format compliance' 
8  4 'Structure model' Other                       
9  5 'Structure model' 'Data collection'           
10 5 'Structure model' 'Database references'       
11 5 'Structure model' 'Derived calculations'      
12 5 'Structure model' Other                       
# 
loop_
_pdbx_audit_revision_category.ordinal 
_pdbx_audit_revision_category.revision_ordinal 
_pdbx_audit_revision_category.data_content_type 
_pdbx_audit_revision_category.category 
1 5 'Structure model' chem_comp_atom         
2 5 'Structure model' chem_comp_bond         
3 5 'Structure model' database_2             
4 5 'Structure model' pdbx_database_status   
5 5 'Structure model' pdbx_struct_conn_angle 
6 5 'Structure model' struct_conn            
7 5 'Structure model' struct_site            
# 
loop_
_pdbx_audit_revision_item.ordinal 
_pdbx_audit_revision_item.revision_ordinal 
_pdbx_audit_revision_item.data_content_type 
_pdbx_audit_revision_item.item 
1  5 'Structure model' '_database_2.pdbx_DOI'                        
2  5 'Structure model' '_database_2.pdbx_database_accession'         
3  5 'Structure model' '_pdbx_database_status.process_site'          
4  5 'Structure model' '_pdbx_struct_conn_angle.ptnr1_auth_comp_id'  
5  5 'Structure model' '_pdbx_struct_conn_angle.ptnr1_auth_seq_id'   
6  5 'Structure model' '_pdbx_struct_conn_angle.ptnr1_label_asym_id' 
7  5 'Structure model' '_pdbx_struct_conn_angle.ptnr1_label_atom_id' 
8  5 'Structure model' '_pdbx_struct_conn_angle.ptnr1_label_comp_id' 
9  5 'Structure model' '_pdbx_struct_conn_angle.ptnr1_label_seq_id'  
10 5 'Structure model' '_pdbx_struct_conn_angle.ptnr2_auth_comp_id'  
11 5 'Structure model' '_pdbx_struct_conn_angle.ptnr2_auth_seq_id'   
12 5 'Structure model' '_pdbx_struct_conn_angle.ptnr2_label_asym_id' 
13 5 'Structure model' '_pdbx_struct_conn_angle.ptnr2_label_atom_id' 
14 5 'Structure model' '_pdbx_struct_conn_angle.ptnr2_label_comp_id' 
15 5 'Structure model' '_pdbx_struct_conn_angle.ptnr3_auth_comp_id'  
16 5 'Structure model' '_pdbx_struct_conn_angle.ptnr3_auth_seq_id'   
17 5 'Structure model' '_pdbx_struct_conn_angle.ptnr3_label_asym_id' 
18 5 'Structure model' '_pdbx_struct_conn_angle.ptnr3_label_atom_id' 
19 5 'Structure model' '_pdbx_struct_conn_angle.ptnr3_label_comp_id' 
20 5 'Structure model' '_pdbx_struct_conn_angle.ptnr3_label_seq_id'  
21 5 'Structure model' '_pdbx_struct_conn_angle.value'               
22 5 'Structure model' '_struct_conn.pdbx_dist_value'                
23 5 'Structure model' '_struct_conn.ptnr1_auth_comp_id'             
24 5 'Structure model' '_struct_conn.ptnr1_auth_seq_id'              
25 5 'Structure model' '_struct_conn.ptnr1_label_asym_id'            
26 5 'Structure model' '_struct_conn.ptnr1_label_atom_id'            
27 5 'Structure model' '_struct_conn.ptnr1_label_comp_id'            
28 5 'Structure model' '_struct_conn.ptnr1_label_seq_id'             
29 5 'Structure model' '_struct_conn.ptnr2_auth_comp_id'             
30 5 'Structure model' '_struct_conn.ptnr2_auth_seq_id'              
31 5 'Structure model' '_struct_conn.ptnr2_label_asym_id'            
32 5 'Structure model' '_struct_conn.ptnr2_label_atom_id'            
33 5 'Structure model' '_struct_conn.ptnr2_label_comp_id'            
34 5 'Structure model' '_struct_conn.ptnr2_label_seq_id'             
35 5 'Structure model' '_struct_site.pdbx_auth_asym_id'              
36 5 'Structure model' '_struct_site.pdbx_auth_comp_id'              
37 5 'Structure model' '_struct_site.pdbx_auth_seq_id'               
# 
_pdbx_database_status.status_code                     REL 
_pdbx_database_status.entry_id                        1A86 
_pdbx_database_status.recvd_initial_deposition_date   1998-04-03 
_pdbx_database_status.deposit_site                    ? 
_pdbx_database_status.process_site                    BNL 
_pdbx_database_status.SG_entry                        . 
_pdbx_database_status.pdb_format_compatible           Y 
_pdbx_database_status.status_code_mr                  ? 
_pdbx_database_status.status_code_sf                  ? 
_pdbx_database_status.status_code_cs                  ? 
_pdbx_database_status.status_code_nmr_data            ? 
_pdbx_database_status.methods_development_category    ? 
# 
loop_
_audit_author.name 
_audit_author.pdbx_ordinal 
'Brandstetter, H.' 1 
'Roedern, E.G.V.'  2 
'Grams, F.'        3 
'Engh, R.A.'       4 
# 
_citation.id                        primary 
_citation.title                     
;Structure of malonic acid-based inhibitors bound to human neutrophil collagenase. A new binding mode explains apparently anomalous data.
;
_citation.journal_abbrev            'Protein Sci.' 
_citation.journal_volume            7 
_citation.page_first                1303 
_citation.page_last                 1309 
_citation.year                      1998 
_citation.journal_id_ASTM           PRCIEI 
_citation.country                   US 
_citation.journal_id_ISSN           0961-8368 
_citation.journal_id_CSD            0795 
_citation.book_publisher            ? 
_citation.pdbx_database_id_PubMed   9655333 
_citation.pdbx_database_id_DOI      ? 
# 
loop_
_citation_author.citation_id 
_citation_author.name 
_citation_author.ordinal 
_citation_author.identifier_ORCID 
primary 'Brandstetter, H.'  1 ? 
primary 'Engh, R.A.'        2 ? 
primary 'Von Roedern, E.G.' 3 ? 
primary 'Moroder, L.'       4 ? 
primary 'Huber, R.'         5 ? 
primary 'Bode, W.'          6 ? 
primary 'Grams, F.'         7 ? 
# 
loop_
_entity.id 
_entity.type 
_entity.src_method 
_entity.pdbx_description 
_entity.formula_weight 
_entity.pdbx_number_of_molecules 
_entity.pdbx_ec 
_entity.pdbx_mutation 
_entity.pdbx_fragment 
_entity.details 
1 polymer     man MMP-8                                                                            17612.115 1 3.4.24.34 ? ? ? 
2 non-polymer syn 'N-benzyl-N~2~-[(2R)-2-(hydroxycarbamoyl)-4-methylpentanoyl]-L-alpha-asparagine' 379.408   1 ?         ? ? ? 
3 non-polymer syn 'CALCIUM ION'                                                                    40.078    2 ?         ? ? ? 
4 non-polymer syn 'ZINC ION'                                                                       65.409    2 ?         ? ? ? 
# 
_entity_poly.entity_id                      1 
_entity_poly.type                           'polypeptide(L)' 
_entity_poly.nstd_linkage                   no 
_entity_poly.nstd_monomer                   no 
_entity_poly.pdbx_seq_one_letter_code       
;NPKWERTNLTYRIRNYTPQLSEAEVERAIKDAFELWSVASPLIFTRISQGEADINIAFYQRDHGDNSPFDGPNGILAHAF
QPGQGIGGDAHFDAEETWTNTSANYNLFLVAAHEFGHSLGLAHSSDPGALMYPNYAFRETSNYSLPQDDIDGIQAIYG
;
_entity_poly.pdbx_seq_one_letter_code_can   
;NPKWERTNLTYRIRNYTPQLSEAEVERAIKDAFELWSVASPLIFTRISQGEADINIAFYQRDHGDNSPFDGPNGILAHAF
QPGQGIGGDAHFDAEETWTNTSANYNLFLVAAHEFGHSLGLAHSSDPGALMYPNYAFRETSNYSLPQDDIDGIQAIYG
;
_entity_poly.pdbx_strand_id                 A 
_entity_poly.pdbx_target_identifier         ? 
# 
loop_
_pdbx_entity_nonpoly.entity_id 
_pdbx_entity_nonpoly.name 
_pdbx_entity_nonpoly.comp_id 
2 'N-benzyl-N~2~-[(2R)-2-(hydroxycarbamoyl)-4-methylpentanoyl]-L-alpha-asparagine' 0ZB 
3 'CALCIUM ION'                                                                    CA  
4 'ZINC ION'                                                                       ZN  
# 
loop_
_entity_poly_seq.entity_id 
_entity_poly_seq.num 
_entity_poly_seq.mon_id 
_entity_poly_seq.hetero 
1 1   ASN n 
1 2   PRO n 
1 3   LYS n 
1 4   TRP n 
1 5   GLU n 
1 6   ARG n 
1 7   THR n 
1 8   ASN n 
1 9   LEU n 
1 10  THR n 
1 11  TYR n 
1 12  ARG n 
1 13  ILE n 
1 14  ARG n 
1 15  ASN n 
1 16  TYR n 
1 17  THR n 
1 18  PRO n 
1 19  GLN n 
1 20  LEU n 
1 21  SER n 
1 22  GLU n 
1 23  ALA n 
1 24  GLU n 
1 25  VAL n 
1 26  GLU n 
1 27  ARG n 
1 28  ALA n 
1 29  ILE n 
1 30  LYS n 
1 31  ASP n 
1 32  ALA n 
1 33  PHE n 
1 34  GLU n 
1 35  LEU n 
1 36  TRP n 
1 37  SER n 
1 38  VAL n 
1 39  ALA n 
1 40  SER n 
1 41  PRO n 
1 42  LEU n 
1 43  ILE n 
1 44  PHE n 
1 45  THR n 
1 46  ARG n 
1 47  ILE n 
1 48  SER n 
1 49  GLN n 
1 50  GLY n 
1 51  GLU n 
1 52  ALA n 
1 53  ASP n 
1 54  ILE n 
1 55  ASN n 
1 56  ILE n 
1 57  ALA n 
1 58  PHE n 
1 59  TYR n 
1 60  GLN n 
1 61  ARG n 
1 62  ASP n 
1 63  HIS n 
1 64  GLY n 
1 65  ASP n 
1 66  ASN n 
1 67  SER n 
1 68  PRO n 
1 69  PHE n 
1 70  ASP n 
1 71  GLY n 
1 72  PRO n 
1 73  ASN n 
1 74  GLY n 
1 75  ILE n 
1 76  LEU n 
1 77  ALA n 
1 78  HIS n 
1 79  ALA n 
1 80  PHE n 
1 81  GLN n 
1 82  PRO n 
1 83  GLY n 
1 84  GLN n 
1 85  GLY n 
1 86  ILE n 
1 87  GLY n 
1 88  GLY n 
1 89  ASP n 
1 90  ALA n 
1 91  HIS n 
1 92  PHE n 
1 93  ASP n 
1 94  ALA n 
1 95  GLU n 
1 96  GLU n 
1 97  THR n 
1 98  TRP n 
1 99  THR n 
1 100 ASN n 
1 101 THR n 
1 102 SER n 
1 103 ALA n 
1 104 ASN n 
1 105 TYR n 
1 106 ASN n 
1 107 LEU n 
1 108 PHE n 
1 109 LEU n 
1 110 VAL n 
1 111 ALA n 
1 112 ALA n 
1 113 HIS n 
1 114 GLU n 
1 115 PHE n 
1 116 GLY n 
1 117 HIS n 
1 118 SER n 
1 119 LEU n 
1 120 GLY n 
1 121 LEU n 
1 122 ALA n 
1 123 HIS n 
1 124 SER n 
1 125 SER n 
1 126 ASP n 
1 127 PRO n 
1 128 GLY n 
1 129 ALA n 
1 130 LEU n 
1 131 MET n 
1 132 TYR n 
1 133 PRO n 
1 134 ASN n 
1 135 TYR n 
1 136 ALA n 
1 137 PHE n 
1 138 ARG n 
1 139 GLU n 
1 140 THR n 
1 141 SER n 
1 142 ASN n 
1 143 TYR n 
1 144 SER n 
1 145 LEU n 
1 146 PRO n 
1 147 GLN n 
1 148 ASP n 
1 149 ASP n 
1 150 ILE n 
1 151 ASP n 
1 152 GLY n 
1 153 ILE n 
1 154 GLN n 
1 155 ALA n 
1 156 ILE n 
1 157 TYR n 
1 158 GLY n 
# 
_entity_src_gen.entity_id                          1 
_entity_src_gen.pdbx_src_id                        1 
_entity_src_gen.pdbx_alt_source_flag               sample 
_entity_src_gen.pdbx_seq_type                      ? 
_entity_src_gen.pdbx_beg_seq_num                   ? 
_entity_src_gen.pdbx_end_seq_num                   ? 
_entity_src_gen.gene_src_common_name               human 
_entity_src_gen.gene_src_genus                     Homo 
_entity_src_gen.pdbx_gene_src_gene                 ? 
_entity_src_gen.gene_src_species                   ? 
_entity_src_gen.gene_src_strain                    ? 
_entity_src_gen.gene_src_tissue                    ? 
_entity_src_gen.gene_src_tissue_fraction           ? 
_entity_src_gen.gene_src_details                   ? 
_entity_src_gen.pdbx_gene_src_fragment             ? 
_entity_src_gen.pdbx_gene_src_scientific_name      'Homo sapiens' 
_entity_src_gen.pdbx_gene_src_ncbi_taxonomy_id     9606 
_entity_src_gen.pdbx_gene_src_variant              ? 
_entity_src_gen.pdbx_gene_src_cell_line            ? 
_entity_src_gen.pdbx_gene_src_atcc                 ? 
_entity_src_gen.pdbx_gene_src_organ                ? 
_entity_src_gen.pdbx_gene_src_organelle            ? 
_entity_src_gen.pdbx_gene_src_cell                 ? 
_entity_src_gen.pdbx_gene_src_cellular_location    ? 
_entity_src_gen.host_org_common_name               ? 
_entity_src_gen.pdbx_host_org_scientific_name      ? 
_entity_src_gen.pdbx_host_org_ncbi_taxonomy_id     ? 
_entity_src_gen.host_org_genus                     ? 
_entity_src_gen.pdbx_host_org_gene                 ? 
_entity_src_gen.pdbx_host_org_organ                ? 
_entity_src_gen.host_org_species                   ? 
_entity_src_gen.pdbx_host_org_tissue               ? 
_entity_src_gen.pdbx_host_org_tissue_fraction      ? 
_entity_src_gen.pdbx_host_org_strain               ? 
_entity_src_gen.pdbx_host_org_variant              ? 
_entity_src_gen.pdbx_host_org_cell_line            ? 
_entity_src_gen.pdbx_host_org_atcc                 ? 
_entity_src_gen.pdbx_host_org_culture_collection   ? 
_entity_src_gen.pdbx_host_org_cell                 ? 
_entity_src_gen.pdbx_host_org_organelle            ? 
_entity_src_gen.pdbx_host_org_cellular_location    ? 
_entity_src_gen.pdbx_host_org_vector_type          ? 
_entity_src_gen.pdbx_host_org_vector               ? 
_entity_src_gen.host_org_details                   ? 
_entity_src_gen.expression_system_id               ? 
_entity_src_gen.plasmid_name                       ? 
_entity_src_gen.plasmid_details                    ? 
_entity_src_gen.pdbx_description                   ? 
# 
loop_
_chem_comp.id 
_chem_comp.type 
_chem_comp.mon_nstd_flag 
_chem_comp.name 
_chem_comp.pdbx_synonyms 
_chem_comp.formula 
_chem_comp.formula_weight 
0ZB peptide-like        . 'N-benzyl-N~2~-[(2R)-2-(hydroxycarbamoyl)-4-methylpentanoyl]-L-alpha-asparagine' ? 'C18 H25 N3 O6'  
379.408 
ALA 'L-peptide linking' y ALANINE                                                                          ? 'C3 H7 N O2'     
89.093  
ARG 'L-peptide linking' y ARGININE                                                                         ? 'C6 H15 N4 O2 1' 
175.209 
ASN 'L-peptide linking' y ASPARAGINE                                                                       ? 'C4 H8 N2 O3'    
132.118 
ASP 'L-peptide linking' y 'ASPARTIC ACID'                                                                  ? 'C4 H7 N O4'     
133.103 
CA  non-polymer         . 'CALCIUM ION'                                                                    ? 'Ca 2'           
40.078  
GLN 'L-peptide linking' y GLUTAMINE                                                                        ? 'C5 H10 N2 O3'   
146.144 
GLU 'L-peptide linking' y 'GLUTAMIC ACID'                                                                  ? 'C5 H9 N O4'     
147.129 
GLY 'peptide linking'   y GLYCINE                                                                          ? 'C2 H5 N O2'     
75.067  
HIS 'L-peptide linking' y HISTIDINE                                                                        ? 'C6 H10 N3 O2 1' 
156.162 
ILE 'L-peptide linking' y ISOLEUCINE                                                                       ? 'C6 H13 N O2'    
131.173 
LEU 'L-peptide linking' y LEUCINE                                                                          ? 'C6 H13 N O2'    
131.173 
LYS 'L-peptide linking' y LYSINE                                                                           ? 'C6 H15 N2 O2 1' 
147.195 
MET 'L-peptide linking' y METHIONINE                                                                       ? 'C5 H11 N O2 S'  
149.211 
PHE 'L-peptide linking' y PHENYLALANINE                                                                    ? 'C9 H11 N O2'    
165.189 
PRO 'L-peptide linking' y PROLINE                                                                          ? 'C5 H9 N O2'     
115.130 
SER 'L-peptide linking' y SERINE                                                                           ? 'C3 H7 N O3'     
105.093 
THR 'L-peptide linking' y THREONINE                                                                        ? 'C4 H9 N O3'     
119.119 
TRP 'L-peptide linking' y TRYPTOPHAN                                                                       ? 'C11 H12 N2 O2'  
204.225 
TYR 'L-peptide linking' y TYROSINE                                                                         ? 'C9 H11 N O3'    
181.189 
VAL 'L-peptide linking' y VALINE                                                                           ? 'C5 H11 N O2'    
117.146 
ZN  non-polymer         . 'ZINC ION'                                                                       ? 'Zn 2'           
65.409  
# 
loop_
_pdbx_poly_seq_scheme.asym_id 
_pdbx_poly_seq_scheme.entity_id 
_pdbx_poly_seq_scheme.seq_id 
_pdbx_poly_seq_scheme.mon_id 
_pdbx_poly_seq_scheme.ndb_seq_num 
_pdbx_poly_seq_scheme.pdb_seq_num 
_pdbx_poly_seq_scheme.auth_seq_num 
_pdbx_poly_seq_scheme.pdb_mon_id 
_pdbx_poly_seq_scheme.auth_mon_id 
_pdbx_poly_seq_scheme.pdb_strand_id 
_pdbx_poly_seq_scheme.pdb_ins_code 
_pdbx_poly_seq_scheme.hetero 
A 1 1   ASN 1   85  85  ASN ASN A . n 
A 1 2   PRO 2   86  86  PRO PRO A . n 
A 1 3   LYS 3   87  87  LYS LYS A . n 
A 1 4   TRP 4   88  88  TRP TRP A . n 
A 1 5   GLU 5   89  89  GLU GLU A . n 
A 1 6   ARG 6   90  90  ARG ARG A . n 
A 1 7   THR 7   91  91  THR THR A . n 
A 1 8   ASN 8   92  92  ASN ASN A . n 
A 1 9   LEU 9   93  93  LEU LEU A . n 
A 1 10  THR 10  94  94  THR THR A . n 
A 1 11  TYR 11  95  95  TYR TYR A . n 
A 1 12  ARG 12  96  96  ARG ARG A . n 
A 1 13  ILE 13  97  97  ILE ILE A . n 
A 1 14  ARG 14  98  98  ARG ARG A . n 
A 1 15  ASN 15  99  99  ASN ASN A . n 
A 1 16  TYR 16  100 100 TYR TYR A . n 
A 1 17  THR 17  101 101 THR THR A . n 
A 1 18  PRO 18  102 102 PRO PRO A . n 
A 1 19  GLN 19  103 103 GLN GLN A . n 
A 1 20  LEU 20  104 104 LEU LEU A . n 
A 1 21  SER 21  105 105 SER SER A . n 
A 1 22  GLU 22  106 106 GLU GLU A . n 
A 1 23  ALA 23  107 107 ALA ALA A . n 
A 1 24  GLU 24  108 108 GLU GLU A . n 
A 1 25  VAL 25  109 109 VAL VAL A . n 
A 1 26  GLU 26  110 110 GLU GLU A . n 
A 1 27  ARG 27  111 111 ARG ARG A . n 
A 1 28  ALA 28  112 112 ALA ALA A . n 
A 1 29  ILE 29  113 113 ILE ILE A . n 
A 1 30  LYS 30  114 114 LYS LYS A . n 
A 1 31  ASP 31  115 115 ASP ASP A . n 
A 1 32  ALA 32  116 116 ALA ALA A . n 
A 1 33  PHE 33  117 117 PHE PHE A . n 
A 1 34  GLU 34  118 118 GLU GLU A . n 
A 1 35  LEU 35  119 119 LEU LEU A . n 
A 1 36  TRP 36  120 120 TRP TRP A . n 
A 1 37  SER 37  121 121 SER SER A . n 
A 1 38  VAL 38  122 122 VAL VAL A . n 
A 1 39  ALA 39  123 123 ALA ALA A . n 
A 1 40  SER 40  124 124 SER SER A . n 
A 1 41  PRO 41  125 125 PRO PRO A . n 
A 1 42  LEU 42  126 126 LEU LEU A . n 
A 1 43  ILE 43  127 127 ILE ILE A . n 
A 1 44  PHE 44  128 128 PHE PHE A . n 
A 1 45  THR 45  129 129 THR THR A . n 
A 1 46  ARG 46  130 130 ARG ARG A . n 
A 1 47  ILE 47  131 131 ILE ILE A . n 
A 1 48  SER 48  132 132 SER SER A . n 
A 1 49  GLN 49  133 133 GLN GLN A . n 
A 1 50  GLY 50  134 134 GLY GLY A . n 
A 1 51  GLU 51  135 135 GLU GLU A . n 
A 1 52  ALA 52  136 136 ALA ALA A . n 
A 1 53  ASP 53  137 137 ASP ASP A . n 
A 1 54  ILE 54  138 138 ILE ILE A . n 
A 1 55  ASN 55  139 139 ASN ASN A . n 
A 1 56  ILE 56  140 140 ILE ILE A . n 
A 1 57  ALA 57  141 141 ALA ALA A . n 
A 1 58  PHE 58  142 142 PHE PHE A . n 
A 1 59  TYR 59  143 143 TYR TYR A . n 
A 1 60  GLN 60  144 144 GLN GLN A . n 
A 1 61  ARG 61  145 145 ARG ARG A . n 
A 1 62  ASP 62  146 146 ASP ASP A . n 
A 1 63  HIS 63  147 147 HIS HIS A . n 
A 1 64  GLY 64  148 148 GLY GLY A . n 
A 1 65  ASP 65  149 149 ASP ASP A . n 
A 1 66  ASN 66  150 150 ASN ASN A . n 
A 1 67  SER 67  151 151 SER SER A . n 
A 1 68  PRO 68  152 152 PRO PRO A . n 
A 1 69  PHE 69  153 153 PHE PHE A . n 
A 1 70  ASP 70  154 154 ASP ASP A . n 
A 1 71  GLY 71  155 155 GLY GLY A . n 
A 1 72  PRO 72  156 156 PRO PRO A . n 
A 1 73  ASN 73  157 157 ASN ASN A . n 
A 1 74  GLY 74  158 158 GLY GLY A . n 
A 1 75  ILE 75  159 159 ILE ILE A . n 
A 1 76  LEU 76  160 160 LEU LEU A . n 
A 1 77  ALA 77  161 161 ALA ALA A . n 
A 1 78  HIS 78  162 162 HIS HIS A . n 
A 1 79  ALA 79  163 163 ALA ALA A . n 
A 1 80  PHE 80  164 164 PHE PHE A . n 
A 1 81  GLN 81  165 165 GLN GLN A . n 
A 1 82  PRO 82  166 166 PRO PRO A . n 
A 1 83  GLY 83  167 167 GLY GLY A . n 
A 1 84  GLN 84  168 168 GLN GLN A . n 
A 1 85  GLY 85  169 169 GLY GLY A . n 
A 1 86  ILE 86  170 170 ILE ILE A . n 
A 1 87  GLY 87  171 171 GLY GLY A . n 
A 1 88  GLY 88  172 172 GLY GLY A . n 
A 1 89  ASP 89  173 173 ASP ASP A . n 
A 1 90  ALA 90  174 174 ALA ALA A . n 
A 1 91  HIS 91  175 175 HIS HIS A . n 
A 1 92  PHE 92  176 176 PHE PHE A . n 
A 1 93  ASP 93  177 177 ASP ASP A . n 
A 1 94  ALA 94  178 178 ALA ALA A . n 
A 1 95  GLU 95  179 179 GLU GLU A . n 
A 1 96  GLU 96  180 180 GLU GLU A . n 
A 1 97  THR 97  181 181 THR THR A . n 
A 1 98  TRP 98  182 182 TRP TRP A . n 
A 1 99  THR 99  183 183 THR THR A . n 
A 1 100 ASN 100 184 184 ASN ASN A . n 
A 1 101 THR 101 185 185 THR THR A . n 
A 1 102 SER 102 186 186 SER SER A . n 
A 1 103 ALA 103 187 187 ALA ALA A . n 
A 1 104 ASN 104 188 188 ASN ASN A . n 
A 1 105 TYR 105 189 189 TYR TYR A . n 
A 1 106 ASN 106 190 190 ASN ASN A . n 
A 1 107 LEU 107 191 191 LEU LEU A . n 
A 1 108 PHE 108 192 192 PHE PHE A . n 
A 1 109 LEU 109 193 193 LEU LEU A . n 
A 1 110 VAL 110 194 194 VAL VAL A . n 
A 1 111 ALA 111 195 195 ALA ALA A . n 
A 1 112 ALA 112 196 196 ALA ALA A . n 
A 1 113 HIS 113 197 197 HIS HIS A . n 
A 1 114 GLU 114 198 198 GLU GLU A . n 
A 1 115 PHE 115 199 199 PHE PHE A . n 
A 1 116 GLY 116 200 200 GLY GLY A . n 
A 1 117 HIS 117 201 201 HIS HIS A . n 
A 1 118 SER 118 202 202 SER SER A . n 
A 1 119 LEU 119 203 203 LEU LEU A . n 
A 1 120 GLY 120 204 204 GLY GLY A . n 
A 1 121 LEU 121 205 205 LEU LEU A . n 
A 1 122 ALA 122 206 206 ALA ALA A . n 
A 1 123 HIS 123 207 207 HIS HIS A . n 
A 1 124 SER 124 208 208 SER SER A . n 
A 1 125 SER 125 209 209 SER SER A . n 
A 1 126 ASP 126 210 210 ASP ASP A . n 
A 1 127 PRO 127 211 211 PRO PRO A . n 
A 1 128 GLY 128 212 212 GLY GLY A . n 
A 1 129 ALA 129 213 213 ALA ALA A . n 
A 1 130 LEU 130 214 214 LEU LEU A . n 
A 1 131 MET 131 215 215 MET MET A . n 
A 1 132 TYR 132 216 216 TYR TYR A . n 
A 1 133 PRO 133 217 217 PRO PRO A . n 
A 1 134 ASN 134 218 218 ASN ASN A . n 
A 1 135 TYR 135 219 219 TYR TYR A . n 
A 1 136 ALA 136 220 220 ALA ALA A . n 
A 1 137 PHE 137 221 221 PHE PHE A . n 
A 1 138 ARG 138 222 222 ARG ARG A . n 
A 1 139 GLU 139 223 223 GLU GLU A . n 
A 1 140 THR 140 224 224 THR THR A . n 
A 1 141 SER 141 225 225 SER SER A . n 
A 1 142 ASN 142 226 226 ASN ASN A . n 
A 1 143 TYR 143 227 227 TYR TYR A . n 
A 1 144 SER 144 228 228 SER SER A . n 
A 1 145 LEU 145 229 229 LEU LEU A . n 
A 1 146 PRO 146 230 230 PRO PRO A . n 
A 1 147 GLN 147 231 231 GLN GLN A . n 
A 1 148 ASP 148 232 232 ASP ASP A . n 
A 1 149 ASP 149 233 233 ASP ASP A . n 
A 1 150 ILE 150 234 234 ILE ILE A . n 
A 1 151 ASP 151 235 235 ASP ASP A . n 
A 1 152 GLY 152 236 236 GLY GLY A . n 
A 1 153 ILE 153 237 237 ILE ILE A . n 
A 1 154 GLN 154 238 238 GLN GLN A . n 
A 1 155 ALA 155 239 239 ALA ALA A . n 
A 1 156 ILE 156 240 240 ILE ILE A . n 
A 1 157 TYR 157 241 241 TYR TYR A . n 
A 1 158 GLY 158 242 242 GLY GLY A . n 
# 
loop_
_pdbx_nonpoly_scheme.asym_id 
_pdbx_nonpoly_scheme.entity_id 
_pdbx_nonpoly_scheme.mon_id 
_pdbx_nonpoly_scheme.ndb_seq_num 
_pdbx_nonpoly_scheme.pdb_seq_num 
_pdbx_nonpoly_scheme.auth_seq_num 
_pdbx_nonpoly_scheme.pdb_mon_id 
_pdbx_nonpoly_scheme.auth_mon_id 
_pdbx_nonpoly_scheme.pdb_strand_id 
_pdbx_nonpoly_scheme.pdb_ins_code 
B 2 0ZB 1 1   1   0ZB HMI A . 
C 3 CA  1 996 996 CA  CA  A . 
D 3 CA  1 997 997 CA  CA  A . 
E 4 ZN  1 998 998 ZN  ZN  A . 
F 4 ZN  1 999 999 ZN  ZN  A . 
# 
loop_
_pdbx_unobs_or_zero_occ_atoms.id 
_pdbx_unobs_or_zero_occ_atoms.PDB_model_num 
_pdbx_unobs_or_zero_occ_atoms.polymer_flag 
_pdbx_unobs_or_zero_occ_atoms.occupancy_flag 
_pdbx_unobs_or_zero_occ_atoms.auth_asym_id 
_pdbx_unobs_or_zero_occ_atoms.auth_comp_id 
_pdbx_unobs_or_zero_occ_atoms.auth_seq_id 
_pdbx_unobs_or_zero_occ_atoms.PDB_ins_code 
_pdbx_unobs_or_zero_occ_atoms.auth_atom_id 
_pdbx_unobs_or_zero_occ_atoms.label_alt_id 
_pdbx_unobs_or_zero_occ_atoms.label_asym_id 
_pdbx_unobs_or_zero_occ_atoms.label_comp_id 
_pdbx_unobs_or_zero_occ_atoms.label_seq_id 
_pdbx_unobs_or_zero_occ_atoms.label_atom_id 
1 1 Y 1 A GLY 242 ? O   ? A GLY 158 O   
2 1 N 0 A 0ZB 1   ? OD1 ? B 0ZB ?   OD1 
# 
_software.name             X-PLOR 
_software.classification   refinement 
_software.version          . 
_software.citation_id      ? 
_software.pdbx_ordinal     1 
# 
_cell.entry_id           1A86 
_cell.length_a           33.140 
_cell.length_b           69.430 
_cell.length_c           72.620 
_cell.angle_alpha        90.00 
_cell.angle_beta         90.00 
_cell.angle_gamma        90.00 
_cell.Z_PDB              4 
_cell.pdbx_unique_axis   ? 
# 
_symmetry.entry_id                         1A86 
_symmetry.space_group_name_H-M             'P 21 21 21' 
_symmetry.pdbx_full_space_group_name_H-M   ? 
_symmetry.cell_setting                     ? 
_symmetry.Int_Tables_number                19 
# 
_exptl.entry_id          1A86 
_exptl.method            'X-RAY DIFFRACTION' 
_exptl.crystals_number   ? 
# 
_exptl_crystal.id                    1 
_exptl_crystal.density_meas          ? 
_exptl_crystal.density_Matthews      2.33 
_exptl_crystal.density_percent_sol   47.0 
_exptl_crystal.description           ? 
# 
_diffrn.id                     1 
_diffrn.ambient_temp           283 
_diffrn.ambient_temp_details   ? 
_diffrn.crystal_id             1 
# 
_diffrn_detector.diffrn_id              1 
_diffrn_detector.detector               ? 
_diffrn_detector.type                   ? 
_diffrn_detector.pdbx_collection_date   1995-12 
_diffrn_detector.details                ? 
# 
_diffrn_radiation.diffrn_id                        1 
_diffrn_radiation.wavelength_id                    1 
_diffrn_radiation.pdbx_monochromatic_or_laue_m_l   M 
_diffrn_radiation.monochromator                    ? 
_diffrn_radiation.pdbx_diffrn_protocol             ? 
_diffrn_radiation.pdbx_scattering_type             x-ray 
# 
_diffrn_radiation_wavelength.id           1 
_diffrn_radiation_wavelength.wavelength   . 
_diffrn_radiation_wavelength.wt           1.0 
# 
_diffrn_source.diffrn_id                   1 
_diffrn_source.source                      ? 
_diffrn_source.type                        ? 
_diffrn_source.pdbx_synchrotron_site       ? 
_diffrn_source.pdbx_synchrotron_beamline   ? 
_diffrn_source.pdbx_wavelength             ? 
_diffrn_source.pdbx_wavelength_list        ? 
# 
_reflns.entry_id                     1A86 
_reflns.observed_criterion_sigma_I   ? 
_reflns.observed_criterion_sigma_F   ? 
_reflns.d_resolution_low             ? 
_reflns.d_resolution_high            2.0 
_reflns.number_obs                   ? 
_reflns.number_all                   ? 
_reflns.percent_possible_obs         ? 
_reflns.pdbx_Rmerge_I_obs            ? 
_reflns.pdbx_Rsym_value              ? 
_reflns.pdbx_netI_over_sigmaI        ? 
_reflns.B_iso_Wilson_estimate        ? 
_reflns.pdbx_redundancy              ? 
_reflns.pdbx_ordinal                 1 
_reflns.pdbx_diffrn_id               1 
# 
_refine.entry_id                                 1A86 
_refine.ls_number_reflns_obs                     ? 
_refine.ls_number_reflns_all                     ? 
_refine.pdbx_ls_sigma_I                          ? 
_refine.pdbx_ls_sigma_F                          ? 
_refine.pdbx_data_cutoff_high_absF               ? 
_refine.pdbx_data_cutoff_low_absF                ? 
_refine.pdbx_data_cutoff_high_rms_absF           ? 
_refine.ls_d_res_low                             ? 
_refine.ls_d_res_high                            2.0 
_refine.ls_percent_reflns_obs                    ? 
_refine.ls_R_factor_obs                          ? 
_refine.ls_R_factor_all                          ? 
_refine.ls_R_factor_R_work                       ? 
_refine.ls_R_factor_R_free                       ? 
_refine.ls_R_factor_R_free_error                 ? 
_refine.ls_R_factor_R_free_error_details         ? 
_refine.ls_percent_reflns_R_free                 ? 
_refine.ls_number_reflns_R_free                  ? 
_refine.ls_number_parameters                     ? 
_refine.ls_number_restraints                     ? 
_refine.occupancy_min                            ? 
_refine.occupancy_max                            ? 
_refine.B_iso_mean                               ? 
_refine.aniso_B[1][1]                            ? 
_refine.aniso_B[2][2]                            ? 
_refine.aniso_B[3][3]                            ? 
_refine.aniso_B[1][2]                            ? 
_refine.aniso_B[1][3]                            ? 
_refine.aniso_B[2][3]                            ? 
_refine.solvent_model_details                    ? 
_refine.solvent_model_param_ksol                 ? 
_refine.solvent_model_param_bsol                 ? 
_refine.pdbx_ls_cross_valid_method               ? 
_refine.details                                  ? 
_refine.pdbx_starting_model                      ? 
_refine.pdbx_method_to_determine_struct          ? 
_refine.pdbx_isotropic_thermal_model             ? 
_refine.pdbx_stereochemistry_target_values       ? 
_refine.pdbx_stereochem_target_val_spec_case     ? 
_refine.pdbx_R_Free_selection_details            ? 
_refine.pdbx_overall_ESU_R                       ? 
_refine.pdbx_overall_ESU_R_Free                  ? 
_refine.overall_SU_ML                            ? 
_refine.overall_SU_B                             ? 
_refine.pdbx_refine_id                           'X-RAY DIFFRACTION' 
_refine.pdbx_diffrn_id                           1 
_refine.pdbx_TLS_residual_ADP_flag               ? 
_refine.correlation_coeff_Fo_to_Fc               ? 
_refine.correlation_coeff_Fo_to_Fc_free          ? 
_refine.pdbx_solvent_vdw_probe_radii             ? 
_refine.pdbx_solvent_ion_probe_radii             ? 
_refine.pdbx_solvent_shrinkage_radii             ? 
_refine.pdbx_overall_phase_error                 ? 
_refine.overall_SU_R_Cruickshank_DPI             ? 
_refine.pdbx_overall_SU_R_free_Cruickshank_DPI   ? 
_refine.pdbx_overall_SU_R_Blow_DPI               ? 
_refine.pdbx_overall_SU_R_free_Blow_DPI          ? 
# 
_refine_hist.pdbx_refine_id                   'X-RAY DIFFRACTION' 
_refine_hist.cycle_id                         LAST 
_refine_hist.pdbx_number_atoms_protein        1247 
_refine_hist.pdbx_number_atoms_nucleic_acid   0 
_refine_hist.pdbx_number_atoms_ligand         31 
_refine_hist.number_atoms_solvent             0 
_refine_hist.number_atoms_total               1278 
_refine_hist.d_res_high                       2.0 
_refine_hist.d_res_low                        . 
# 
_struct.entry_id                  1A86 
_struct.title                     'MMP8 WITH MALONIC AND ASPARTIC ACID BASED INHIBITOR' 
_struct.pdbx_model_details        ? 
_struct.pdbx_CASP_flag            ? 
_struct.pdbx_model_type_details   ? 
# 
_struct_keywords.entry_id        1A86 
_struct_keywords.pdbx_keywords   'HYDROLASE/HYDROLASE INHIBITOR' 
_struct_keywords.text            'COLLAGENASE, MATRIX METALLOPROTEINASE, MALONIC ACID, MMP8, HYDROLASE-HYDROLASE INHIBITOR COMPLEX' 
# 
loop_
_struct_asym.id 
_struct_asym.pdbx_blank_PDB_chainid_flag 
_struct_asym.pdbx_modified 
_struct_asym.entity_id 
_struct_asym.details 
A N N 1 ? 
B N N 2 ? 
C N N 3 ? 
D N N 3 ? 
E N N 4 ? 
F N N 4 ? 
# 
_struct_ref.id                         1 
_struct_ref.db_name                    UNP 
_struct_ref.db_code                    MM08_HUMAN 
_struct_ref.entity_id                  1 
_struct_ref.pdbx_db_accession          P22894 
_struct_ref.pdbx_align_begin           1 
_struct_ref.pdbx_seq_one_letter_code   
;MFSLKTLPFLLLLHVQISKAFPVSSKEKNTKTVQDYLEKFYQLPSNQYQSTRKNGTNVIVEKLKEMQRFFGLNVTGKPNE
ETLDMMKKPRCGVPDSGGFMLTPGNPKWERTNLTYRIRNYTPQLSEAEVERAIKDAFELWSVASPLIFTRISQGEADINI
AFYQRDHGDNSPFDGPNGILAHAFQPGQGIGGDAHFDAEETWTNTSANYNLFLVAAHEFGHSLGLAHSSDPGALMYPNYA
FRETSNYSLPQDDIDGIQAIYGLSSNPIQPTGPSTPKPCDPSLTFDAITTLRGEILFFKDRYFWRRHPQLQRVEMNFISL
FWPSLPTGIQAAYEDFDRDLIFLFKGNQYWALSGYDILQGYPKDISNYGFPSSVQAIDAAVFYRSKTYFFVNDQFWRYDN
QRQFMEPGYPKSISGAFPGIESKVDAVFQQEHFFHVFSGPRYYAFDLIAQRVTRVARGNKWLNCRYG
;
_struct_ref.pdbx_db_isoform            ? 
# 
_struct_ref_seq.align_id                      1 
_struct_ref_seq.ref_id                        1 
_struct_ref_seq.pdbx_PDB_id_code              1A86 
_struct_ref_seq.pdbx_strand_id                A 
_struct_ref_seq.seq_align_beg                 1 
_struct_ref_seq.pdbx_seq_align_beg_ins_code   ? 
_struct_ref_seq.seq_align_end                 158 
_struct_ref_seq.pdbx_seq_align_end_ins_code   ? 
_struct_ref_seq.pdbx_db_accession             P22894 
_struct_ref_seq.db_align_beg                  105 
_struct_ref_seq.pdbx_db_align_beg_ins_code    ? 
_struct_ref_seq.db_align_end                  262 
_struct_ref_seq.pdbx_db_align_end_ins_code    ? 
_struct_ref_seq.pdbx_auth_seq_align_beg       85 
_struct_ref_seq.pdbx_auth_seq_align_end       242 
# 
_pdbx_struct_assembly.id                   1 
_pdbx_struct_assembly.details              author_and_software_defined_assembly 
_pdbx_struct_assembly.method_details       PISA 
_pdbx_struct_assembly.oligomeric_details   monomeric 
_pdbx_struct_assembly.oligomeric_count     1 
# 
_pdbx_struct_assembly_gen.assembly_id       1 
_pdbx_struct_assembly_gen.oper_expression   1 
_pdbx_struct_assembly_gen.asym_id_list      A,B,C,D,E,F 
# 
_pdbx_struct_oper_list.id                   1 
_pdbx_struct_oper_list.type                 'identity operation' 
_pdbx_struct_oper_list.name                 1_555 
_pdbx_struct_oper_list.symmetry_operation   x,y,z 
_pdbx_struct_oper_list.matrix[1][1]         1.0000000000 
_pdbx_struct_oper_list.matrix[1][2]         0.0000000000 
_pdbx_struct_oper_list.matrix[1][3]         0.0000000000 
_pdbx_struct_oper_list.vector[1]            0.0000000000 
_pdbx_struct_oper_list.matrix[2][1]         0.0000000000 
_pdbx_struct_oper_list.matrix[2][2]         1.0000000000 
_pdbx_struct_oper_list.matrix[2][3]         0.0000000000 
_pdbx_struct_oper_list.vector[2]            0.0000000000 
_pdbx_struct_oper_list.matrix[3][1]         0.0000000000 
_pdbx_struct_oper_list.matrix[3][2]         0.0000000000 
_pdbx_struct_oper_list.matrix[3][3]         1.0000000000 
_pdbx_struct_oper_list.vector[3]            0.0000000000 
# 
_struct_biol.id   1 
# 
loop_
_struct_conf.conf_type_id 
_struct_conf.id 
_struct_conf.pdbx_PDB_helix_id 
_struct_conf.beg_label_comp_id 
_struct_conf.beg_label_asym_id 
_struct_conf.beg_label_seq_id 
_struct_conf.pdbx_beg_PDB_ins_code 
_struct_conf.end_label_comp_id 
_struct_conf.end_label_asym_id 
_struct_conf.end_label_seq_id 
_struct_conf.pdbx_end_PDB_ins_code 
_struct_conf.beg_auth_comp_id 
_struct_conf.beg_auth_asym_id 
_struct_conf.beg_auth_seq_id 
_struct_conf.end_auth_comp_id 
_struct_conf.end_auth_asym_id 
_struct_conf.end_auth_seq_id 
_struct_conf.pdbx_PDB_helix_class 
_struct_conf.details 
_struct_conf.pdbx_PDB_helix_length 
HELX_P HELX_P1 1 GLU A 22  ? ALA A 39  ? GLU A 106 ALA A 123 1 ? 18 
HELX_P HELX_P2 2 LEU A 107 ? SER A 118 ? LEU A 191 SER A 202 1 ? 12 
HELX_P HELX_P3 3 GLN A 147 ? ILE A 156 ? GLN A 231 ILE A 240 1 ? 10 
# 
_struct_conf_type.id          HELX_P 
_struct_conf_type.criteria    ? 
_struct_conf_type.reference   ? 
# 
loop_
_struct_conn.id 
_struct_conn.conn_type_id 
_struct_conn.pdbx_leaving_atom_flag 
_struct_conn.pdbx_PDB_id 
_struct_conn.ptnr1_label_asym_id 
_struct_conn.ptnr1_label_comp_id 
_struct_conn.ptnr1_label_seq_id 
_struct_conn.ptnr1_label_atom_id 
_struct_conn.pdbx_ptnr1_label_alt_id 
_struct_conn.pdbx_ptnr1_PDB_ins_code 
_struct_conn.pdbx_ptnr1_standard_comp_id 
_struct_conn.ptnr1_symmetry 
_struct_conn.ptnr2_label_asym_id 
_struct_conn.ptnr2_label_comp_id 
_struct_conn.ptnr2_label_seq_id 
_struct_conn.ptnr2_label_atom_id 
_struct_conn.pdbx_ptnr2_label_alt_id 
_struct_conn.pdbx_ptnr2_PDB_ins_code 
_struct_conn.ptnr1_auth_asym_id 
_struct_conn.ptnr1_auth_comp_id 
_struct_conn.ptnr1_auth_seq_id 
_struct_conn.ptnr2_auth_asym_id 
_struct_conn.ptnr2_auth_comp_id 
_struct_conn.ptnr2_auth_seq_id 
_struct_conn.ptnr2_symmetry 
_struct_conn.pdbx_ptnr3_label_atom_id 
_struct_conn.pdbx_ptnr3_label_seq_id 
_struct_conn.pdbx_ptnr3_label_comp_id 
_struct_conn.pdbx_ptnr3_label_asym_id 
_struct_conn.pdbx_ptnr3_label_alt_id 
_struct_conn.pdbx_ptnr3_PDB_ins_code 
_struct_conn.details 
_struct_conn.pdbx_dist_value 
_struct_conn.pdbx_value_order 
_struct_conn.pdbx_role 
metalc1  metalc ? ? B 0ZB .   O1  ? ? ? 1_555 F ZN . ZN ? ? A 0ZB 1   A ZN 999 1_555 ? ? ? ? ? ? ? 1.874 ? ? 
metalc2  metalc ? ? A ASP 53  O   ? ? ? 1_555 C CA . CA ? ? A ASP 137 A CA 996 1_555 ? ? ? ? ? ? ? 2.251 ? ? 
metalc3  metalc ? ? A HIS 63  NE2 ? ? ? 1_555 E ZN . ZN ? ? A HIS 147 A ZN 998 1_555 ? ? ? ? ? ? ? 2.109 ? ? 
metalc4  metalc ? ? A ASP 65  OD2 ? ? ? 1_555 E ZN . ZN ? ? A ASP 149 A ZN 998 1_555 ? ? ? ? ? ? ? 1.977 ? ? 
metalc5  metalc ? ? A ASP 70  OD1 ? ? ? 1_555 D CA . CA ? ? A ASP 154 A CA 997 1_555 ? ? ? ? ? ? ? 2.520 ? ? 
metalc6  metalc ? ? A GLY 71  O   ? ? ? 1_555 D CA . CA ? ? A GLY 155 A CA 997 1_555 ? ? ? ? ? ? ? 2.144 ? ? 
metalc7  metalc ? ? A ASN 73  O   ? ? ? 1_555 D CA . CA ? ? A ASN 157 A CA 997 1_555 ? ? ? ? ? ? ? 2.207 ? ? 
metalc8  metalc ? ? A ILE 75  O   ? ? ? 1_555 D CA . CA ? ? A ILE 159 A CA 997 1_555 ? ? ? ? ? ? ? 2.196 ? ? 
metalc9  metalc ? ? A HIS 78  NE2 ? ? ? 1_555 E ZN . ZN ? ? A HIS 162 A ZN 998 1_555 ? ? ? ? ? ? ? 2.095 ? ? 
metalc10 metalc ? ? A GLY 85  O   ? ? ? 1_555 C CA . CA ? ? A GLY 169 A CA 996 1_555 ? ? ? ? ? ? ? 2.142 ? ? 
metalc11 metalc ? ? A GLY 87  O   ? ? ? 1_555 C CA . CA ? ? A GLY 171 A CA 996 1_555 ? ? ? ? ? ? ? 2.203 ? ? 
metalc12 metalc ? ? A ASP 89  OD1 ? ? ? 1_555 C CA . CA ? ? A ASP 173 A CA 996 1_555 ? ? ? ? ? ? ? 2.423 ? ? 
metalc13 metalc ? ? A HIS 91  ND1 ? ? ? 1_555 E ZN . ZN ? ? A HIS 175 A ZN 998 1_555 ? ? ? ? ? ? ? 2.150 ? ? 
metalc14 metalc ? ? A ASP 93  OD2 ? ? ? 1_555 D CA . CA ? ? A ASP 177 A CA 997 1_555 ? ? ? ? ? ? ? 2.413 ? ? 
metalc15 metalc ? ? A GLU 96  OE2 ? ? ? 1_555 D CA . CA ? ? A GLU 180 A CA 997 1_555 ? ? ? ? ? ? ? 2.192 ? ? 
metalc16 metalc ? ? A HIS 113 NE2 ? ? ? 1_555 F ZN . ZN ? ? A HIS 197 A ZN 999 1_555 ? ? ? ? ? ? ? 1.986 ? ? 
metalc17 metalc ? ? A HIS 117 NE2 ? ? ? 1_555 F ZN . ZN ? ? A HIS 201 A ZN 999 1_555 ? ? ? ? ? ? ? 2.186 ? ? 
metalc18 metalc ? ? A HIS 123 NE2 ? ? ? 1_555 F ZN . ZN ? ? A HIS 207 A ZN 999 1_555 ? ? ? ? ? ? ? 1.949 ? ? 
# 
_struct_conn_type.id          metalc 
_struct_conn_type.criteria    ? 
_struct_conn_type.reference   ? 
# 
loop_
_pdbx_struct_conn_angle.id 
_pdbx_struct_conn_angle.ptnr1_label_atom_id 
_pdbx_struct_conn_angle.ptnr1_label_alt_id 
_pdbx_struct_conn_angle.ptnr1_label_asym_id 
_pdbx_struct_conn_angle.ptnr1_label_comp_id 
_pdbx_struct_conn_angle.ptnr1_label_seq_id 
_pdbx_struct_conn_angle.ptnr1_auth_atom_id 
_pdbx_struct_conn_angle.ptnr1_auth_asym_id 
_pdbx_struct_conn_angle.ptnr1_auth_comp_id 
_pdbx_struct_conn_angle.ptnr1_auth_seq_id 
_pdbx_struct_conn_angle.ptnr1_PDB_ins_code 
_pdbx_struct_conn_angle.ptnr1_symmetry 
_pdbx_struct_conn_angle.ptnr2_label_atom_id 
_pdbx_struct_conn_angle.ptnr2_label_alt_id 
_pdbx_struct_conn_angle.ptnr2_label_asym_id 
_pdbx_struct_conn_angle.ptnr2_label_comp_id 
_pdbx_struct_conn_angle.ptnr2_label_seq_id 
_pdbx_struct_conn_angle.ptnr2_auth_atom_id 
_pdbx_struct_conn_angle.ptnr2_auth_asym_id 
_pdbx_struct_conn_angle.ptnr2_auth_comp_id 
_pdbx_struct_conn_angle.ptnr2_auth_seq_id 
_pdbx_struct_conn_angle.ptnr2_PDB_ins_code 
_pdbx_struct_conn_angle.ptnr2_symmetry 
_pdbx_struct_conn_angle.ptnr3_label_atom_id 
_pdbx_struct_conn_angle.ptnr3_label_alt_id 
_pdbx_struct_conn_angle.ptnr3_label_asym_id 
_pdbx_struct_conn_angle.ptnr3_label_comp_id 
_pdbx_struct_conn_angle.ptnr3_label_seq_id 
_pdbx_struct_conn_angle.ptnr3_auth_atom_id 
_pdbx_struct_conn_angle.ptnr3_auth_asym_id 
_pdbx_struct_conn_angle.ptnr3_auth_comp_id 
_pdbx_struct_conn_angle.ptnr3_auth_seq_id 
_pdbx_struct_conn_angle.ptnr3_PDB_ins_code 
_pdbx_struct_conn_angle.ptnr3_symmetry 
_pdbx_struct_conn_angle.value 
_pdbx_struct_conn_angle.value_esd 
1  O1  ? B 0ZB .   ? A 0ZB 1   ? 1_555 ZN ? F ZN . ? A ZN 999 ? 1_555 NE2 ? A HIS 113 ? A HIS 197 ? 1_555 111.8 ? 
2  O1  ? B 0ZB .   ? A 0ZB 1   ? 1_555 ZN ? F ZN . ? A ZN 999 ? 1_555 NE2 ? A HIS 117 ? A HIS 201 ? 1_555 139.6 ? 
3  NE2 ? A HIS 113 ? A HIS 197 ? 1_555 ZN ? F ZN . ? A ZN 999 ? 1_555 NE2 ? A HIS 117 ? A HIS 201 ? 1_555 100.2 ? 
4  O1  ? B 0ZB .   ? A 0ZB 1   ? 1_555 ZN ? F ZN . ? A ZN 999 ? 1_555 NE2 ? A HIS 123 ? A HIS 207 ? 1_555 96.9  ? 
5  NE2 ? A HIS 113 ? A HIS 197 ? 1_555 ZN ? F ZN . ? A ZN 999 ? 1_555 NE2 ? A HIS 123 ? A HIS 207 ? 1_555 111.8 ? 
6  NE2 ? A HIS 117 ? A HIS 201 ? 1_555 ZN ? F ZN . ? A ZN 999 ? 1_555 NE2 ? A HIS 123 ? A HIS 207 ? 1_555 93.3  ? 
7  O   ? A ASP 53  ? A ASP 137 ? 1_555 CA ? C CA . ? A CA 996 ? 1_555 O   ? A GLY 85  ? A GLY 169 ? 1_555 163.7 ? 
8  O   ? A ASP 53  ? A ASP 137 ? 1_555 CA ? C CA . ? A CA 996 ? 1_555 O   ? A GLY 87  ? A GLY 171 ? 1_555 105.4 ? 
9  O   ? A GLY 85  ? A GLY 169 ? 1_555 CA ? C CA . ? A CA 996 ? 1_555 O   ? A GLY 87  ? A GLY 171 ? 1_555 91.0  ? 
10 O   ? A ASP 53  ? A ASP 137 ? 1_555 CA ? C CA . ? A CA 996 ? 1_555 OD1 ? A ASP 89  ? A ASP 173 ? 1_555 83.7  ? 
11 O   ? A GLY 85  ? A GLY 169 ? 1_555 CA ? C CA . ? A CA 996 ? 1_555 OD1 ? A ASP 89  ? A ASP 173 ? 1_555 98.2  ? 
12 O   ? A GLY 87  ? A GLY 171 ? 1_555 CA ? C CA . ? A CA 996 ? 1_555 OD1 ? A ASP 89  ? A ASP 173 ? 1_555 84.9  ? 
13 NE2 ? A HIS 63  ? A HIS 147 ? 1_555 ZN ? E ZN . ? A ZN 998 ? 1_555 OD2 ? A ASP 65  ? A ASP 149 ? 1_555 109.2 ? 
14 NE2 ? A HIS 63  ? A HIS 147 ? 1_555 ZN ? E ZN . ? A ZN 998 ? 1_555 NE2 ? A HIS 78  ? A HIS 162 ? 1_555 113.9 ? 
15 OD2 ? A ASP 65  ? A ASP 149 ? 1_555 ZN ? E ZN . ? A ZN 998 ? 1_555 NE2 ? A HIS 78  ? A HIS 162 ? 1_555 111.7 ? 
16 NE2 ? A HIS 63  ? A HIS 147 ? 1_555 ZN ? E ZN . ? A ZN 998 ? 1_555 ND1 ? A HIS 91  ? A HIS 175 ? 1_555 113.2 ? 
17 OD2 ? A ASP 65  ? A ASP 149 ? 1_555 ZN ? E ZN . ? A ZN 998 ? 1_555 ND1 ? A HIS 91  ? A HIS 175 ? 1_555 97.1  ? 
18 NE2 ? A HIS 78  ? A HIS 162 ? 1_555 ZN ? E ZN . ? A ZN 998 ? 1_555 ND1 ? A HIS 91  ? A HIS 175 ? 1_555 110.6 ? 
19 OD1 ? A ASP 70  ? A ASP 154 ? 1_555 CA ? D CA . ? A CA 997 ? 1_555 O   ? A GLY 71  ? A GLY 155 ? 1_555 95.0  ? 
20 OD1 ? A ASP 70  ? A ASP 154 ? 1_555 CA ? D CA . ? A CA 997 ? 1_555 O   ? A ASN 73  ? A ASN 157 ? 1_555 94.1  ? 
21 O   ? A GLY 71  ? A GLY 155 ? 1_555 CA ? D CA . ? A CA 997 ? 1_555 O   ? A ASN 73  ? A ASN 157 ? 1_555 89.4  ? 
22 OD1 ? A ASP 70  ? A ASP 154 ? 1_555 CA ? D CA . ? A CA 997 ? 1_555 O   ? A ILE 75  ? A ILE 159 ? 1_555 79.4  ? 
23 O   ? A GLY 71  ? A GLY 155 ? 1_555 CA ? D CA . ? A CA 997 ? 1_555 O   ? A ILE 75  ? A ILE 159 ? 1_555 173.9 ? 
24 O   ? A ASN 73  ? A ASN 157 ? 1_555 CA ? D CA . ? A CA 997 ? 1_555 O   ? A ILE 75  ? A ILE 159 ? 1_555 93.6  ? 
25 OD1 ? A ASP 70  ? A ASP 154 ? 1_555 CA ? D CA . ? A CA 997 ? 1_555 OD2 ? A ASP 93  ? A ASP 177 ? 1_555 89.4  ? 
26 O   ? A GLY 71  ? A GLY 155 ? 1_555 CA ? D CA . ? A CA 997 ? 1_555 OD2 ? A ASP 93  ? A ASP 177 ? 1_555 87.7  ? 
27 O   ? A ASN 73  ? A ASN 157 ? 1_555 CA ? D CA . ? A CA 997 ? 1_555 OD2 ? A ASP 93  ? A ASP 177 ? 1_555 175.6 ? 
28 O   ? A ILE 75  ? A ILE 159 ? 1_555 CA ? D CA . ? A CA 997 ? 1_555 OD2 ? A ASP 93  ? A ASP 177 ? 1_555 89.6  ? 
29 OD1 ? A ASP 70  ? A ASP 154 ? 1_555 CA ? D CA . ? A CA 997 ? 1_555 OE2 ? A GLU 96  ? A GLU 180 ? 1_555 173.5 ? 
30 O   ? A GLY 71  ? A GLY 155 ? 1_555 CA ? D CA . ? A CA 997 ? 1_555 OE2 ? A GLU 96  ? A GLU 180 ? 1_555 91.3  ? 
31 O   ? A ASN 73  ? A ASN 157 ? 1_555 CA ? D CA . ? A CA 997 ? 1_555 OE2 ? A GLU 96  ? A GLU 180 ? 1_555 84.8  ? 
32 O   ? A ILE 75  ? A ILE 159 ? 1_555 CA ? D CA . ? A CA 997 ? 1_555 OE2 ? A GLU 96  ? A GLU 180 ? 1_555 94.3  ? 
33 OD2 ? A ASP 93  ? A ASP 177 ? 1_555 CA ? D CA . ? A CA 997 ? 1_555 OE2 ? A GLU 96  ? A GLU 180 ? 1_555 91.9  ? 
# 
_struct_mon_prot_cis.pdbx_id                1 
_struct_mon_prot_cis.label_comp_id          ASN 
_struct_mon_prot_cis.label_seq_id           104 
_struct_mon_prot_cis.label_asym_id          A 
_struct_mon_prot_cis.label_alt_id           . 
_struct_mon_prot_cis.pdbx_PDB_ins_code      ? 
_struct_mon_prot_cis.auth_comp_id           ASN 
_struct_mon_prot_cis.auth_seq_id            188 
_struct_mon_prot_cis.auth_asym_id           A 
_struct_mon_prot_cis.pdbx_label_comp_id_2   TYR 
_struct_mon_prot_cis.pdbx_label_seq_id_2    105 
_struct_mon_prot_cis.pdbx_label_asym_id_2   A 
_struct_mon_prot_cis.pdbx_PDB_ins_code_2    ? 
_struct_mon_prot_cis.pdbx_auth_comp_id_2    TYR 
_struct_mon_prot_cis.pdbx_auth_seq_id_2     189 
_struct_mon_prot_cis.pdbx_auth_asym_id_2    A 
_struct_mon_prot_cis.pdbx_PDB_model_num     1 
_struct_mon_prot_cis.pdbx_omega_angle       -0.80 
# 
_struct_sheet.id               A 
_struct_sheet.type             ? 
_struct_sheet.number_strands   5 
_struct_sheet.details          ? 
# 
loop_
_struct_sheet_order.sheet_id 
_struct_sheet_order.range_id_1 
_struct_sheet_order.range_id_2 
_struct_sheet_order.offset 
_struct_sheet_order.sense 
A 1 2 ? parallel      
A 2 3 ? parallel      
A 3 4 ? parallel      
A 4 5 ? anti-parallel 
# 
loop_
_struct_sheet_range.sheet_id 
_struct_sheet_range.id 
_struct_sheet_range.beg_label_comp_id 
_struct_sheet_range.beg_label_asym_id 
_struct_sheet_range.beg_label_seq_id 
_struct_sheet_range.pdbx_beg_PDB_ins_code 
_struct_sheet_range.end_label_comp_id 
_struct_sheet_range.end_label_asym_id 
_struct_sheet_range.end_label_seq_id 
_struct_sheet_range.pdbx_end_PDB_ins_code 
_struct_sheet_range.beg_auth_comp_id 
_struct_sheet_range.beg_auth_asym_id 
_struct_sheet_range.beg_auth_seq_id 
_struct_sheet_range.end_auth_comp_id 
_struct_sheet_range.end_auth_asym_id 
_struct_sheet_range.end_auth_seq_id 
A 1 ILE A 43 ? ARG A 46 ? ILE A 127 ARG A 130 
A 2 ASN A 8  ? ILE A 13 ? ASN A 92  ILE A 97  
A 3 ILE A 54 ? TYR A 59 ? ILE A 138 TYR A 143 
A 4 ALA A 90 ? ASP A 93 ? ALA A 174 ASP A 177 
A 5 ALA A 77 ? ALA A 79 ? ALA A 161 ALA A 163 
# 
loop_
_pdbx_struct_sheet_hbond.sheet_id 
_pdbx_struct_sheet_hbond.range_id_1 
_pdbx_struct_sheet_hbond.range_id_2 
_pdbx_struct_sheet_hbond.range_1_label_atom_id 
_pdbx_struct_sheet_hbond.range_1_label_comp_id 
_pdbx_struct_sheet_hbond.range_1_label_asym_id 
_pdbx_struct_sheet_hbond.range_1_label_seq_id 
_pdbx_struct_sheet_hbond.range_1_PDB_ins_code 
_pdbx_struct_sheet_hbond.range_1_auth_atom_id 
_pdbx_struct_sheet_hbond.range_1_auth_comp_id 
_pdbx_struct_sheet_hbond.range_1_auth_asym_id 
_pdbx_struct_sheet_hbond.range_1_auth_seq_id 
_pdbx_struct_sheet_hbond.range_2_label_atom_id 
_pdbx_struct_sheet_hbond.range_2_label_comp_id 
_pdbx_struct_sheet_hbond.range_2_label_asym_id 
_pdbx_struct_sheet_hbond.range_2_label_seq_id 
_pdbx_struct_sheet_hbond.range_2_PDB_ins_code 
_pdbx_struct_sheet_hbond.range_2_auth_atom_id 
_pdbx_struct_sheet_hbond.range_2_auth_comp_id 
_pdbx_struct_sheet_hbond.range_2_auth_asym_id 
_pdbx_struct_sheet_hbond.range_2_auth_seq_id 
A 1 2 O ILE A 43 ? O ILE A 127 N LEU A 9  ? N LEU A 93  
A 2 3 O ARG A 12 ? O ARG A 96  N ILE A 54 ? N ILE A 138 
A 3 4 O ALA A 57 ? O ALA A 141 N ALA A 90 ? N ALA A 174 
A 4 5 O HIS A 91 ? O HIS A 175 N HIS A 78 ? N HIS A 162 
# 
loop_
_struct_site.id 
_struct_site.pdbx_evidence_code 
_struct_site.pdbx_auth_asym_id 
_struct_site.pdbx_auth_comp_id 
_struct_site.pdbx_auth_seq_id 
_struct_site.pdbx_auth_ins_code 
_struct_site.pdbx_num_residues 
_struct_site.details 
AC1 Software A 0ZB 1   ? 14 'BINDING SITE FOR RESIDUE 0ZB A 1'  
AC2 Software A CA  996 ? 4  'BINDING SITE FOR RESIDUE CA A 996' 
AC3 Software A CA  997 ? 6  'BINDING SITE FOR RESIDUE CA A 997' 
AC4 Software A ZN  998 ? 4  'BINDING SITE FOR RESIDUE ZN A 998' 
AC5 Software A ZN  999 ? 4  'BINDING SITE FOR RESIDUE ZN A 999' 
# 
loop_
_struct_site_gen.id 
_struct_site_gen.site_id 
_struct_site_gen.pdbx_num_res 
_struct_site_gen.label_comp_id 
_struct_site_gen.label_asym_id 
_struct_site_gen.label_seq_id 
_struct_site_gen.pdbx_auth_ins_code 
_struct_site_gen.auth_comp_id 
_struct_site_gen.auth_asym_id 
_struct_site_gen.auth_seq_id 
_struct_site_gen.label_atom_id 
_struct_site_gen.label_alt_id 
_struct_site_gen.symmetry 
_struct_site_gen.details 
1  AC1 14 THR A 45  ? THR A 129 . ? 1_655 ? 
2  AC1 14 ILE A 75  ? ILE A 159 . ? 1_555 ? 
3  AC1 14 LEU A 76  ? LEU A 160 . ? 1_555 ? 
4  AC1 14 ALA A 77  ? ALA A 161 . ? 1_555 ? 
5  AC1 14 HIS A 113 ? HIS A 197 . ? 1_555 ? 
6  AC1 14 GLU A 114 ? GLU A 198 . ? 1_555 ? 
7  AC1 14 HIS A 117 ? HIS A 201 . ? 1_555 ? 
8  AC1 14 HIS A 123 ? HIS A 207 . ? 1_555 ? 
9  AC1 14 LEU A 130 ? LEU A 214 . ? 1_555 ? 
10 AC1 14 TYR A 132 ? TYR A 216 . ? 1_555 ? 
11 AC1 14 PRO A 133 ? PRO A 217 . ? 1_555 ? 
12 AC1 14 ASN A 134 ? ASN A 218 . ? 1_555 ? 
13 AC1 14 TYR A 135 ? TYR A 219 . ? 1_555 ? 
14 AC1 14 ZN  F .   ? ZN  A 999 . ? 1_555 ? 
15 AC2 4  ASP A 53  ? ASP A 137 . ? 1_555 ? 
16 AC2 4  GLY A 85  ? GLY A 169 . ? 1_555 ? 
17 AC2 4  GLY A 87  ? GLY A 171 . ? 1_555 ? 
18 AC2 4  ASP A 89  ? ASP A 173 . ? 1_555 ? 
19 AC3 6  ASP A 70  ? ASP A 154 . ? 1_555 ? 
20 AC3 6  GLY A 71  ? GLY A 155 . ? 1_555 ? 
21 AC3 6  ASN A 73  ? ASN A 157 . ? 1_555 ? 
22 AC3 6  ILE A 75  ? ILE A 159 . ? 1_555 ? 
23 AC3 6  ASP A 93  ? ASP A 177 . ? 1_555 ? 
24 AC3 6  GLU A 96  ? GLU A 180 . ? 1_555 ? 
25 AC4 4  HIS A 63  ? HIS A 147 . ? 1_555 ? 
26 AC4 4  ASP A 65  ? ASP A 149 . ? 1_555 ? 
27 AC4 4  HIS A 78  ? HIS A 162 . ? 1_555 ? 
28 AC4 4  HIS A 91  ? HIS A 175 . ? 1_555 ? 
29 AC5 4  0ZB B .   ? 0ZB A 1   . ? 1_555 ? 
30 AC5 4  HIS A 113 ? HIS A 197 . ? 1_555 ? 
31 AC5 4  HIS A 117 ? HIS A 201 . ? 1_555 ? 
32 AC5 4  HIS A 123 ? HIS A 207 . ? 1_555 ? 
# 
loop_
_pdbx_validate_torsion.id 
_pdbx_validate_torsion.PDB_model_num 
_pdbx_validate_torsion.auth_comp_id 
_pdbx_validate_torsion.auth_asym_id 
_pdbx_validate_torsion.auth_seq_id 
_pdbx_validate_torsion.PDB_ins_code 
_pdbx_validate_torsion.label_alt_id 
_pdbx_validate_torsion.phi 
_pdbx_validate_torsion.psi 
1 1 ARG A 145 ? ? 34.00   -118.33 
2 1 HIS A 147 ? ? -148.43 46.07   
3 1 SER A 151 ? ? -154.95 74.48   
4 1 ASN A 157 ? ? 60.89   -157.91 
5 1 THR A 185 ? ? -126.53 -161.31 
6 1 TYR A 241 ? ? -107.88 -107.44 
# 
_pdbx_molecule_features.prd_id    PRD_000371 
_pdbx_molecule_features.name      HONH-iBM-L-Asp-NHBn 
_pdbx_molecule_features.type      Peptide-like 
_pdbx_molecule_features.class     Inhibitor 
_pdbx_molecule_features.details   ? 
# 
_pdbx_molecule.instance_id   1 
_pdbx_molecule.prd_id        PRD_000371 
_pdbx_molecule.asym_id       B 
# 
loop_
_chem_comp_atom.comp_id 
_chem_comp_atom.atom_id 
_chem_comp_atom.type_symbol 
_chem_comp_atom.pdbx_aromatic_flag 
_chem_comp_atom.pdbx_stereo_config 
_chem_comp_atom.pdbx_ordinal 
0ZB N    N  N N 1   
0ZB OH   O  N N 2   
0ZB C1   C  N N 3   
0ZB O1   O  N N 4   
0ZB CA   C  N R 5   
0ZB CB   C  N N 6   
0ZB CG   C  N N 7   
0ZB CD1  C  N N 8   
0ZB CD2  C  N N 9   
0ZB C    C  N N 10  
0ZB O    O  N N 11  
0ZB N1   N  N N 12  
0ZB CA1  C  N R 13  
0ZB C2   C  N N 14  
0ZB O2   O  N N 15  
0ZB CB1  C  N N 16  
0ZB CG1  C  N N 17  
0ZB OD1  O  N N 18  
0ZB OD2  O  N N 19  
0ZB N2   N  N N 20  
0ZB C3   C  N N 21  
0ZB C11  C  Y N 22  
0ZB C21  C  Y N 23  
0ZB C31  C  Y N 24  
0ZB C4   C  Y N 25  
0ZB C5   C  Y N 26  
0ZB C6   C  Y N 27  
0ZB HN   H  N N 28  
0ZB HOH  H  N N 29  
0ZB HA   H  N N 30  
0ZB HB1  H  N N 31  
0ZB HB2  H  N N 32  
0ZB HG   H  N N 33  
0ZB HD11 H  N N 34  
0ZB HD12 H  N N 35  
0ZB HD13 H  N N 36  
0ZB HD21 H  N N 37  
0ZB HD22 H  N N 38  
0ZB HD23 H  N N 39  
0ZB H    H  N N 40  
0ZB HA1  H  N N 41  
0ZB HB21 H  N N 42  
0ZB HB3  H  N N 43  
0ZB HD2  H  N N 44  
0ZB HN2  H  N N 45  
0ZB H1   H  N N 46  
0ZB H2A  H  N N 47  
0ZB H2   H  N N 48  
0ZB H3   H  N N 49  
0ZB H4   H  N N 50  
0ZB H5   H  N N 51  
0ZB H6   H  N N 52  
ALA N    N  N N 53  
ALA CA   C  N S 54  
ALA C    C  N N 55  
ALA O    O  N N 56  
ALA CB   C  N N 57  
ALA OXT  O  N N 58  
ALA H    H  N N 59  
ALA H2   H  N N 60  
ALA HA   H  N N 61  
ALA HB1  H  N N 62  
ALA HB2  H  N N 63  
ALA HB3  H  N N 64  
ALA HXT  H  N N 65  
ARG N    N  N N 66  
ARG CA   C  N S 67  
ARG C    C  N N 68  
ARG O    O  N N 69  
ARG CB   C  N N 70  
ARG CG   C  N N 71  
ARG CD   C  N N 72  
ARG NE   N  N N 73  
ARG CZ   C  N N 74  
ARG NH1  N  N N 75  
ARG NH2  N  N N 76  
ARG OXT  O  N N 77  
ARG H    H  N N 78  
ARG H2   H  N N 79  
ARG HA   H  N N 80  
ARG HB2  H  N N 81  
ARG HB3  H  N N 82  
ARG HG2  H  N N 83  
ARG HG3  H  N N 84  
ARG HD2  H  N N 85  
ARG HD3  H  N N 86  
ARG HE   H  N N 87  
ARG HH11 H  N N 88  
ARG HH12 H  N N 89  
ARG HH21 H  N N 90  
ARG HH22 H  N N 91  
ARG HXT  H  N N 92  
ASN N    N  N N 93  
ASN CA   C  N S 94  
ASN C    C  N N 95  
ASN O    O  N N 96  
ASN CB   C  N N 97  
ASN CG   C  N N 98  
ASN OD1  O  N N 99  
ASN ND2  N  N N 100 
ASN OXT  O  N N 101 
ASN H    H  N N 102 
ASN H2   H  N N 103 
ASN HA   H  N N 104 
ASN HB2  H  N N 105 
ASN HB3  H  N N 106 
ASN HD21 H  N N 107 
ASN HD22 H  N N 108 
ASN HXT  H  N N 109 
ASP N    N  N N 110 
ASP CA   C  N S 111 
ASP C    C  N N 112 
ASP O    O  N N 113 
ASP CB   C  N N 114 
ASP CG   C  N N 115 
ASP OD1  O  N N 116 
ASP OD2  O  N N 117 
ASP OXT  O  N N 118 
ASP H    H  N N 119 
ASP H2   H  N N 120 
ASP HA   H  N N 121 
ASP HB2  H  N N 122 
ASP HB3  H  N N 123 
ASP HD2  H  N N 124 
ASP HXT  H  N N 125 
CA  CA   CA N N 126 
GLN N    N  N N 127 
GLN CA   C  N S 128 
GLN C    C  N N 129 
GLN O    O  N N 130 
GLN CB   C  N N 131 
GLN CG   C  N N 132 
GLN CD   C  N N 133 
GLN OE1  O  N N 134 
GLN NE2  N  N N 135 
GLN OXT  O  N N 136 
GLN H    H  N N 137 
GLN H2   H  N N 138 
GLN HA   H  N N 139 
GLN HB2  H  N N 140 
GLN HB3  H  N N 141 
GLN HG2  H  N N 142 
GLN HG3  H  N N 143 
GLN HE21 H  N N 144 
GLN HE22 H  N N 145 
GLN HXT  H  N N 146 
GLU N    N  N N 147 
GLU CA   C  N S 148 
GLU C    C  N N 149 
GLU O    O  N N 150 
GLU CB   C  N N 151 
GLU CG   C  N N 152 
GLU CD   C  N N 153 
GLU OE1  O  N N 154 
GLU OE2  O  N N 155 
GLU OXT  O  N N 156 
GLU H    H  N N 157 
GLU H2   H  N N 158 
GLU HA   H  N N 159 
GLU HB2  H  N N 160 
GLU HB3  H  N N 161 
GLU HG2  H  N N 162 
GLU HG3  H  N N 163 
GLU HE2  H  N N 164 
GLU HXT  H  N N 165 
GLY N    N  N N 166 
GLY CA   C  N N 167 
GLY C    C  N N 168 
GLY O    O  N N 169 
GLY OXT  O  N N 170 
GLY H    H  N N 171 
GLY H2   H  N N 172 
GLY HA2  H  N N 173 
GLY HA3  H  N N 174 
GLY HXT  H  N N 175 
HIS N    N  N N 176 
HIS CA   C  N S 177 
HIS C    C  N N 178 
HIS O    O  N N 179 
HIS CB   C  N N 180 
HIS CG   C  Y N 181 
HIS ND1  N  Y N 182 
HIS CD2  C  Y N 183 
HIS CE1  C  Y N 184 
HIS NE2  N  Y N 185 
HIS OXT  O  N N 186 
HIS H    H  N N 187 
HIS H2   H  N N 188 
HIS HA   H  N N 189 
HIS HB2  H  N N 190 
HIS HB3  H  N N 191 
HIS HD1  H  N N 192 
HIS HD2  H  N N 193 
HIS HE1  H  N N 194 
HIS HE2  H  N N 195 
HIS HXT  H  N N 196 
ILE N    N  N N 197 
ILE CA   C  N S 198 
ILE C    C  N N 199 
ILE O    O  N N 200 
ILE CB   C  N S 201 
ILE CG1  C  N N 202 
ILE CG2  C  N N 203 
ILE CD1  C  N N 204 
ILE OXT  O  N N 205 
ILE H    H  N N 206 
ILE H2   H  N N 207 
ILE HA   H  N N 208 
ILE HB   H  N N 209 
ILE HG12 H  N N 210 
ILE HG13 H  N N 211 
ILE HG21 H  N N 212 
ILE HG22 H  N N 213 
ILE HG23 H  N N 214 
ILE HD11 H  N N 215 
ILE HD12 H  N N 216 
ILE HD13 H  N N 217 
ILE HXT  H  N N 218 
LEU N    N  N N 219 
LEU CA   C  N S 220 
LEU C    C  N N 221 
LEU O    O  N N 222 
LEU CB   C  N N 223 
LEU CG   C  N N 224 
LEU CD1  C  N N 225 
LEU CD2  C  N N 226 
LEU OXT  O  N N 227 
LEU H    H  N N 228 
LEU H2   H  N N 229 
LEU HA   H  N N 230 
LEU HB2  H  N N 231 
LEU HB3  H  N N 232 
LEU HG   H  N N 233 
LEU HD11 H  N N 234 
LEU HD12 H  N N 235 
LEU HD13 H  N N 236 
LEU HD21 H  N N 237 
LEU HD22 H  N N 238 
LEU HD23 H  N N 239 
LEU HXT  H  N N 240 
LYS N    N  N N 241 
LYS CA   C  N S 242 
LYS C    C  N N 243 
LYS O    O  N N 244 
LYS CB   C  N N 245 
LYS CG   C  N N 246 
LYS CD   C  N N 247 
LYS CE   C  N N 248 
LYS NZ   N  N N 249 
LYS OXT  O  N N 250 
LYS H    H  N N 251 
LYS H2   H  N N 252 
LYS HA   H  N N 253 
LYS HB2  H  N N 254 
LYS HB3  H  N N 255 
LYS HG2  H  N N 256 
LYS HG3  H  N N 257 
LYS HD2  H  N N 258 
LYS HD3  H  N N 259 
LYS HE2  H  N N 260 
LYS HE3  H  N N 261 
LYS HZ1  H  N N 262 
LYS HZ2  H  N N 263 
LYS HZ3  H  N N 264 
LYS HXT  H  N N 265 
MET N    N  N N 266 
MET CA   C  N S 267 
MET C    C  N N 268 
MET O    O  N N 269 
MET CB   C  N N 270 
MET CG   C  N N 271 
MET SD   S  N N 272 
MET CE   C  N N 273 
MET OXT  O  N N 274 
MET H    H  N N 275 
MET H2   H  N N 276 
MET HA   H  N N 277 
MET HB2  H  N N 278 
MET HB3  H  N N 279 
MET HG2  H  N N 280 
MET HG3  H  N N 281 
MET HE1  H  N N 282 
MET HE2  H  N N 283 
MET HE3  H  N N 284 
MET HXT  H  N N 285 
PHE N    N  N N 286 
PHE CA   C  N S 287 
PHE C    C  N N 288 
PHE O    O  N N 289 
PHE CB   C  N N 290 
PHE CG   C  Y N 291 
PHE CD1  C  Y N 292 
PHE CD2  C  Y N 293 
PHE CE1  C  Y N 294 
PHE CE2  C  Y N 295 
PHE CZ   C  Y N 296 
PHE OXT  O  N N 297 
PHE H    H  N N 298 
PHE H2   H  N N 299 
PHE HA   H  N N 300 
PHE HB2  H  N N 301 
PHE HB3  H  N N 302 
PHE HD1  H  N N 303 
PHE HD2  H  N N 304 
PHE HE1  H  N N 305 
PHE HE2  H  N N 306 
PHE HZ   H  N N 307 
PHE HXT  H  N N 308 
PRO N    N  N N 309 
PRO CA   C  N S 310 
PRO C    C  N N 311 
PRO O    O  N N 312 
PRO CB   C  N N 313 
PRO CG   C  N N 314 
PRO CD   C  N N 315 
PRO OXT  O  N N 316 
PRO H    H  N N 317 
PRO HA   H  N N 318 
PRO HB2  H  N N 319 
PRO HB3  H  N N 320 
PRO HG2  H  N N 321 
PRO HG3  H  N N 322 
PRO HD2  H  N N 323 
PRO HD3  H  N N 324 
PRO HXT  H  N N 325 
SER N    N  N N 326 
SER CA   C  N S 327 
SER C    C  N N 328 
SER O    O  N N 329 
SER CB   C  N N 330 
SER OG   O  N N 331 
SER OXT  O  N N 332 
SER H    H  N N 333 
SER H2   H  N N 334 
SER HA   H  N N 335 
SER HB2  H  N N 336 
SER HB3  H  N N 337 
SER HG   H  N N 338 
SER HXT  H  N N 339 
THR N    N  N N 340 
THR CA   C  N S 341 
THR C    C  N N 342 
THR O    O  N N 343 
THR CB   C  N R 344 
THR OG1  O  N N 345 
THR CG2  C  N N 346 
THR OXT  O  N N 347 
THR H    H  N N 348 
THR H2   H  N N 349 
THR HA   H  N N 350 
THR HB   H  N N 351 
THR HG1  H  N N 352 
THR HG21 H  N N 353 
THR HG22 H  N N 354 
THR HG23 H  N N 355 
THR HXT  H  N N 356 
TRP N    N  N N 357 
TRP CA   C  N S 358 
TRP C    C  N N 359 
TRP O    O  N N 360 
TRP CB   C  N N 361 
TRP CG   C  Y N 362 
TRP CD1  C  Y N 363 
TRP CD2  C  Y N 364 
TRP NE1  N  Y N 365 
TRP CE2  C  Y N 366 
TRP CE3  C  Y N 367 
TRP CZ2  C  Y N 368 
TRP CZ3  C  Y N 369 
TRP CH2  C  Y N 370 
TRP OXT  O  N N 371 
TRP H    H  N N 372 
TRP H2   H  N N 373 
TRP HA   H  N N 374 
TRP HB2  H  N N 375 
TRP HB3  H  N N 376 
TRP HD1  H  N N 377 
TRP HE1  H  N N 378 
TRP HE3  H  N N 379 
TRP HZ2  H  N N 380 
TRP HZ3  H  N N 381 
TRP HH2  H  N N 382 
TRP HXT  H  N N 383 
TYR N    N  N N 384 
TYR CA   C  N S 385 
TYR C    C  N N 386 
TYR O    O  N N 387 
TYR CB   C  N N 388 
TYR CG   C  Y N 389 
TYR CD1  C  Y N 390 
TYR CD2  C  Y N 391 
TYR CE1  C  Y N 392 
TYR CE2  C  Y N 393 
TYR CZ   C  Y N 394 
TYR OH   O  N N 395 
TYR OXT  O  N N 396 
TYR H    H  N N 397 
TYR H2   H  N N 398 
TYR HA   H  N N 399 
TYR HB2  H  N N 400 
TYR HB3  H  N N 401 
TYR HD1  H  N N 402 
TYR HD2  H  N N 403 
TYR HE1  H  N N 404 
TYR HE2  H  N N 405 
TYR HH   H  N N 406 
TYR HXT  H  N N 407 
VAL N    N  N N 408 
VAL CA   C  N S 409 
VAL C    C  N N 410 
VAL O    O  N N 411 
VAL CB   C  N N 412 
VAL CG1  C  N N 413 
VAL CG2  C  N N 414 
VAL OXT  O  N N 415 
VAL H    H  N N 416 
VAL H2   H  N N 417 
VAL HA   H  N N 418 
VAL HB   H  N N 419 
VAL HG11 H  N N 420 
VAL HG12 H  N N 421 
VAL HG13 H  N N 422 
VAL HG21 H  N N 423 
VAL HG22 H  N N 424 
VAL HG23 H  N N 425 
VAL HXT  H  N N 426 
ZN  ZN   ZN N N 427 
# 
loop_
_chem_comp_bond.comp_id 
_chem_comp_bond.atom_id_1 
_chem_comp_bond.atom_id_2 
_chem_comp_bond.value_order 
_chem_comp_bond.pdbx_aromatic_flag 
_chem_comp_bond.pdbx_stereo_config 
_chem_comp_bond.pdbx_ordinal 
0ZB N   OH   sing N N 1   
0ZB N   C1   sing N N 2   
0ZB N   HN   sing N N 3   
0ZB OH  HOH  sing N N 4   
0ZB C1  O1   doub N N 5   
0ZB C1  CA   sing N N 6   
0ZB CA  CB   sing N N 7   
0ZB CA  C    sing N N 8   
0ZB CA  HA   sing N N 9   
0ZB CB  CG   sing N N 10  
0ZB CB  HB1  sing N N 11  
0ZB CB  HB2  sing N N 12  
0ZB CG  CD1  sing N N 13  
0ZB CG  CD2  sing N N 14  
0ZB CG  HG   sing N N 15  
0ZB CD1 HD11 sing N N 16  
0ZB CD1 HD12 sing N N 17  
0ZB CD1 HD13 sing N N 18  
0ZB CD2 HD21 sing N N 19  
0ZB CD2 HD22 sing N N 20  
0ZB CD2 HD23 sing N N 21  
0ZB C   O    doub N N 22  
0ZB N1  CA1  sing N N 23  
0ZB N1  H    sing N N 24  
0ZB CA1 C2   sing N N 25  
0ZB CA1 CB1  sing N N 26  
0ZB CA1 HA1  sing N N 27  
0ZB C2  O2   doub N N 28  
0ZB CB1 CG1  sing N N 29  
0ZB CB1 HB21 sing N N 30  
0ZB CB1 HB3  sing N N 31  
0ZB CG1 OD1  doub N N 32  
0ZB CG1 OD2  sing N N 33  
0ZB OD2 HD2  sing N N 34  
0ZB N2  C3   sing N N 35  
0ZB N2  HN2  sing N N 36  
0ZB C3  C11  sing N N 37  
0ZB C3  H1   sing N N 38  
0ZB C3  H2A  sing N N 39  
0ZB C11 C21  doub Y N 40  
0ZB C11 C6   sing Y N 41  
0ZB C21 C31  sing Y N 42  
0ZB C21 H2   sing N N 43  
0ZB C31 C4   doub Y N 44  
0ZB C31 H3   sing N N 45  
0ZB C4  C5   sing Y N 46  
0ZB C4  H4   sing N N 47  
0ZB C5  C6   doub Y N 48  
0ZB C5  H5   sing N N 49  
0ZB C6  H6   sing N N 50  
0ZB C   N1   sing N N 51  
0ZB C2  N2   sing N N 52  
ALA N   CA   sing N N 53  
ALA N   H    sing N N 54  
ALA N   H2   sing N N 55  
ALA CA  C    sing N N 56  
ALA CA  CB   sing N N 57  
ALA CA  HA   sing N N 58  
ALA C   O    doub N N 59  
ALA C   OXT  sing N N 60  
ALA CB  HB1  sing N N 61  
ALA CB  HB2  sing N N 62  
ALA CB  HB3  sing N N 63  
ALA OXT HXT  sing N N 64  
ARG N   CA   sing N N 65  
ARG N   H    sing N N 66  
ARG N   H2   sing N N 67  
ARG CA  C    sing N N 68  
ARG CA  CB   sing N N 69  
ARG CA  HA   sing N N 70  
ARG C   O    doub N N 71  
ARG C   OXT  sing N N 72  
ARG CB  CG   sing N N 73  
ARG CB  HB2  sing N N 74  
ARG CB  HB3  sing N N 75  
ARG CG  CD   sing N N 76  
ARG CG  HG2  sing N N 77  
ARG CG  HG3  sing N N 78  
ARG CD  NE   sing N N 79  
ARG CD  HD2  sing N N 80  
ARG CD  HD3  sing N N 81  
ARG NE  CZ   sing N N 82  
ARG NE  HE   sing N N 83  
ARG CZ  NH1  sing N N 84  
ARG CZ  NH2  doub N N 85  
ARG NH1 HH11 sing N N 86  
ARG NH1 HH12 sing N N 87  
ARG NH2 HH21 sing N N 88  
ARG NH2 HH22 sing N N 89  
ARG OXT HXT  sing N N 90  
ASN N   CA   sing N N 91  
ASN N   H    sing N N 92  
ASN N   H2   sing N N 93  
ASN CA  C    sing N N 94  
ASN CA  CB   sing N N 95  
ASN CA  HA   sing N N 96  
ASN C   O    doub N N 97  
ASN C   OXT  sing N N 98  
ASN CB  CG   sing N N 99  
ASN CB  HB2  sing N N 100 
ASN CB  HB3  sing N N 101 
ASN CG  OD1  doub N N 102 
ASN CG  ND2  sing N N 103 
ASN ND2 HD21 sing N N 104 
ASN ND2 HD22 sing N N 105 
ASN OXT HXT  sing N N 106 
ASP N   CA   sing N N 107 
ASP N   H    sing N N 108 
ASP N   H2   sing N N 109 
ASP CA  C    sing N N 110 
ASP CA  CB   sing N N 111 
ASP CA  HA   sing N N 112 
ASP C   O    doub N N 113 
ASP C   OXT  sing N N 114 
ASP CB  CG   sing N N 115 
ASP CB  HB2  sing N N 116 
ASP CB  HB3  sing N N 117 
ASP CG  OD1  doub N N 118 
ASP CG  OD2  sing N N 119 
ASP OD2 HD2  sing N N 120 
ASP OXT HXT  sing N N 121 
GLN N   CA   sing N N 122 
GLN N   H    sing N N 123 
GLN N   H2   sing N N 124 
GLN CA  C    sing N N 125 
GLN CA  CB   sing N N 126 
GLN CA  HA   sing N N 127 
GLN C   O    doub N N 128 
GLN C   OXT  sing N N 129 
GLN CB  CG   sing N N 130 
GLN CB  HB2  sing N N 131 
GLN CB  HB3  sing N N 132 
GLN CG  CD   sing N N 133 
GLN CG  HG2  sing N N 134 
GLN CG  HG3  sing N N 135 
GLN CD  OE1  doub N N 136 
GLN CD  NE2  sing N N 137 
GLN NE2 HE21 sing N N 138 
GLN NE2 HE22 sing N N 139 
GLN OXT HXT  sing N N 140 
GLU N   CA   sing N N 141 
GLU N   H    sing N N 142 
GLU N   H2   sing N N 143 
GLU CA  C    sing N N 144 
GLU CA  CB   sing N N 145 
GLU CA  HA   sing N N 146 
GLU C   O    doub N N 147 
GLU C   OXT  sing N N 148 
GLU CB  CG   sing N N 149 
GLU CB  HB2  sing N N 150 
GLU CB  HB3  sing N N 151 
GLU CG  CD   sing N N 152 
GLU CG  HG2  sing N N 153 
GLU CG  HG3  sing N N 154 
GLU CD  OE1  doub N N 155 
GLU CD  OE2  sing N N 156 
GLU OE2 HE2  sing N N 157 
GLU OXT HXT  sing N N 158 
GLY N   CA   sing N N 159 
GLY N   H    sing N N 160 
GLY N   H2   sing N N 161 
GLY CA  C    sing N N 162 
GLY CA  HA2  sing N N 163 
GLY CA  HA3  sing N N 164 
GLY C   O    doub N N 165 
GLY C   OXT  sing N N 166 
GLY OXT HXT  sing N N 167 
HIS N   CA   sing N N 168 
HIS N   H    sing N N 169 
HIS N   H2   sing N N 170 
HIS CA  C    sing N N 171 
HIS CA  CB   sing N N 172 
HIS CA  HA   sing N N 173 
HIS C   O    doub N N 174 
HIS C   OXT  sing N N 175 
HIS CB  CG   sing N N 176 
HIS CB  HB2  sing N N 177 
HIS CB  HB3  sing N N 178 
HIS CG  ND1  sing Y N 179 
HIS CG  CD2  doub Y N 180 
HIS ND1 CE1  doub Y N 181 
HIS ND1 HD1  sing N N 182 
HIS CD2 NE2  sing Y N 183 
HIS CD2 HD2  sing N N 184 
HIS CE1 NE2  sing Y N 185 
HIS CE1 HE1  sing N N 186 
HIS NE2 HE2  sing N N 187 
HIS OXT HXT  sing N N 188 
ILE N   CA   sing N N 189 
ILE N   H    sing N N 190 
ILE N   H2   sing N N 191 
ILE CA  C    sing N N 192 
ILE CA  CB   sing N N 193 
ILE CA  HA   sing N N 194 
ILE C   O    doub N N 195 
ILE C   OXT  sing N N 196 
ILE CB  CG1  sing N N 197 
ILE CB  CG2  sing N N 198 
ILE CB  HB   sing N N 199 
ILE CG1 CD1  sing N N 200 
ILE CG1 HG12 sing N N 201 
ILE CG1 HG13 sing N N 202 
ILE CG2 HG21 sing N N 203 
ILE CG2 HG22 sing N N 204 
ILE CG2 HG23 sing N N 205 
ILE CD1 HD11 sing N N 206 
ILE CD1 HD12 sing N N 207 
ILE CD1 HD13 sing N N 208 
ILE OXT HXT  sing N N 209 
LEU N   CA   sing N N 210 
LEU N   H    sing N N 211 
LEU N   H2   sing N N 212 
LEU CA  C    sing N N 213 
LEU CA  CB   sing N N 214 
LEU CA  HA   sing N N 215 
LEU C   O    doub N N 216 
LEU C   OXT  sing N N 217 
LEU CB  CG   sing N N 218 
LEU CB  HB2  sing N N 219 
LEU CB  HB3  sing N N 220 
LEU CG  CD1  sing N N 221 
LEU CG  CD2  sing N N 222 
LEU CG  HG   sing N N 223 
LEU CD1 HD11 sing N N 224 
LEU CD1 HD12 sing N N 225 
LEU CD1 HD13 sing N N 226 
LEU CD2 HD21 sing N N 227 
LEU CD2 HD22 sing N N 228 
LEU CD2 HD23 sing N N 229 
LEU OXT HXT  sing N N 230 
LYS N   CA   sing N N 231 
LYS N   H    sing N N 232 
LYS N   H2   sing N N 233 
LYS CA  C    sing N N 234 
LYS CA  CB   sing N N 235 
LYS CA  HA   sing N N 236 
LYS C   O    doub N N 237 
LYS C   OXT  sing N N 238 
LYS CB  CG   sing N N 239 
LYS CB  HB2  sing N N 240 
LYS CB  HB3  sing N N 241 
LYS CG  CD   sing N N 242 
LYS CG  HG2  sing N N 243 
LYS CG  HG3  sing N N 244 
LYS CD  CE   sing N N 245 
LYS CD  HD2  sing N N 246 
LYS CD  HD3  sing N N 247 
LYS CE  NZ   sing N N 248 
LYS CE  HE2  sing N N 249 
LYS CE  HE3  sing N N 250 
LYS NZ  HZ1  sing N N 251 
LYS NZ  HZ2  sing N N 252 
LYS NZ  HZ3  sing N N 253 
LYS OXT HXT  sing N N 254 
MET N   CA   sing N N 255 
MET N   H    sing N N 256 
MET N   H2   sing N N 257 
MET CA  C    sing N N 258 
MET CA  CB   sing N N 259 
MET CA  HA   sing N N 260 
MET C   O    doub N N 261 
MET C   OXT  sing N N 262 
MET CB  CG   sing N N 263 
MET CB  HB2  sing N N 264 
MET CB  HB3  sing N N 265 
MET CG  SD   sing N N 266 
MET CG  HG2  sing N N 267 
MET CG  HG3  sing N N 268 
MET SD  CE   sing N N 269 
MET CE  HE1  sing N N 270 
MET CE  HE2  sing N N 271 
MET CE  HE3  sing N N 272 
MET OXT HXT  sing N N 273 
PHE N   CA   sing N N 274 
PHE N   H    sing N N 275 
PHE N   H2   sing N N 276 
PHE CA  C    sing N N 277 
PHE CA  CB   sing N N 278 
PHE CA  HA   sing N N 279 
PHE C   O    doub N N 280 
PHE C   OXT  sing N N 281 
PHE CB  CG   sing N N 282 
PHE CB  HB2  sing N N 283 
PHE CB  HB3  sing N N 284 
PHE CG  CD1  doub Y N 285 
PHE CG  CD2  sing Y N 286 
PHE CD1 CE1  sing Y N 287 
PHE CD1 HD1  sing N N 288 
PHE CD2 CE2  doub Y N 289 
PHE CD2 HD2  sing N N 290 
PHE CE1 CZ   doub Y N 291 
PHE CE1 HE1  sing N N 292 
PHE CE2 CZ   sing Y N 293 
PHE CE2 HE2  sing N N 294 
PHE CZ  HZ   sing N N 295 
PHE OXT HXT  sing N N 296 
PRO N   CA   sing N N 297 
PRO N   CD   sing N N 298 
PRO N   H    sing N N 299 
PRO CA  C    sing N N 300 
PRO CA  CB   sing N N 301 
PRO CA  HA   sing N N 302 
PRO C   O    doub N N 303 
PRO C   OXT  sing N N 304 
PRO CB  CG   sing N N 305 
PRO CB  HB2  sing N N 306 
PRO CB  HB3  sing N N 307 
PRO CG  CD   sing N N 308 
PRO CG  HG2  sing N N 309 
PRO CG  HG3  sing N N 310 
PRO CD  HD2  sing N N 311 
PRO CD  HD3  sing N N 312 
PRO OXT HXT  sing N N 313 
SER N   CA   sing N N 314 
SER N   H    sing N N 315 
SER N   H2   sing N N 316 
SER CA  C    sing N N 317 
SER CA  CB   sing N N 318 
SER CA  HA   sing N N 319 
SER C   O    doub N N 320 
SER C   OXT  sing N N 321 
SER CB  OG   sing N N 322 
SER CB  HB2  sing N N 323 
SER CB  HB3  sing N N 324 
SER OG  HG   sing N N 325 
SER OXT HXT  sing N N 326 
THR N   CA   sing N N 327 
THR N   H    sing N N 328 
THR N   H2   sing N N 329 
THR CA  C    sing N N 330 
THR CA  CB   sing N N 331 
THR CA  HA   sing N N 332 
THR C   O    doub N N 333 
THR C   OXT  sing N N 334 
THR CB  OG1  sing N N 335 
THR CB  CG2  sing N N 336 
THR CB  HB   sing N N 337 
THR OG1 HG1  sing N N 338 
THR CG2 HG21 sing N N 339 
THR CG2 HG22 sing N N 340 
THR CG2 HG23 sing N N 341 
THR OXT HXT  sing N N 342 
TRP N   CA   sing N N 343 
TRP N   H    sing N N 344 
TRP N   H2   sing N N 345 
TRP CA  C    sing N N 346 
TRP CA  CB   sing N N 347 
TRP CA  HA   sing N N 348 
TRP C   O    doub N N 349 
TRP C   OXT  sing N N 350 
TRP CB  CG   sing N N 351 
TRP CB  HB2  sing N N 352 
TRP CB  HB3  sing N N 353 
TRP CG  CD1  doub Y N 354 
TRP CG  CD2  sing Y N 355 
TRP CD1 NE1  sing Y N 356 
TRP CD1 HD1  sing N N 357 
TRP CD2 CE2  doub Y N 358 
TRP CD2 CE3  sing Y N 359 
TRP NE1 CE2  sing Y N 360 
TRP NE1 HE1  sing N N 361 
TRP CE2 CZ2  sing Y N 362 
TRP CE3 CZ3  doub Y N 363 
TRP CE3 HE3  sing N N 364 
TRP CZ2 CH2  doub Y N 365 
TRP CZ2 HZ2  sing N N 366 
TRP CZ3 CH2  sing Y N 367 
TRP CZ3 HZ3  sing N N 368 
TRP CH2 HH2  sing N N 369 
TRP OXT HXT  sing N N 370 
TYR N   CA   sing N N 371 
TYR N   H    sing N N 372 
TYR N   H2   sing N N 373 
TYR CA  C    sing N N 374 
TYR CA  CB   sing N N 375 
TYR CA  HA   sing N N 376 
TYR C   O    doub N N 377 
TYR C   OXT  sing N N 378 
TYR CB  CG   sing N N 379 
TYR CB  HB2  sing N N 380 
TYR CB  HB3  sing N N 381 
TYR CG  CD1  doub Y N 382 
TYR CG  CD2  sing Y N 383 
TYR CD1 CE1  sing Y N 384 
TYR CD1 HD1  sing N N 385 
TYR CD2 CE2  doub Y N 386 
TYR CD2 HD2  sing N N 387 
TYR CE1 CZ   doub Y N 388 
TYR CE1 HE1  sing N N 389 
TYR CE2 CZ   sing Y N 390 
TYR CE2 HE2  sing N N 391 
TYR CZ  OH   sing N N 392 
TYR OH  HH   sing N N 393 
TYR OXT HXT  sing N N 394 
VAL N   CA   sing N N 395 
VAL N   H    sing N N 396 
VAL N   H2   sing N N 397 
VAL CA  C    sing N N 398 
VAL CA  CB   sing N N 399 
VAL CA  HA   sing N N 400 
VAL C   O    doub N N 401 
VAL C   OXT  sing N N 402 
VAL CB  CG1  sing N N 403 
VAL CB  CG2  sing N N 404 
VAL CB  HB   sing N N 405 
VAL CG1 HG11 sing N N 406 
VAL CG1 HG12 sing N N 407 
VAL CG1 HG13 sing N N 408 
VAL CG2 HG21 sing N N 409 
VAL CG2 HG22 sing N N 410 
VAL CG2 HG23 sing N N 411 
VAL OXT HXT  sing N N 412 
# 
_atom_sites.entry_id                    1A86 
_atom_sites.fract_transf_matrix[1][1]   -0.00135414 
_atom_sites.fract_transf_matrix[1][2]   -0.00267175 
_atom_sites.fract_transf_matrix[1][3]   0.03002597 
_atom_sites.fract_transf_matrix[2][1]   -0.01268905 
_atom_sites.fract_transf_matrix[2][2]   -0.00671315 
_atom_sites.fract_transf_matrix[2][3]   -0.00116961 
_atom_sites.fract_transf_matrix[3][1]   0.00648542 
_atom_sites.fract_transf_matrix[3][2]   -0.01212164 
_atom_sites.fract_transf_matrix[3][3]   -0.00078612 
_atom_sites.fract_transf_vector[1]      0.527604 
_atom_sites.fract_transf_vector[2]      0.838972 
_atom_sites.fract_transf_vector[3]      0.702909 
# 
loop_
_atom_type.symbol 
C  
CA 
H  
N  
O  
S  
ZN 
# 
loop_
_atom_site.group_PDB 
_atom_site.id 
_atom_site.type_symbol 
_atom_site.label_atom_id 
_atom_site.label_alt_id 
_atom_site.label_comp_id 
_atom_site.label_asym_id 
_atom_site.label_entity_id 
_atom_site.label_seq_id 
_atom_site.pdbx_PDB_ins_code 
_atom_site.Cartn_x 
_atom_site.Cartn_y 
_atom_site.Cartn_z 
_atom_site.occupancy 
_atom_site.B_iso_or_equiv 
_atom_site.pdbx_formal_charge 
_atom_site.auth_seq_id 
_atom_site.auth_comp_id 
_atom_site.auth_asym_id 
_atom_site.auth_atom_id 
_atom_site.pdbx_PDB_model_num 
ATOM   1    N  N   . ASN A 1 1   ? 13.141  -15.210 0.873   1.00 36.57 ? 85  ASN A N   1 
ATOM   2    C  CA  . ASN A 1 1   ? 12.735  -13.777 0.650   1.00 36.24 ? 85  ASN A CA  1 
ATOM   3    C  C   . ASN A 1 1   ? 11.957  -13.644 -0.664  1.00 35.13 ? 85  ASN A C   1 
ATOM   4    O  O   . ASN A 1 1   ? 12.557  -13.605 -1.746  1.00 34.97 ? 85  ASN A O   1 
ATOM   5    C  CB  . ASN A 1 1   ? 13.967  -12.860 0.594   1.00 37.43 ? 85  ASN A CB  1 
ATOM   6    C  CG  . ASN A 1 1   ? 13.604  -11.442 0.167   1.00 38.36 ? 85  ASN A CG  1 
ATOM   7    O  OD1 . ASN A 1 1   ? 12.944  -10.707 0.919   1.00 38.76 ? 85  ASN A OD1 1 
ATOM   8    N  ND2 . ASN A 1 1   ? 13.983  -11.074 -1.062  1.00 38.53 ? 85  ASN A ND2 1 
ATOM   9    N  N   . PRO A 1 2   ? 10.624  -13.535 -0.583  1.00 33.96 ? 86  PRO A N   1 
ATOM   10   C  CA  . PRO A 1 2   ? 9.877   -13.418 -1.829  1.00 32.79 ? 86  PRO A CA  1 
ATOM   11   C  C   . PRO A 1 2   ? 10.121  -12.059 -2.456  1.00 31.56 ? 86  PRO A C   1 
ATOM   12   O  O   . PRO A 1 2   ? 10.242  -11.042 -1.756  1.00 31.33 ? 86  PRO A O   1 
ATOM   13   C  CB  . PRO A 1 2   ? 8.404   -13.547 -1.382  1.00 33.21 ? 86  PRO A CB  1 
ATOM   14   C  CG  . PRO A 1 2   ? 8.456   -13.809 0.105   1.00 33.72 ? 86  PRO A CG  1 
ATOM   15   C  CD  . PRO A 1 2   ? 9.757   -13.209 0.556   1.00 33.84 ? 86  PRO A CD  1 
ATOM   16   N  N   . LYS A 1 3   ? 10.235  -12.068 -3.779  1.00 29.98 ? 87  LYS A N   1 
ATOM   17   C  CA  . LYS A 1 3   ? 10.416  -10.858 -4.555  1.00 28.35 ? 87  LYS A CA  1 
ATOM   18   C  C   . LYS A 1 3   ? 9.802   -11.077 -5.934  1.00 26.93 ? 87  LYS A C   1 
ATOM   19   O  O   . LYS A 1 3   ? 9.513   -12.211 -6.334  1.00 26.29 ? 87  LYS A O   1 
ATOM   20   C  CB  . LYS A 1 3   ? 11.893  -10.459 -4.643  1.00 28.95 ? 87  LYS A CB  1 
ATOM   21   C  CG  . LYS A 1 3   ? 12.858  -11.546 -5.079  1.00 29.58 ? 87  LYS A CG  1 
ATOM   22   C  CD  . LYS A 1 3   ? 13.141  -11.468 -6.544  1.00 30.37 ? 87  LYS A CD  1 
ATOM   23   C  CE  . LYS A 1 3   ? 13.619  -10.078 -6.961  1.00 31.27 ? 87  LYS A CE  1 
ATOM   24   N  NZ  . LYS A 1 3   ? 14.915  -9.675  -6.346  1.00 31.94 ? 87  LYS A NZ  1 
ATOM   25   N  N   . TRP A 1 4   ? 9.484   -9.983  -6.603  1.00 25.23 ? 88  TRP A N   1 
ATOM   26   C  CA  . TRP A 1 4   ? 8.915   -10.082 -7.924  1.00 24.10 ? 88  TRP A CA  1 
ATOM   27   C  C   . TRP A 1 4   ? 10.114  -10.301 -8.849  1.00 23.96 ? 88  TRP A C   1 
ATOM   28   O  O   . TRP A 1 4   ? 11.175  -9.743  -8.611  1.00 23.45 ? 88  TRP A O   1 
ATOM   29   C  CB  . TRP A 1 4   ? 8.197   -8.783  -8.273  1.00 23.10 ? 88  TRP A CB  1 
ATOM   30   C  CG  . TRP A 1 4   ? 6.965   -8.498  -7.457  1.00 22.15 ? 88  TRP A CG  1 
ATOM   31   C  CD1 . TRP A 1 4   ? 6.831   -7.549  -6.487  1.00 21.77 ? 88  TRP A CD1 1 
ATOM   32   C  CD2 . TRP A 1 4   ? 5.670   -9.101  -7.610  1.00 21.92 ? 88  TRP A CD2 1 
ATOM   33   N  NE1 . TRP A 1 4   ? 5.530   -7.516  -6.027  1.00 21.58 ? 88  TRP A NE1 1 
ATOM   34   C  CE2 . TRP A 1 4   ? 4.797   -8.454  -6.698  1.00 21.66 ? 88  TRP A CE2 1 
ATOM   35   C  CE3 . TRP A 1 4   ? 5.165   -10.124 -8.423  1.00 21.38 ? 88  TRP A CE3 1 
ATOM   36   C  CZ2 . TRP A 1 4   ? 3.445   -8.793  -6.578  1.00 21.66 ? 88  TRP A CZ2 1 
ATOM   37   C  CZ3 . TRP A 1 4   ? 3.817   -10.465 -8.300  1.00 22.12 ? 88  TRP A CZ3 1 
ATOM   38   C  CH2 . TRP A 1 4   ? 2.973   -9.797  -7.382  1.00 21.85 ? 88  TRP A CH2 1 
ATOM   39   N  N   . GLU A 1 5   ? 9.977   -11.161 -9.850  1.00 24.25 ? 89  GLU A N   1 
ATOM   40   C  CA  . GLU A 1 5   ? 11.076  -11.394 -10.783 1.00 24.61 ? 89  GLU A CA  1 
ATOM   41   C  C   . GLU A 1 5   ? 10.835  -10.569 -12.048 1.00 24.09 ? 89  GLU A C   1 
ATOM   42   O  O   . GLU A 1 5   ? 11.461  -10.783 -13.071 1.00 24.39 ? 89  GLU A O   1 
ATOM   43   C  CB  . GLU A 1 5   ? 11.185  -12.881 -11.136 1.00 25.46 ? 89  GLU A CB  1 
ATOM   44   C  CG  . GLU A 1 5   ? 11.017  -13.851 -9.962  1.00 26.94 ? 89  GLU A CG  1 
ATOM   45   C  CD  . GLU A 1 5   ? 12.079  -13.705 -8.856  1.00 27.71 ? 89  GLU A CD  1 
ATOM   46   O  OE1 . GLU A 1 5   ? 13.234  -13.291 -9.165  1.00 28.07 ? 89  GLU A OE1 1 
ATOM   47   O  OE2 . GLU A 1 5   ? 11.749  -14.025 -7.676  1.00 28.02 ? 89  GLU A OE2 1 
ATOM   48   N  N   . ARG A 1 6   ? 9.912   -9.624  -11.966 1.00 23.77 ? 90  ARG A N   1 
ATOM   49   C  CA  . ARG A 1 6   ? 9.560   -8.755  -13.075 1.00 23.39 ? 90  ARG A CA  1 
ATOM   50   C  C   . ARG A 1 6   ? 9.579   -7.331  -12.537 1.00 22.52 ? 90  ARG A C   1 
ATOM   51   O  O   . ARG A 1 6   ? 9.228   -7.116  -11.381 1.00 22.62 ? 90  ARG A O   1 
ATOM   52   C  CB  . ARG A 1 6   ? 8.150   -9.095  -13.545 1.00 24.49 ? 90  ARG A CB  1 
ATOM   53   C  CG  . ARG A 1 6   ? 8.090   -9.947  -14.802 1.00 26.17 ? 90  ARG A CG  1 
ATOM   54   C  CD  . ARG A 1 6   ? 6.727   -10.634 -14.954 1.00 26.89 ? 90  ARG A CD  1 
ATOM   55   N  NE  . ARG A 1 6   ? 5.623   -9.703  -14.751 1.00 27.65 ? 90  ARG A NE  1 
ATOM   56   C  CZ  . ARG A 1 6   ? 4.641   -9.886  -13.872 1.00 27.96 ? 90  ARG A CZ  1 
ATOM   57   N  NH1 . ARG A 1 6   ? 4.602   -10.967 -13.097 1.00 27.79 ? 90  ARG A NH1 1 
ATOM   58   N  NH2 . ARG A 1 6   ? 3.690   -8.974  -13.774 1.00 28.42 ? 90  ARG A NH2 1 
ATOM   59   N  N   . THR A 1 7   ? 9.904   -6.357  -13.384 1.00 21.19 ? 91  THR A N   1 
ATOM   60   C  CA  . THR A 1 7   ? 9.971   -4.967  -12.942 1.00 19.90 ? 91  THR A CA  1 
ATOM   61   C  C   . THR A 1 7   ? 8.785   -4.075  -13.319 1.00 18.62 ? 91  THR A C   1 
ATOM   62   O  O   . THR A 1 7   ? 8.544   -3.066  -12.651 1.00 18.18 ? 91  THR A O   1 
ATOM   63   C  CB  . THR A 1 7   ? 11.294  -4.296  -13.374 1.00 20.11 ? 91  THR A CB  1 
ATOM   64   O  OG1 . THR A 1 7   ? 11.271  -4.025  -14.781 1.00 20.53 ? 91  THR A OG1 1 
ATOM   65   C  CG2 . THR A 1 7   ? 12.461  -5.197  -13.057 1.00 20.41 ? 91  THR A CG2 1 
ATOM   66   N  N   . ASN A 1 8   ? 8.086   -4.391  -14.408 1.00 17.28 ? 92  ASN A N   1 
ATOM   67   C  CA  . ASN A 1 8   ? 6.902   -3.604  -14.772 1.00 16.02 ? 92  ASN A CA  1 
ATOM   68   C  C   . ASN A 1 8   ? 5.721   -4.401  -14.215 1.00 15.50 ? 92  ASN A C   1 
ATOM   69   O  O   . ASN A 1 8   ? 5.413   -5.485  -14.719 1.00 15.84 ? 92  ASN A O   1 
ATOM   70   C  CB  . ASN A 1 8   ? 6.763   -3.468  -16.289 1.00 16.64 ? 92  ASN A CB  1 
ATOM   71   C  CG  . ASN A 1 8   ? 5.583   -2.547  -16.714 1.00 16.66 ? 92  ASN A CG  1 
ATOM   72   O  OD1 . ASN A 1 8   ? 5.311   -2.424  -17.920 1.00 17.78 ? 92  ASN A OD1 1 
ATOM   73   N  ND2 . ASN A 1 8   ? 4.909   -1.891  -15.756 1.00 15.23 ? 92  ASN A ND2 1 
ATOM   74   N  N   . LEU A 1 9   ? 5.106   -3.901  -13.143 1.00 13.94 ? 93  LEU A N   1 
ATOM   75   C  CA  . LEU A 1 9   ? 3.990   -4.585  -12.505 1.00 12.47 ? 93  LEU A CA  1 
ATOM   76   C  C   . LEU A 1 9   ? 2.728   -3.796  -12.726 1.00 11.73 ? 93  LEU A C   1 
ATOM   77   O  O   . LEU A 1 9   ? 2.775   -2.580  -12.913 1.00 11.35 ? 93  LEU A O   1 
ATOM   78   C  CB  . LEU A 1 9   ? 4.267   -4.764  -11.006 1.00 12.74 ? 93  LEU A CB  1 
ATOM   79   C  CG  . LEU A 1 9   ? 5.525   -5.577  -10.682 1.00 12.60 ? 93  LEU A CG  1 
ATOM   80   C  CD1 . LEU A 1 9   ? 6.047   -5.232  -9.297  1.00 13.02 ? 93  LEU A CD1 1 
ATOM   81   C  CD2 . LEU A 1 9   ? 5.264   -7.071  -10.813 1.00 12.39 ? 93  LEU A CD2 1 
ATOM   82   N  N   . THR A 1 10  ? 1.598   -4.500  -12.799 1.00 10.97 ? 94  THR A N   1 
ATOM   83   C  CA  . THR A 1 10  ? 0.314   -3.839  -13.000 1.00 9.77  ? 94  THR A CA  1 
ATOM   84   C  C   . THR A 1 10  ? -0.506  -3.850  -11.708 1.00 9.46  ? 94  THR A C   1 
ATOM   85   O  O   . THR A 1 10  ? -0.318  -4.709  -10.848 1.00 9.16  ? 94  THR A O   1 
ATOM   86   C  CB  . THR A 1 10  ? -0.520  -4.500  -14.144 1.00 10.11 ? 94  THR A CB  1 
ATOM   87   O  OG1 . THR A 1 10  ? -0.846  -5.855  -13.793 1.00 9.49  ? 94  THR A OG1 1 
ATOM   88   C  CG2 . THR A 1 10  ? 0.271   -4.458  -15.502 1.00 9.25  ? 94  THR A CG2 1 
ATOM   89   N  N   . TYR A 1 11  ? -1.415  -2.893  -11.583 1.00 8.77  ? 95  TYR A N   1 
ATOM   90   C  CA  . TYR A 1 11  ? -2.260  -2.849  -10.409 1.00 9.13  ? 95  TYR A CA  1 
ATOM   91   C  C   . TYR A 1 11  ? -3.660  -2.460  -10.850 1.00 8.91  ? 95  TYR A C   1 
ATOM   92   O  O   . TYR A 1 11  ? -3.837  -1.939  -11.945 1.00 9.25  ? 95  TYR A O   1 
ATOM   93   C  CB  . TYR A 1 11  ? -1.703  -1.865  -9.366  1.00 8.73  ? 95  TYR A CB  1 
ATOM   94   C  CG  . TYR A 1 11  ? -1.824  -0.422  -9.760  1.00 8.58  ? 95  TYR A CG  1 
ATOM   95   C  CD1 . TYR A 1 11  ? -2.990  0.283   -9.505  1.00 8.90  ? 95  TYR A CD1 1 
ATOM   96   C  CD2 . TYR A 1 11  ? -0.751  0.258   -10.328 1.00 8.09  ? 95  TYR A CD2 1 
ATOM   97   C  CE1 . TYR A 1 11  ? -3.095  1.632   -9.786  1.00 9.19  ? 95  TYR A CE1 1 
ATOM   98   C  CE2 . TYR A 1 11  ? -0.842  1.611   -10.618 1.00 8.54  ? 95  TYR A CE2 1 
ATOM   99   C  CZ  . TYR A 1 11  ? -2.016  2.292   -10.338 1.00 9.35  ? 95  TYR A CZ  1 
ATOM   100  O  OH  . TYR A 1 11  ? -2.123  3.642   -10.571 1.00 9.90  ? 95  TYR A OH  1 
ATOM   101  N  N   . ARG A 1 12  ? -4.649  -2.764  -10.022 1.00 8.84  ? 96  ARG A N   1 
ATOM   102  C  CA  . ARG A 1 12  ? -6.051  -2.447  -10.324 1.00 9.07  ? 96  ARG A CA  1 
ATOM   103  C  C   . ARG A 1 12  ? -6.799  -2.083  -9.052  1.00 9.29  ? 96  ARG A C   1 
ATOM   104  O  O   . ARG A 1 12  ? -6.691  -2.759  -8.023  1.00 9.34  ? 96  ARG A O   1 
ATOM   105  C  CB  . ARG A 1 12  ? -6.766  -3.636  -10.994 1.00 8.83  ? 96  ARG A CB  1 
ATOM   106  C  CG  . ARG A 1 12  ? -8.277  -3.443  -11.135 1.00 8.87  ? 96  ARG A CG  1 
ATOM   107  C  CD  . ARG A 1 12  ? -8.945  -4.720  -11.599 1.00 9.02  ? 96  ARG A CD  1 
ATOM   108  N  NE  . ARG A 1 12  ? -10.401 -4.577  -11.737 1.00 9.58  ? 96  ARG A NE  1 
ATOM   109  C  CZ  . ARG A 1 12  ? -11.226 -5.588  -12.035 1.00 9.97  ? 96  ARG A CZ  1 
ATOM   110  N  NH1 . ARG A 1 12  ? -10.757 -6.817  -12.237 1.00 8.85  ? 96  ARG A NH1 1 
ATOM   111  N  NH2 . ARG A 1 12  ? -12.537 -5.377  -12.126 1.00 10.75 ? 96  ARG A NH2 1 
ATOM   112  N  N   . ILE A 1 13  ? -7.471  -0.952  -9.098  1.00 9.11  ? 97  ILE A N   1 
ATOM   113  C  CA  . ILE A 1 13  ? -8.263  -0.517  -7.987  1.00 9.58  ? 97  ILE A CA  1 
ATOM   114  C  C   . ILE A 1 13  ? -9.621  -1.138  -8.309  1.00 10.15 ? 97  ILE A C   1 
ATOM   115  O  O   . ILE A 1 13  ? -10.344 -0.675  -9.196  1.00 9.78  ? 97  ILE A O   1 
ATOM   116  C  CB  . ILE A 1 13  ? -8.330  1.005   -7.977  1.00 9.41  ? 97  ILE A CB  1 
ATOM   117  C  CG1 . ILE A 1 13  ? -6.917  1.571   -7.749  1.00 8.95  ? 97  ILE A CG1 1 
ATOM   118  C  CG2 . ILE A 1 13  ? -9.310  1.493   -6.934  1.00 9.76  ? 97  ILE A CG2 1 
ATOM   119  C  CD1 . ILE A 1 13  ? -6.775  2.998   -8.138  1.00 8.90  ? 97  ILE A CD1 1 
ATOM   120  N  N   . ARG A 1 14  ? -9.949  -2.215  -7.614  1.00 11.18 ? 98  ARG A N   1 
ATOM   121  C  CA  . ARG A 1 14  ? -11.217 -2.920  -7.842  1.00 11.88 ? 98  ARG A CA  1 
ATOM   122  C  C   . ARG A 1 14  ? -12.449 -2.131  -7.359  1.00 12.41 ? 98  ARG A C   1 
ATOM   123  O  O   . ARG A 1 14  ? -13.525 -2.215  -7.963  1.00 13.08 ? 98  ARG A O   1 
ATOM   124  C  CB  . ARG A 1 14  ? -11.157 -4.282  -7.177  1.00 11.63 ? 98  ARG A CB  1 
ATOM   125  C  CG  . ARG A 1 14  ? -9.920  -5.030  -7.546  1.00 12.17 ? 98  ARG A CG  1 
ATOM   126  C  CD  . ARG A 1 14  ? -9.945  -6.422  -7.000  1.00 12.82 ? 98  ARG A CD  1 
ATOM   127  N  NE  . ARG A 1 14  ? -11.103 -7.151  -7.506  1.00 13.87 ? 98  ARG A NE  1 
ATOM   128  C  CZ  . ARG A 1 14  ? -11.086 -7.986  -8.547  1.00 13.59 ? 98  ARG A CZ  1 
ATOM   129  N  NH1 . ARG A 1 14  ? -9.969  -8.222  -9.216  1.00 14.04 ? 98  ARG A NH1 1 
ATOM   130  N  NH2 . ARG A 1 14  ? -12.200 -8.586  -8.915  1.00 13.56 ? 98  ARG A NH2 1 
ATOM   131  N  N   . ASN A 1 15  ? -12.327 -1.428  -6.240  1.00 12.52 ? 99  ASN A N   1 
ATOM   132  C  CA  . ASN A 1 15  ? -13.436 -0.637  -5.748  1.00 13.40 ? 99  ASN A CA  1 
ATOM   133  C  C   . ASN A 1 15  ? -12.919 0.609   -5.057  1.00 14.18 ? 99  ASN A C   1 
ATOM   134  O  O   . ASN A 1 15  ? -11.707 0.819   -4.984  1.00 13.85 ? 99  ASN A O   1 
ATOM   135  C  CB  . ASN A 1 15  ? -14.406 -1.462  -4.857  1.00 13.64 ? 99  ASN A CB  1 
ATOM   136  C  CG  . ASN A 1 15  ? -13.742 -2.074  -3.621  1.00 13.61 ? 99  ASN A CG  1 
ATOM   137  O  OD1 . ASN A 1 15  ? -12.559 -1.854  -3.352  1.00 13.74 ? 99  ASN A OD1 1 
ATOM   138  N  ND2 . ASN A 1 15  ? -14.506 -2.880  -2.877  1.00 12.99 ? 99  ASN A ND2 1 
ATOM   139  N  N   . TYR A 1 16  ? -13.835 1.439   -4.571  1.00 15.29 ? 100 TYR A N   1 
ATOM   140  C  CA  . TYR A 1 16  ? -13.474 2.698   -3.927  1.00 16.84 ? 100 TYR A CA  1 
ATOM   141  C  C   . TYR A 1 16  ? -14.083 2.870   -2.545  1.00 17.35 ? 100 TYR A C   1 
ATOM   142  O  O   . TYR A 1 16  ? -14.772 1.985   -2.069  1.00 18.17 ? 100 TYR A O   1 
ATOM   143  C  CB  . TYR A 1 16  ? -13.900 3.862   -4.836  1.00 16.99 ? 100 TYR A CB  1 
ATOM   144  C  CG  . TYR A 1 16  ? -13.212 3.841   -6.210  1.00 17.38 ? 100 TYR A CG  1 
ATOM   145  C  CD1 . TYR A 1 16  ? -13.698 3.048   -7.253  1.00 17.08 ? 100 TYR A CD1 1 
ATOM   146  C  CD2 . TYR A 1 16  ? -12.039 4.580   -6.437  1.00 17.42 ? 100 TYR A CD2 1 
ATOM   147  C  CE1 . TYR A 1 16  ? -13.021 2.987   -8.483  1.00 17.39 ? 100 TYR A CE1 1 
ATOM   148  C  CE2 . TYR A 1 16  ? -11.365 4.526   -7.650  1.00 17.22 ? 100 TYR A CE2 1 
ATOM   149  C  CZ  . TYR A 1 16  ? -11.859 3.727   -8.661  1.00 17.23 ? 100 TYR A CZ  1 
ATOM   150  O  OH  . TYR A 1 16  ? -11.169 3.669   -9.835  1.00 16.95 ? 100 TYR A OH  1 
ATOM   151  N  N   . THR A 1 17  ? -13.751 3.970   -1.877  1.00 17.98 ? 101 THR A N   1 
ATOM   152  C  CA  . THR A 1 17  ? -14.304 4.306   -0.573  1.00 18.52 ? 101 THR A CA  1 
ATOM   153  C  C   . THR A 1 17  ? -15.086 5.584   -0.890  1.00 19.10 ? 101 THR A C   1 
ATOM   154  O  O   . THR A 1 17  ? -14.650 6.370   -1.714  1.00 19.49 ? 101 THR A O   1 
ATOM   155  C  CB  . THR A 1 17  ? -13.180 4.561   0.507   1.00 18.79 ? 101 THR A CB  1 
ATOM   156  O  OG1 . THR A 1 17  ? -13.762 5.123   1.699   1.00 19.04 ? 101 THR A OG1 1 
ATOM   157  C  CG2 . THR A 1 17  ? -12.089 5.518   -0.011  1.00 18.55 ? 101 THR A CG2 1 
ATOM   158  N  N   . PRO A 1 18  ? -16.292 5.764   -0.316  1.00 20.09 ? 102 PRO A N   1 
ATOM   159  C  CA  . PRO A 1 18  ? -17.134 6.952   -0.557  1.00 20.51 ? 102 PRO A CA  1 
ATOM   160  C  C   . PRO A 1 18  ? -16.595 8.245   0.029   1.00 21.14 ? 102 PRO A C   1 
ATOM   161  O  O   . PRO A 1 18  ? -17.040 9.335   -0.356  1.00 21.32 ? 102 PRO A O   1 
ATOM   162  C  CB  . PRO A 1 18  ? -18.449 6.602   0.146   1.00 20.25 ? 102 PRO A CB  1 
ATOM   163  C  CG  . PRO A 1 18  ? -18.433 5.125   0.288   1.00 20.40 ? 102 PRO A CG  1 
ATOM   164  C  CD  . PRO A 1 18  ? -16.992 4.808   0.561   1.00 20.60 ? 102 PRO A CD  1 
ATOM   165  N  N   . GLN A 1 19  ? -15.735 8.085   1.039   1.00 21.88 ? 103 GLN A N   1 
ATOM   166  C  CA  . GLN A 1 19  ? -15.071 9.147   1.799   1.00 22.73 ? 103 GLN A CA  1 
ATOM   167  C  C   . GLN A 1 19  ? -14.365 10.204  0.939   1.00 22.98 ? 103 GLN A C   1 
ATOM   168  O  O   . GLN A 1 19  ? -14.313 11.400  1.281   1.00 22.91 ? 103 GLN A O   1 
ATOM   169  C  CB  . GLN A 1 19  ? -13.984 8.497   2.637   1.00 23.97 ? 103 GLN A CB  1 
ATOM   170  C  CG  . GLN A 1 19  ? -14.077 8.710   4.100   1.00 25.87 ? 103 GLN A CG  1 
ATOM   171  C  CD  . GLN A 1 19  ? -14.947 7.692   4.736   1.00 26.83 ? 103 GLN A CD  1 
ATOM   172  O  OE1 . GLN A 1 19  ? -16.092 7.977   5.063   1.00 28.38 ? 103 GLN A OE1 1 
ATOM   173  N  NE2 . GLN A 1 19  ? -14.442 6.469   4.862   1.00 27.38 ? 103 GLN A NE2 1 
ATOM   174  N  N   . LEU A 1 20  ? -13.733 9.719   -0.128  1.00 22.58 ? 104 LEU A N   1 
ATOM   175  C  CA  . LEU A 1 20  ? -12.972 10.549  -1.042  1.00 21.78 ? 104 LEU A CA  1 
ATOM   176  C  C   . LEU A 1 20  ? -13.555 10.352  -2.429  1.00 21.61 ? 104 LEU A C   1 
ATOM   177  O  O   . LEU A 1 20  ? -14.273 9.373   -2.668  1.00 21.52 ? 104 LEU A O   1 
ATOM   178  C  CB  . LEU A 1 20  ? -11.526 10.055  -1.050  1.00 21.56 ? 104 LEU A CB  1 
ATOM   179  C  CG  . LEU A 1 20  ? -10.763 10.080  0.271   1.00 21.30 ? 104 LEU A CG  1 
ATOM   180  C  CD1 . LEU A 1 20  ? -9.426  9.362   0.129   1.00 21.41 ? 104 LEU A CD1 1 
ATOM   181  C  CD2 . LEU A 1 20  ? -10.568 11.534  0.697   1.00 21.18 ? 104 LEU A CD2 1 
ATOM   182  N  N   . SER A 1 21  ? -13.261 11.283  -3.328  1.00 20.93 ? 105 SER A N   1 
ATOM   183  C  CA  . SER A 1 21  ? -13.717 11.173  -4.708  1.00 20.56 ? 105 SER A CA  1 
ATOM   184  C  C   . SER A 1 21  ? -12.867 10.083  -5.348  1.00 20.31 ? 105 SER A C   1 
ATOM   185  O  O   . SER A 1 21  ? -11.839 9.684   -4.784  1.00 20.58 ? 105 SER A O   1 
ATOM   186  C  CB  . SER A 1 21  ? -13.508 12.499  -5.451  1.00 20.80 ? 105 SER A CB  1 
ATOM   187  O  OG  . SER A 1 21  ? -12.143 12.713  -5.797  1.00 20.63 ? 105 SER A OG  1 
ATOM   188  N  N   . GLU A 1 22  ? -13.243 9.621   -6.535  1.00 19.86 ? 106 GLU A N   1 
ATOM   189  C  CA  . GLU A 1 22  ? -12.460 8.583   -7.179  1.00 19.44 ? 106 GLU A CA  1 
ATOM   190  C  C   . GLU A 1 22  ? -11.100 9.098   -7.654  1.00 18.60 ? 106 GLU A C   1 
ATOM   191  O  O   . GLU A 1 22  ? -10.137 8.340   -7.738  1.00 18.52 ? 106 GLU A O   1 
ATOM   192  C  CB  . GLU A 1 22  ? -13.225 7.967   -8.340  1.00 20.81 ? 106 GLU A CB  1 
ATOM   193  C  CG  . GLU A 1 22  ? -14.363 7.085   -7.883  1.00 22.39 ? 106 GLU A CG  1 
ATOM   194  C  CD  . GLU A 1 22  ? -15.227 6.573   -9.024  1.00 23.43 ? 106 GLU A CD  1 
ATOM   195  O  OE1 . GLU A 1 22  ? -14.955 6.922   -10.204 1.00 23.61 ? 106 GLU A OE1 1 
ATOM   196  O  OE2 . GLU A 1 22  ? -16.182 5.809   -8.713  1.00 24.52 ? 106 GLU A OE2 1 
ATOM   197  N  N   . ALA A 1 23  ? -11.022 10.377  -7.980  1.00 17.41 ? 107 ALA A N   1 
ATOM   198  C  CA  . ALA A 1 23  ? -9.757  10.949  -8.434  1.00 16.57 ? 107 ALA A CA  1 
ATOM   199  C  C   . ALA A 1 23  ? -8.803  10.970  -7.230  1.00 15.83 ? 107 ALA A C   1 
ATOM   200  O  O   . ALA A 1 23  ? -7.654  10.558  -7.335  1.00 15.68 ? 107 ALA A O   1 
ATOM   201  C  CB  . ALA A 1 23  ? -9.975  12.335  -8.969  1.00 16.57 ? 107 ALA A CB  1 
ATOM   202  N  N   . GLU A 1 24  ? -9.309  11.386  -6.072  1.00 15.23 ? 108 GLU A N   1 
ATOM   203  C  CA  . GLU A 1 24  ? -8.503  11.410  -4.861  1.00 14.40 ? 108 GLU A CA  1 
ATOM   204  C  C   . GLU A 1 24  ? -7.968  10.040  -4.453  1.00 13.61 ? 108 GLU A C   1 
ATOM   205  O  O   . GLU A 1 24  ? -6.789  9.928   -4.111  1.00 12.91 ? 108 GLU A O   1 
ATOM   206  C  CB  . GLU A 1 24  ? -9.280  12.051  -3.749  1.00 15.35 ? 108 GLU A CB  1 
ATOM   207  C  CG  . GLU A 1 24  ? -9.603  13.474  -4.102  1.00 16.25 ? 108 GLU A CG  1 
ATOM   208  C  CD  . GLU A 1 24  ? -10.519 14.147  -3.120  1.00 16.99 ? 108 GLU A CD  1 
ATOM   209  O  OE1 . GLU A 1 24  ? -11.475 13.482  -2.611  1.00 16.95 ? 108 GLU A OE1 1 
ATOM   210  O  OE2 . GLU A 1 24  ? -10.278 15.359  -2.880  1.00 17.74 ? 108 GLU A OE2 1 
ATOM   211  N  N   . VAL A 1 25  ? -8.814  9.000   -4.520  1.00 12.77 ? 109 VAL A N   1 
ATOM   212  C  CA  . VAL A 1 25  ? -8.403  7.622   -4.195  1.00 11.91 ? 109 VAL A CA  1 
ATOM   213  C  C   . VAL A 1 25  ? -7.302  7.189   -5.171  1.00 12.01 ? 109 VAL A C   1 
ATOM   214  O  O   . VAL A 1 25  ? -6.269  6.678   -4.760  1.00 12.35 ? 109 VAL A O   1 
ATOM   215  C  CB  . VAL A 1 25  ? -9.608  6.601   -4.272  1.00 11.60 ? 109 VAL A CB  1 
ATOM   216  C  CG1 . VAL A 1 25  ? -9.113  5.174   -4.230  1.00 10.59 ? 109 VAL A CG1 1 
ATOM   217  C  CG2 . VAL A 1 25  ? -10.566 6.839   -3.140  1.00 10.51 ? 109 VAL A CG2 1 
ATOM   218  N  N   . GLU A 1 26  ? -7.537  7.408   -6.460  1.00 12.04 ? 110 GLU A N   1 
ATOM   219  C  CA  . GLU A 1 26  ? -6.592  7.060   -7.506  1.00 12.40 ? 110 GLU A CA  1 
ATOM   220  C  C   . GLU A 1 26  ? -5.256  7.816   -7.380  1.00 11.63 ? 110 GLU A C   1 
ATOM   221  O  O   . GLU A 1 26  ? -4.207  7.247   -7.664  1.00 11.57 ? 110 GLU A O   1 
ATOM   222  C  CB  . GLU A 1 26  ? -7.252  7.267   -8.874  1.00 14.08 ? 110 GLU A CB  1 
ATOM   223  C  CG  . GLU A 1 26  ? -8.254  6.146   -9.169  1.00 16.77 ? 110 GLU A CG  1 
ATOM   224  C  CD  . GLU A 1 26  ? -9.134  6.374   -10.402 1.00 19.33 ? 110 GLU A CD  1 
ATOM   225  O  OE1 . GLU A 1 26  ? -8.597  6.607   -11.500 1.00 21.34 ? 110 GLU A OE1 1 
ATOM   226  O  OE2 . GLU A 1 26  ? -10.379 6.301   -10.286 1.00 20.41 ? 110 GLU A OE2 1 
ATOM   227  N  N   . ARG A 1 27  ? -5.302  9.079   -6.964  1.00 10.56 ? 111 ARG A N   1 
ATOM   228  C  CA  . ARG A 1 27  ? -4.086  9.891   -6.762  1.00 10.11 ? 111 ARG A CA  1 
ATOM   229  C  C   . ARG A 1 27  ? -3.272  9.376   -5.570  1.00 9.19  ? 111 ARG A C   1 
ATOM   230  O  O   . ARG A 1 27  ? -2.040  9.283   -5.638  1.00 8.89  ? 111 ARG A O   1 
ATOM   231  C  CB  . ARG A 1 27  ? -4.452  11.366  -6.544  1.00 10.51 ? 111 ARG A CB  1 
ATOM   232  C  CG  . ARG A 1 27  ? -3.280  12.281  -6.063  1.00 11.34 ? 111 ARG A CG  1 
ATOM   233  C  CD  . ARG A 1 27  ? -2.092  12.193  -7.001  1.00 12.61 ? 111 ARG A CD  1 
ATOM   234  N  NE  . ARG A 1 27  ? -2.390  12.691  -8.345  1.00 13.37 ? 111 ARG A NE  1 
ATOM   235  C  CZ  . ARG A 1 27  ? -1.559  12.571  -9.366  1.00 14.38 ? 111 ARG A CZ  1 
ATOM   236  N  NH1 . ARG A 1 27  ? -0.378  11.973  -9.196  1.00 14.92 ? 111 ARG A NH1 1 
ATOM   237  N  NH2 . ARG A 1 27  ? -1.904  13.028  -10.562 1.00 14.87 ? 111 ARG A NH2 1 
ATOM   238  N  N   . ALA A 1 28  ? -3.961  9.055   -4.473  1.00 8.42  ? 112 ALA A N   1 
ATOM   239  C  CA  . ALA A 1 28  ? -3.284  8.526   -3.305  1.00 7.25  ? 112 ALA A CA  1 
ATOM   240  C  C   . ALA A 1 28  ? -2.521  7.262   -3.670  1.00 7.01  ? 112 ALA A C   1 
ATOM   241  O  O   . ALA A 1 28  ? -1.327  7.110   -3.325  1.00 6.77  ? 112 ALA A O   1 
ATOM   242  C  CB  . ALA A 1 28  ? -4.271  8.242   -2.203  1.00 7.45  ? 112 ALA A CB  1 
ATOM   243  N  N   . ILE A 1 29  ? -3.177  6.388   -4.431  1.00 6.55  ? 113 ILE A N   1 
ATOM   244  C  CA  . ILE A 1 29  ? -2.580  5.123   -4.856  1.00 6.73  ? 113 ILE A CA  1 
ATOM   245  C  C   . ILE A 1 29  ? -1.422  5.356   -5.845  1.00 7.26  ? 113 ILE A C   1 
ATOM   246  O  O   . ILE A 1 29  ? -0.365  4.683   -5.768  1.00 6.49  ? 113 ILE A O   1 
ATOM   247  C  CB  . ILE A 1 29  ? -3.658  4.164   -5.505  1.00 6.77  ? 113 ILE A CB  1 
ATOM   248  C  CG1 . ILE A 1 29  ? -4.798  3.869   -4.513  1.00 6.63  ? 113 ILE A CG1 1 
ATOM   249  C  CG2 . ILE A 1 29  ? -3.004  2.869   -6.032  1.00 6.67  ? 113 ILE A CG2 1 
ATOM   250  C  CD1 . ILE A 1 29  ? -4.347  3.586   -3.057  1.00 6.00  ? 113 ILE A CD1 1 
ATOM   251  N  N   . LYS A 1 30  ? -1.622  6.291   -6.779  1.00 7.92  ? 114 LYS A N   1 
ATOM   252  C  CA  . LYS A 1 30  ? -0.586  6.608   -7.786  1.00 9.35  ? 114 LYS A CA  1 
ATOM   253  C  C   . LYS A 1 30  ? 0.724   7.082   -7.138  1.00 8.55  ? 114 LYS A C   1 
ATOM   254  O  O   . LYS A 1 30  ? 1.789   6.531   -7.383  1.00 8.26  ? 114 LYS A O   1 
ATOM   255  C  CB  . LYS A 1 30  ? -1.084  7.677   -8.778  1.00 10.81 ? 114 LYS A CB  1 
ATOM   256  C  CG  . LYS A 1 30  ? -0.164  7.890   -9.985  1.00 12.32 ? 114 LYS A CG  1 
ATOM   257  C  CD  . LYS A 1 30  ? -0.698  8.989   -10.845 1.00 14.43 ? 114 LYS A CD  1 
ATOM   258  C  CE  . LYS A 1 30  ? -0.276  8.778   -12.275 1.00 16.49 ? 114 LYS A CE  1 
ATOM   259  N  NZ  . LYS A 1 30  ? 1.221   8.805   -12.431 1.00 18.49 ? 114 LYS A NZ  1 
ATOM   260  N  N   . ASP A 1 31  ? 0.610   8.104   -6.302  1.00 9.19  ? 115 ASP A N   1 
ATOM   261  C  CA  . ASP A 1 31  ? 1.759   8.675   -5.578  1.00 9.04  ? 115 ASP A CA  1 
ATOM   262  C  C   . ASP A 1 31  ? 2.400   7.654   -4.625  1.00 8.76  ? 115 ASP A C   1 
ATOM   263  O  O   . ASP A 1 31  ? 3.616   7.653   -4.457  1.00 8.39  ? 115 ASP A O   1 
ATOM   264  C  CB  . ASP A 1 31  ? 1.350   9.961   -4.825  1.00 8.93  ? 115 ASP A CB  1 
ATOM   265  C  CG  . ASP A 1 31  ? 0.959   11.110  -5.768  1.00 9.70  ? 115 ASP A CG  1 
ATOM   266  O  OD1 . ASP A 1 31  ? 1.101   10.955  -7.001  1.00 11.21 ? 115 ASP A OD1 1 
ATOM   267  O  OD2 . ASP A 1 31  ? 0.454   12.151  -5.297  1.00 9.23  ? 115 ASP A OD2 1 
ATOM   268  N  N   . ALA A 1 32  ? 1.604   6.772   -4.023  1.00 8.57  ? 116 ALA A N   1 
ATOM   269  C  CA  . ALA A 1 32  ? 2.139   5.765   -3.117  1.00 8.36  ? 116 ALA A CA  1 
ATOM   270  C  C   . ALA A 1 32  ? 3.064   4.807   -3.875  1.00 8.98  ? 116 ALA A C   1 
ATOM   271  O  O   . ALA A 1 32  ? 4.129   4.407   -3.363  1.00 7.90  ? 116 ALA A O   1 
ATOM   272  C  CB  . ALA A 1 32  ? 1.006   4.999   -2.378  1.00 8.53  ? 116 ALA A CB  1 
ATOM   273  N  N   . PHE A 1 33  ? 2.686   4.469   -5.112  1.00 9.10  ? 117 PHE A N   1 
ATOM   274  C  CA  . PHE A 1 33  ? 3.522   3.604   -5.925  1.00 9.61  ? 117 PHE A CA  1 
ATOM   275  C  C   . PHE A 1 33  ? 4.783   4.378   -6.399  1.00 10.81 ? 117 PHE A C   1 
ATOM   276  O  O   . PHE A 1 33  ? 5.881   3.809   -6.430  1.00 10.43 ? 117 PHE A O   1 
ATOM   277  C  CB  . PHE A 1 33  ? 2.736   3.027   -7.120  1.00 8.45  ? 117 PHE A CB  1 
ATOM   278  C  CG  . PHE A 1 33  ? 1.965   1.780   -6.787  1.00 7.59  ? 117 PHE A CG  1 
ATOM   279  C  CD1 . PHE A 1 33  ? 2.631   0.650   -6.317  1.00 7.19  ? 117 PHE A CD1 1 
ATOM   280  C  CD2 . PHE A 1 33  ? 0.574   1.716   -6.980  1.00 7.30  ? 117 PHE A CD2 1 
ATOM   281  C  CE1 . PHE A 1 33  ? 1.941   -0.532  -6.049  1.00 7.31  ? 117 PHE A CE1 1 
ATOM   282  C  CE2 . PHE A 1 33  ? -0.137  0.545   -6.724  1.00 6.39  ? 117 PHE A CE2 1 
ATOM   283  C  CZ  . PHE A 1 33  ? 0.549   -0.586  -6.259  1.00 6.92  ? 117 PHE A CZ  1 
ATOM   284  N  N   . GLU A 1 34  ? 4.630   5.663   -6.744  1.00 12.01 ? 118 GLU A N   1 
ATOM   285  C  CA  . GLU A 1 34  ? 5.772   6.484   -7.201  1.00 14.02 ? 118 GLU A CA  1 
ATOM   286  C  C   . GLU A 1 34  ? 6.900   6.489   -6.190  1.00 13.57 ? 118 GLU A C   1 
ATOM   287  O  O   . GLU A 1 34  ? 8.062   6.395   -6.559  1.00 13.30 ? 118 GLU A O   1 
ATOM   288  C  CB  . GLU A 1 34  ? 5.362   7.931   -7.480  1.00 16.09 ? 118 GLU A CB  1 
ATOM   289  C  CG  . GLU A 1 34  ? 4.362   8.059   -8.599  1.00 19.47 ? 118 GLU A CG  1 
ATOM   290  C  CD  . GLU A 1 34  ? 4.985   7.845   -9.964  1.00 21.76 ? 118 GLU A CD  1 
ATOM   291  O  OE1 . GLU A 1 34  ? 6.253   7.897   -10.075 1.00 23.48 ? 118 GLU A OE1 1 
ATOM   292  O  OE2 . GLU A 1 34  ? 4.205   7.645   -10.931 1.00 22.98 ? 118 GLU A OE2 1 
ATOM   293  N  N   . LEU A 1 35  ? 6.549   6.601   -4.911  1.00 13.79 ? 119 LEU A N   1 
ATOM   294  C  CA  . LEU A 1 35  ? 7.542   6.565   -3.831  1.00 13.80 ? 119 LEU A CA  1 
ATOM   295  C  C   . LEU A 1 35  ? 8.528   5.429   -4.024  1.00 13.20 ? 119 LEU A C   1 
ATOM   296  O  O   . LEU A 1 35  ? 9.724   5.649   -4.016  1.00 13.28 ? 119 LEU A O   1 
ATOM   297  C  CB  . LEU A 1 35  ? 6.882   6.321   -2.469  1.00 14.10 ? 119 LEU A CB  1 
ATOM   298  C  CG  . LEU A 1 35  ? 6.089   7.411   -1.779  1.00 14.88 ? 119 LEU A CG  1 
ATOM   299  C  CD1 . LEU A 1 35  ? 5.884   6.922   -0.364  1.00 14.70 ? 119 LEU A CD1 1 
ATOM   300  C  CD2 . LEU A 1 35  ? 6.835   8.752   -1.795  1.00 15.24 ? 119 LEU A CD2 1 
ATOM   301  N  N   . TRP A 1 36  ? 8.029   4.207   -4.166  1.00 12.45 ? 120 TRP A N   1 
ATOM   302  C  CA  . TRP A 1 36  ? 8.906   3.057   -4.304  1.00 12.05 ? 120 TRP A CA  1 
ATOM   303  C  C   . TRP A 1 36  ? 9.579   3.009   -5.670  1.00 12.21 ? 120 TRP A C   1 
ATOM   304  O  O   . TRP A 1 36  ? 10.694  2.476   -5.835  1.00 12.39 ? 120 TRP A O   1 
ATOM   305  C  CB  . TRP A 1 36  ? 8.110   1.793   -4.060  1.00 12.11 ? 120 TRP A CB  1 
ATOM   306  C  CG  . TRP A 1 36  ? 7.516   1.737   -2.671  1.00 12.15 ? 120 TRP A CG  1 
ATOM   307  C  CD1 . TRP A 1 36  ? 6.200   1.944   -2.324  1.00 12.37 ? 120 TRP A CD1 1 
ATOM   308  C  CD2 . TRP A 1 36  ? 8.209   1.435   -1.446  1.00 11.62 ? 120 TRP A CD2 1 
ATOM   309  N  NE1 . TRP A 1 36  ? 6.038   1.772   -0.962  1.00 12.16 ? 120 TRP A NE1 1 
ATOM   310  C  CE2 . TRP A 1 36  ? 7.255   1.461   -0.402  1.00 11.60 ? 120 TRP A CE2 1 
ATOM   311  C  CE3 . TRP A 1 36  ? 9.547   1.141   -1.130  1.00 11.97 ? 120 TRP A CE3 1 
ATOM   312  C  CZ2 . TRP A 1 36  ? 7.594   1.204   0.938   1.00 11.07 ? 120 TRP A CZ2 1 
ATOM   313  C  CZ3 . TRP A 1 36  ? 9.885   0.879   0.225   1.00 11.44 ? 120 TRP A CZ3 1 
ATOM   314  C  CH2 . TRP A 1 36  ? 8.909   0.913   1.227   1.00 10.91 ? 120 TRP A CH2 1 
ATOM   315  N  N   . SER A 1 37  ? 8.878   3.556   -6.654  1.00 11.27 ? 121 SER A N   1 
ATOM   316  C  CA  . SER A 1 37  ? 9.380   3.584   -8.004  1.00 11.40 ? 121 SER A CA  1 
ATOM   317  C  C   . SER A 1 37  ? 10.664  4.415   -8.124  1.00 10.95 ? 121 SER A C   1 
ATOM   318  O  O   . SER A 1 37  ? 11.582  3.995   -8.793  1.00 11.37 ? 121 SER A O   1 
ATOM   319  C  CB  . SER A 1 37  ? 8.317   4.101   -8.951  1.00 10.89 ? 121 SER A CB  1 
ATOM   320  O  OG  . SER A 1 37  ? 8.436   3.398   -10.153 1.00 12.20 ? 121 SER A OG  1 
ATOM   321  N  N   . VAL A 1 38  ? 10.751  5.545   -7.432  1.00 10.47 ? 122 VAL A N   1 
ATOM   322  C  CA  . VAL A 1 38  ? 11.938  6.383   -7.513  1.00 10.00 ? 122 VAL A CA  1 
ATOM   323  C  C   . VAL A 1 38  ? 13.173  5.856   -6.767  1.00 10.34 ? 122 VAL A C   1 
ATOM   324  O  O   . VAL A 1 38  ? 14.242  6.446   -6.845  1.00 9.89  ? 122 VAL A O   1 
ATOM   325  C  CB  . VAL A 1 38  ? 11.662  7.786   -7.007  1.00 9.89  ? 122 VAL A CB  1 
ATOM   326  C  CG1 . VAL A 1 38  ? 10.562  8.407   -7.788  1.00 9.55  ? 122 VAL A CG1 1 
ATOM   327  C  CG2 . VAL A 1 38  ? 11.345  7.761   -5.537  1.00 9.64  ? 122 VAL A CG2 1 
ATOM   328  N  N   . ALA A 1 39  ? 13.039  4.761   -6.028  1.00 10.51 ? 123 ALA A N   1 
ATOM   329  C  CA  . ALA A 1 39  ? 14.179  4.221   -5.291  1.00 10.11 ? 123 ALA A CA  1 
ATOM   330  C  C   . ALA A 1 39  ? 14.482  2.808   -5.726  1.00 9.83  ? 123 ALA A C   1 
ATOM   331  O  O   . ALA A 1 39  ? 15.298  2.145   -5.073  1.00 8.94  ? 123 ALA A O   1 
ATOM   332  C  CB  . ALA A 1 39  ? 13.896  4.256   -3.788  1.00 9.58  ? 123 ALA A CB  1 
ATOM   333  N  N   . SER A 1 40  ? 13.814  2.345   -6.806  1.00 9.29  ? 124 SER A N   1 
ATOM   334  C  CA  . SER A 1 40  ? 14.006  0.971   -7.290  1.00 9.01  ? 124 SER A CA  1 
ATOM   335  C  C   . SER A 1 40  ? 13.832  0.872   -8.800  1.00 9.22  ? 124 SER A C   1 
ATOM   336  O  O   . SER A 1 40  ? 13.606  1.870   -9.471  1.00 9.31  ? 124 SER A O   1 
ATOM   337  C  CB  . SER A 1 40  ? 13.002  0.020   -6.611  1.00 8.32  ? 124 SER A CB  1 
ATOM   338  O  OG  . SER A 1 40  ? 11.701  0.162   -7.175  1.00 7.08  ? 124 SER A OG  1 
ATOM   339  N  N   . PRO A 1 41  ? 14.016  -0.329  -9.370  1.00 9.68  ? 125 PRO A N   1 
ATOM   340  C  CA  . PRO A 1 41  ? 13.832  -0.450  -10.829 1.00 10.10 ? 125 PRO A CA  1 
ATOM   341  C  C   . PRO A 1 41  ? 12.366  -0.741  -11.232 1.00 10.38 ? 125 PRO A C   1 
ATOM   342  O  O   . PRO A 1 41  ? 12.029  -0.846  -12.413 1.00 10.62 ? 125 PRO A O   1 
ATOM   343  C  CB  . PRO A 1 41  ? 14.770  -1.607  -11.187 1.00 10.06 ? 125 PRO A CB  1 
ATOM   344  C  CG  . PRO A 1 41  ? 14.705  -2.454  -10.012 1.00 10.48 ? 125 PRO A CG  1 
ATOM   345  C  CD  . PRO A 1 41  ? 14.741  -1.490  -8.833  1.00 9.66  ? 125 PRO A CD  1 
ATOM   346  N  N   . LEU A 1 42  ? 11.484  -0.864  -10.244 1.00 11.03 ? 126 LEU A N   1 
ATOM   347  C  CA  . LEU A 1 42  ? 10.069  -1.158  -10.503 1.00 11.11 ? 126 LEU A CA  1 
ATOM   348  C  C   . LEU A 1 42  ? 9.289   -0.034  -11.170 1.00 10.89 ? 126 LEU A C   1 
ATOM   349  O  O   . LEU A 1 42  ? 9.402   1.124   -10.785 1.00 10.60 ? 126 LEU A O   1 
ATOM   350  C  CB  . LEU A 1 42  ? 9.381   -1.554  -9.194  1.00 10.74 ? 126 LEU A CB  1 
ATOM   351  C  CG  . LEU A 1 42  ? 10.085  -2.688  -8.447  1.00 10.94 ? 126 LEU A CG  1 
ATOM   352  C  CD1 . LEU A 1 42  ? 9.711   -2.606  -6.980  1.00 10.84 ? 126 LEU A CD1 1 
ATOM   353  C  CD2 . LEU A 1 42  ? 9.743   -4.057  -9.025  1.00 11.15 ? 126 LEU A CD2 1 
ATOM   354  N  N   . ILE A 1 43  ? 8.440   -0.414  -12.129 1.00 11.37 ? 127 ILE A N   1 
ATOM   355  C  CA  . ILE A 1 43  ? 7.573   0.496   -12.916 1.00 10.95 ? 127 ILE A CA  1 
ATOM   356  C  C   . ILE A 1 43  ? 6.145   -0.064  -12.756 1.00 10.85 ? 127 ILE A C   1 
ATOM   357  O  O   . ILE A 1 43  ? 5.930   -1.266  -12.916 1.00 10.83 ? 127 ILE A O   1 
ATOM   358  C  CB  . ILE A 1 43  ? 8.000   0.506   -14.404 1.00 11.01 ? 127 ILE A CB  1 
ATOM   359  C  CG1 . ILE A 1 43  ? 9.452   1.015   -14.529 1.00 10.87 ? 127 ILE A CG1 1 
ATOM   360  C  CG2 . ILE A 1 43  ? 7.040   1.363   -15.199 1.00 10.94 ? 127 ILE A CG2 1 
ATOM   361  C  CD1 . ILE A 1 43  ? 10.164  0.678   -15.823 1.00 10.45 ? 127 ILE A CD1 1 
ATOM   362  N  N   . PHE A 1 44  ? 5.207   0.784   -12.348 1.00 10.64 ? 128 PHE A N   1 
ATOM   363  C  CA  . PHE A 1 44  ? 3.825   0.360   -12.069 1.00 10.76 ? 128 PHE A CA  1 
ATOM   364  C  C   . PHE A 1 44  ? 2.844   0.891   -13.082 1.00 10.48 ? 128 PHE A C   1 
ATOM   365  O  O   . PHE A 1 44  ? 2.820   2.090   -13.351 1.00 10.64 ? 128 PHE A O   1 
ATOM   366  C  CB  . PHE A 1 44  ? 3.405   0.794   -10.646 1.00 10.65 ? 128 PHE A CB  1 
ATOM   367  C  CG  . PHE A 1 44  ? 4.294   0.260   -9.574  1.00 11.37 ? 128 PHE A CG  1 
ATOM   368  C  CD1 . PHE A 1 44  ? 4.192   -1.076  -9.162  1.00 11.20 ? 128 PHE A CD1 1 
ATOM   369  C  CD2 . PHE A 1 44  ? 5.258   1.073   -8.984  1.00 11.27 ? 128 PHE A CD2 1 
ATOM   370  C  CE1 . PHE A 1 44  ? 5.035   -1.590  -8.185  1.00 11.13 ? 128 PHE A CE1 1 
ATOM   371  C  CE2 . PHE A 1 44  ? 6.111   0.559   -7.994  1.00 11.02 ? 128 PHE A CE2 1 
ATOM   372  C  CZ  . PHE A 1 44  ? 5.995   -0.774  -7.600  1.00 11.03 ? 128 PHE A CZ  1 
ATOM   373  N  N   . THR A 1 45  ? 2.028   0.000   -13.637 1.00 10.65 ? 129 THR A N   1 
ATOM   374  C  CA  . THR A 1 45  ? 1.069   0.399   -14.664 1.00 11.11 ? 129 THR A CA  1 
ATOM   375  C  C   . THR A 1 45  ? -0.350  0.061   -14.254 1.00 11.23 ? 129 THR A C   1 
ATOM   376  O  O   . THR A 1 45  ? -0.637  -1.090  -13.945 1.00 11.21 ? 129 THR A O   1 
ATOM   377  C  CB  . THR A 1 45  ? 1.402   -0.310  -15.971 1.00 11.54 ? 129 THR A CB  1 
ATOM   378  O  OG1 . THR A 1 45  ? 2.751   0.018   -16.353 1.00 12.25 ? 129 THR A OG1 1 
ATOM   379  C  CG2 . THR A 1 45  ? 0.430   0.131   -17.093 1.00 11.60 ? 129 THR A CG2 1 
ATOM   380  N  N   . ARG A 1 46  ? -1.223  1.061   -14.268 1.00 11.27 ? 130 ARG A N   1 
ATOM   381  C  CA  . ARG A 1 46  ? -2.612  0.884   -13.873 1.00 12.20 ? 130 ARG A CA  1 
ATOM   382  C  C   . ARG A 1 46  ? -3.514  0.277   -14.966 1.00 12.58 ? 130 ARG A C   1 
ATOM   383  O  O   . ARG A 1 46  ? -3.491  0.743   -16.105 1.00 11.89 ? 130 ARG A O   1 
ATOM   384  C  CB  . ARG A 1 46  ? -3.196  2.237   -13.447 1.00 12.12 ? 130 ARG A CB  1 
ATOM   385  C  CG  . ARG A 1 46  ? -4.690  2.218   -13.056 1.00 13.21 ? 130 ARG A CG  1 
ATOM   386  C  CD  . ARG A 1 46  ? -5.214  3.645   -12.766 1.00 14.04 ? 130 ARG A CD  1 
ATOM   387  N  NE  . ARG A 1 46  ? -6.634  3.692   -12.419 1.00 15.58 ? 130 ARG A NE  1 
ATOM   388  C  CZ  . ARG A 1 46  ? -7.610  3.477   -13.286 1.00 16.65 ? 130 ARG A CZ  1 
ATOM   389  N  NH1 . ARG A 1 46  ? -7.314  3.210   -14.554 1.00 17.55 ? 130 ARG A NH1 1 
ATOM   390  N  NH2 . ARG A 1 46  ? -8.883  3.471   -12.888 1.00 17.59 ? 130 ARG A NH2 1 
ATOM   391  N  N   . ILE A 1 47  ? -4.230  -0.804  -14.645 1.00 13.03 ? 131 ILE A N   1 
ATOM   392  C  CA  . ILE A 1 47  ? -5.179  -1.379  -15.607 1.00 13.57 ? 131 ILE A CA  1 
ATOM   393  C  C   . ILE A 1 47  ? -6.563  -1.180  -14.988 1.00 14.00 ? 131 ILE A C   1 
ATOM   394  O  O   . ILE A 1 47  ? -6.679  -1.088  -13.760 1.00 13.26 ? 131 ILE A O   1 
ATOM   395  C  CB  . ILE A 1 47  ? -4.894  -2.864  -16.015 1.00 13.64 ? 131 ILE A CB  1 
ATOM   396  C  CG1 . ILE A 1 47  ? -5.194  -3.842  -14.903 1.00 13.58 ? 131 ILE A CG1 1 
ATOM   397  C  CG2 . ILE A 1 47  ? -3.439  -3.021  -16.514 1.00 13.49 ? 131 ILE A CG2 1 
ATOM   398  C  CD1 . ILE A 1 47  ? -4.856  -5.284  -15.320 1.00 13.87 ? 131 ILE A CD1 1 
ATOM   399  N  N   . SER A 1 48  ? -7.579  -0.979  -15.822 1.00 14.36 ? 132 SER A N   1 
ATOM   400  C  CA  . SER A 1 48  ? -8.936  -0.715  -15.321 1.00 15.85 ? 132 SER A CA  1 
ATOM   401  C  C   . SER A 1 48  ? -9.841  -1.919  -15.154 1.00 16.71 ? 132 SER A C   1 
ATOM   402  O  O   . SER A 1 48  ? -10.931 -1.817  -14.592 1.00 17.14 ? 132 SER A O   1 
ATOM   403  C  CB  . SER A 1 48  ? -9.661  0.302   -16.213 1.00 15.84 ? 132 SER A CB  1 
ATOM   404  O  OG  . SER A 1 48  ? -8.921  1.491   -16.347 1.00 15.60 ? 132 SER A OG  1 
ATOM   405  N  N   . GLN A 1 49  ? -9.407  -3.047  -15.674 1.00 17.66 ? 133 GLN A N   1 
ATOM   406  C  CA  . GLN A 1 49  ? -10.187 -4.258  -15.606 1.00 19.50 ? 133 GLN A CA  1 
ATOM   407  C  C   . GLN A 1 49  ? -9.151  -5.281  -15.991 1.00 19.71 ? 133 GLN A C   1 
ATOM   408  O  O   . GLN A 1 49  ? -8.146  -4.942  -16.582 1.00 20.12 ? 133 GLN A O   1 
ATOM   409  C  CB  . GLN A 1 49  ? -11.299 -4.235  -16.669 1.00 21.21 ? 133 GLN A CB  1 
ATOM   410  C  CG  . GLN A 1 49  ? -12.754 -4.316  -16.154 1.00 24.04 ? 133 GLN A CG  1 
ATOM   411  C  CD  . GLN A 1 49  ? -13.354 -2.955  -15.750 1.00 25.46 ? 133 GLN A CD  1 
ATOM   412  O  OE1 . GLN A 1 49  ? -13.343 -1.985  -16.530 1.00 26.67 ? 133 GLN A OE1 1 
ATOM   413  N  NE2 . GLN A 1 49  ? -13.896 -2.889  -14.529 1.00 25.94 ? 133 GLN A NE2 1 
ATOM   414  N  N   . GLY A 1 50  ? -9.372  -6.529  -15.650 1.00 20.33 ? 134 GLY A N   1 
ATOM   415  C  CA  . GLY A 1 50  ? -8.407  -7.536  -16.023 1.00 21.09 ? 134 GLY A CA  1 
ATOM   416  C  C   . GLY A 1 50  ? -7.691  -8.013  -14.793 1.00 21.69 ? 134 GLY A C   1 
ATOM   417  O  O   . GLY A 1 50  ? -7.979  -7.553  -13.679 1.00 21.64 ? 134 GLY A O   1 
ATOM   418  N  N   . GLU A 1 51  ? -6.792  -8.965  -14.989 1.00 22.31 ? 135 GLU A N   1 
ATOM   419  C  CA  . GLU A 1 51  ? -6.035  -9.527  -13.890 1.00 23.03 ? 135 GLU A CA  1 
ATOM   420  C  C   . GLU A 1 51  ? -4.726  -8.798  -13.732 1.00 22.11 ? 135 GLU A C   1 
ATOM   421  O  O   . GLU A 1 51  ? -3.815  -9.007  -14.520 1.00 22.69 ? 135 GLU A O   1 
ATOM   422  C  CB  . GLU A 1 51  ? -5.769  -11.008 -14.135 1.00 24.77 ? 135 GLU A CB  1 
ATOM   423  C  CG  . GLU A 1 51  ? -6.775  -11.889 -13.429 1.00 27.70 ? 135 GLU A CG  1 
ATOM   424  C  CD  . GLU A 1 51  ? -6.746  -11.686 -11.911 1.00 29.20 ? 135 GLU A CD  1 
ATOM   425  O  OE1 . GLU A 1 51  ? -5.638  -11.406 -11.363 1.00 30.27 ? 135 GLU A OE1 1 
ATOM   426  O  OE2 . GLU A 1 51  ? -7.834  -11.802 -11.279 1.00 29.92 ? 135 GLU A OE2 1 
ATOM   427  N  N   . ALA A 1 52  ? -4.652  -7.899  -12.760 1.00 20.77 ? 136 ALA A N   1 
ATOM   428  C  CA  . ALA A 1 52  ? -3.422  -7.142  -12.513 1.00 18.86 ? 136 ALA A CA  1 
ATOM   429  C  C   . ALA A 1 52  ? -2.633  -7.922  -11.470 1.00 17.57 ? 136 ALA A C   1 
ATOM   430  O  O   . ALA A 1 52  ? -3.193  -8.814  -10.811 1.00 17.59 ? 136 ALA A O   1 
ATOM   431  C  CB  . ALA A 1 52  ? -3.754  -5.743  -11.998 1.00 19.02 ? 136 ALA A CB  1 
ATOM   432  N  N   . ASP A 1 53  ? -1.334  -7.647  -11.374 1.00 15.45 ? 137 ASP A N   1 
ATOM   433  C  CA  . ASP A 1 53  ? -0.472  -8.297  -10.382 1.00 13.83 ? 137 ASP A CA  1 
ATOM   434  C  C   . ASP A 1 53  ? -0.934  -7.971  -8.950  1.00 12.33 ? 137 ASP A C   1 
ATOM   435  O  O   . ASP A 1 53  ? -1.076  -8.848  -8.077  1.00 11.76 ? 137 ASP A O   1 
ATOM   436  C  CB  . ASP A 1 53  ? 0.969   -7.813  -10.536 1.00 13.89 ? 137 ASP A CB  1 
ATOM   437  C  CG  . ASP A 1 53  ? 1.570   -8.218  -11.842 1.00 13.90 ? 137 ASP A CG  1 
ATOM   438  O  OD1 . ASP A 1 53  ? 1.536   -9.427  -12.145 1.00 14.54 ? 137 ASP A OD1 1 
ATOM   439  O  OD2 . ASP A 1 53  ? 2.052   -7.334  -12.573 1.00 14.03 ? 137 ASP A OD2 1 
ATOM   440  N  N   . ILE A 1 54  ? -1.229  -6.705  -8.739  1.00 11.31 ? 138 ILE A N   1 
ATOM   441  C  CA  . ILE A 1 54  ? -1.646  -6.238  -7.440  1.00 10.37 ? 138 ILE A CA  1 
ATOM   442  C  C   . ILE A 1 54  ? -3.031  -5.656  -7.494  1.00 9.83  ? 138 ILE A C   1 
ATOM   443  O  O   . ILE A 1 54  ? -3.261  -4.640  -8.150  1.00 9.56  ? 138 ILE A O   1 
ATOM   444  C  CB  . ILE A 1 54  ? -0.690  -5.122  -6.932  1.00 10.05 ? 138 ILE A CB  1 
ATOM   445  C  CG1 . ILE A 1 54  ? 0.730   -5.669  -6.799  1.00 9.88  ? 138 ILE A CG1 1 
ATOM   446  C  CG2 . ILE A 1 54  ? -1.202  -4.523  -5.615  1.00 9.81  ? 138 ILE A CG2 1 
ATOM   447  C  CD1 . ILE A 1 54  ? 1.760   -4.564  -6.682  1.00 10.45 ? 138 ILE A CD1 1 
ATOM   448  N  N   . ASN A 1 55  ? -3.940  -6.284  -6.761  1.00 9.71  ? 139 ASN A N   1 
ATOM   449  C  CA  . ASN A 1 55  ? -5.299  -5.795  -6.678  1.00 9.55  ? 139 ASN A CA  1 
ATOM   450  C  C   . ASN A 1 55  ? -5.411  -4.939  -5.422  1.00 8.87  ? 139 ASN A C   1 
ATOM   451  O  O   . ASN A 1 55  ? -4.823  -5.269  -4.394  1.00 8.83  ? 139 ASN A O   1 
ATOM   452  C  CB  . ASN A 1 55  ? -6.274  -6.973  -6.577  1.00 10.79 ? 139 ASN A CB  1 
ATOM   453  C  CG  . ASN A 1 55  ? -6.442  -7.695  -7.870  1.00 11.65 ? 139 ASN A CG  1 
ATOM   454  O  OD1 . ASN A 1 55  ? -7.099  -7.202  -8.781  1.00 13.33 ? 139 ASN A OD1 1 
ATOM   455  N  ND2 . ASN A 1 55  ? -5.871  -8.885  -7.963  1.00 12.39 ? 139 ASN A ND2 1 
ATOM   456  N  N   . ILE A 1 56  ? -6.103  -3.815  -5.534  1.00 8.51  ? 140 ILE A N   1 
ATOM   457  C  CA  . ILE A 1 56  ? -6.337  -2.907  -4.432  1.00 8.49  ? 140 ILE A CA  1 
ATOM   458  C  C   . ILE A 1 56  ? -7.854  -2.851  -4.176  1.00 8.88  ? 140 ILE A C   1 
ATOM   459  O  O   . ILE A 1 56  ? -8.612  -2.509  -5.082  1.00 8.84  ? 140 ILE A O   1 
ATOM   460  C  CB  . ILE A 1 56  ? -5.859  -1.441  -4.706  1.00 8.83  ? 140 ILE A CB  1 
ATOM   461  C  CG1 . ILE A 1 56  ? -4.325  -1.362  -4.805  1.00 8.92  ? 140 ILE A CG1 1 
ATOM   462  C  CG2 . ILE A 1 56  ? -6.314  -0.499  -3.578  1.00 7.37  ? 140 ILE A CG2 1 
ATOM   463  C  CD1 . ILE A 1 56  ? -3.799  -1.529  -6.161  1.00 9.99  ? 140 ILE A CD1 1 
ATOM   464  N  N   . ALA A 1 57  ? -8.277  -3.111  -2.936  1.00 8.45  ? 141 ALA A N   1 
ATOM   465  C  CA  . ALA A 1 57  ? -9.683  -3.055  -2.614  1.00 8.55  ? 141 ALA A CA  1 
ATOM   466  C  C   . ALA A 1 57  ? -9.964  -2.627  -1.196  1.00 8.98  ? 141 ALA A C   1 
ATOM   467  O  O   . ALA A 1 57  ? -9.129  -2.826  -0.306  1.00 8.22  ? 141 ALA A O   1 
ATOM   468  C  CB  . ALA A 1 57  ? -10.321 -4.424  -2.854  1.00 8.83  ? 141 ALA A CB  1 
ATOM   469  N  N   . PHE A 1 58  ? -11.179 -2.091  -1.009  1.00 8.97  ? 142 PHE A N   1 
ATOM   470  C  CA  . PHE A 1 58  ? -11.715 -1.660  0.273   1.00 9.21  ? 142 PHE A CA  1 
ATOM   471  C  C   . PHE A 1 58  ? -12.754 -2.710  0.698   1.00 10.00 ? 142 PHE A C   1 
ATOM   472  O  O   . PHE A 1 58  ? -13.799 -2.847  0.047   1.00 9.12  ? 142 PHE A O   1 
ATOM   473  C  CB  . PHE A 1 58  ? -12.377 -0.299  0.126   1.00 9.17  ? 142 PHE A CB  1 
ATOM   474  C  CG  . PHE A 1 58  ? -11.417 0.787   -0.237  1.00 9.77  ? 142 PHE A CG  1 
ATOM   475  C  CD1 . PHE A 1 58  ? -11.020 0.960   -1.559  1.00 9.97  ? 142 PHE A CD1 1 
ATOM   476  C  CD2 . PHE A 1 58  ? -10.855 1.600   0.753   1.00 9.71  ? 142 PHE A CD2 1 
ATOM   477  C  CE1 . PHE A 1 58  ? -10.064 1.938   -1.901  1.00 9.81  ? 142 PHE A CE1 1 
ATOM   478  C  CE2 . PHE A 1 58  ? -9.902  2.575   0.432   1.00 9.77  ? 142 PHE A CE2 1 
ATOM   479  C  CZ  . PHE A 1 58  ? -9.507  2.742   -0.904  1.00 10.13 ? 142 PHE A CZ  1 
ATOM   480  N  N   . TYR A 1 59  ? -12.438 -3.478  1.743   1.00 10.54 ? 143 TYR A N   1 
ATOM   481  C  CA  . TYR A 1 59  ? -13.345 -4.528  2.235   1.00 12.15 ? 143 TYR A CA  1 
ATOM   482  C  C   . TYR A 1 59  ? -13.661 -4.354  3.701   1.00 13.17 ? 143 TYR A C   1 
ATOM   483  O  O   . TYR A 1 59  ? -12.893 -3.691  4.441   1.00 13.31 ? 143 TYR A O   1 
ATOM   484  C  CB  . TYR A 1 59  ? -12.737 -5.920  2.073   1.00 11.77 ? 143 TYR A CB  1 
ATOM   485  C  CG  . TYR A 1 59  ? -12.509 -6.384  0.644   1.00 11.65 ? 143 TYR A CG  1 
ATOM   486  C  CD1 . TYR A 1 59  ? -13.501 -6.239  -0.331  1.00 11.37 ? 143 TYR A CD1 1 
ATOM   487  C  CD2 . TYR A 1 59  ? -11.298 -6.996  0.282   1.00 11.13 ? 143 TYR A CD2 1 
ATOM   488  C  CE1 . TYR A 1 59  ? -13.282 -6.693  -1.632  1.00 11.99 ? 143 TYR A CE1 1 
ATOM   489  C  CE2 . TYR A 1 59  ? -11.065 -7.456  -0.997  1.00 11.43 ? 143 TYR A CE2 1 
ATOM   490  C  CZ  . TYR A 1 59  ? -12.059 -7.303  -1.960  1.00 12.27 ? 143 TYR A CZ  1 
ATOM   491  O  OH  . TYR A 1 59  ? -11.827 -7.792  -3.245  1.00 12.66 ? 143 TYR A OH  1 
ATOM   492  N  N   . GLN A 1 60  ? -14.751 -5.012  4.121   1.00 14.00 ? 144 GLN A N   1 
ATOM   493  C  CA  . GLN A 1 60  ? -15.245 -5.003  5.498   1.00 14.58 ? 144 GLN A CA  1 
ATOM   494  C  C   . GLN A 1 60  ? -15.236 -6.397  6.128   1.00 14.05 ? 144 GLN A C   1 
ATOM   495  O  O   . GLN A 1 60  ? -15.478 -7.397  5.443   1.00 13.42 ? 144 GLN A O   1 
ATOM   496  C  CB  . GLN A 1 60  ? -16.672 -4.444  5.577   1.00 16.30 ? 144 GLN A CB  1 
ATOM   497  C  CG  . GLN A 1 60  ? -16.722 -2.930  5.518   1.00 19.75 ? 144 GLN A CG  1 
ATOM   498  C  CD  . GLN A 1 60  ? -18.046 -2.331  5.986   1.00 21.51 ? 144 GLN A CD  1 
ATOM   499  O  OE1 . GLN A 1 60  ? -18.777 -2.945  6.788   1.00 23.22 ? 144 GLN A OE1 1 
ATOM   500  N  NE2 . GLN A 1 60  ? -18.335 -1.092  5.543   1.00 21.75 ? 144 GLN A NE2 1 
ATOM   501  N  N   . ARG A 1 61  ? -14.918 -6.417  7.432   1.00 13.31 ? 145 ARG A N   1 
ATOM   502  C  CA  . ARG A 1 61  ? -14.860 -7.604  8.287   1.00 13.27 ? 145 ARG A CA  1 
ATOM   503  C  C   . ARG A 1 61  ? -14.392 -8.808  7.522   1.00 13.35 ? 145 ARG A C   1 
ATOM   504  O  O   . ARG A 1 61  ? -13.277 -8.773  6.986   1.00 12.78 ? 145 ARG A O   1 
ATOM   505  C  CB  . ARG A 1 61  ? -16.217 -7.830  8.933   1.00 13.36 ? 145 ARG A CB  1 
ATOM   506  C  CG  . ARG A 1 61  ? -16.759 -6.596  9.618   1.00 13.47 ? 145 ARG A CG  1 
ATOM   507  C  CD  . ARG A 1 61  ? -16.078 -6.349  10.961  1.00 15.04 ? 145 ARG A CD  1 
ATOM   508  N  NE  . ARG A 1 61  ? -16.618 -5.142  11.588  1.00 15.71 ? 145 ARG A NE  1 
ATOM   509  C  CZ  . ARG A 1 61  ? -16.913 -5.001  12.878  1.00 16.23 ? 145 ARG A CZ  1 
ATOM   510  N  NH1 . ARG A 1 61  ? -16.717 -6.006  13.730  1.00 16.94 ? 145 ARG A NH1 1 
ATOM   511  N  NH2 . ARG A 1 61  ? -17.466 -3.868  13.305  1.00 15.87 ? 145 ARG A NH2 1 
ATOM   512  N  N   . ASP A 1 62  ? -15.224 -9.843  7.420   1.00 13.28 ? 146 ASP A N   1 
ATOM   513  C  CA  . ASP A 1 62  ? -14.850 -11.032 6.653   1.00 14.30 ? 146 ASP A CA  1 
ATOM   514  C  C   . ASP A 1 62  ? -14.909 -10.729 5.157   1.00 13.73 ? 146 ASP A C   1 
ATOM   515  O  O   . ASP A 1 62  ? -15.909 -10.213 4.678   1.00 13.43 ? 146 ASP A O   1 
ATOM   516  C  CB  . ASP A 1 62  ? -15.790 -12.199 6.942   1.00 15.79 ? 146 ASP A CB  1 
ATOM   517  C  CG  . ASP A 1 62  ? -15.553 -12.801 8.302   1.00 17.90 ? 146 ASP A CG  1 
ATOM   518  O  OD1 . ASP A 1 62  ? -14.410 -13.285 8.555   1.00 18.82 ? 146 ASP A OD1 1 
ATOM   519  O  OD2 . ASP A 1 62  ? -16.517 -12.799 9.109   1.00 18.29 ? 146 ASP A OD2 1 
ATOM   520  N  N   . HIS A 1 63  ? -13.860 -11.112 4.424   1.00 13.36 ? 147 HIS A N   1 
ATOM   521  C  CA  . HIS A 1 63  ? -13.769 -10.860 2.979   1.00 13.13 ? 147 HIS A CA  1 
ATOM   522  C  C   . HIS A 1 63  ? -12.991 -11.942 2.237   1.00 13.32 ? 147 HIS A C   1 
ATOM   523  O  O   . HIS A 1 63  ? -12.089 -11.693 1.439   1.00 13.50 ? 147 HIS A O   1 
ATOM   524  C  CB  . HIS A 1 63  ? -13.236 -9.446  2.677   1.00 11.89 ? 147 HIS A CB  1 
ATOM   525  C  CG  . HIS A 1 63  ? -11.923 -9.127  3.334   1.00 11.73 ? 147 HIS A CG  1 
ATOM   526  N  ND1 . HIS A 1 63  ? -11.802 -8.631  4.614   1.00 11.26 ? 147 HIS A ND1 1 
ATOM   527  C  CD2 . HIS A 1 63  ? -10.653 -9.278  2.877   1.00 11.26 ? 147 HIS A CD2 1 
ATOM   528  C  CE1 . HIS A 1 63  ? -10.491 -8.507  4.896   1.00 11.70 ? 147 HIS A CE1 1 
ATOM   529  N  NE2 . HIS A 1 63  ? -9.751  -8.885  3.874   1.00 10.97 ? 147 HIS A NE2 1 
ATOM   530  N  N   . GLY A 1 64  ? -13.326 -13.173 2.571   1.00 13.74 ? 148 GLY A N   1 
ATOM   531  C  CA  . GLY A 1 64  ? -12.747 -14.325 1.912   1.00 14.80 ? 148 GLY A CA  1 
ATOM   532  C  C   . GLY A 1 64  ? -11.280 -14.663 1.901   1.00 15.22 ? 148 GLY A C   1 
ATOM   533  O  O   . GLY A 1 64  ? -10.900 -15.510 1.097   1.00 15.21 ? 148 GLY A O   1 
ATOM   534  N  N   . ASP A 1 65  ? -10.454 -14.063 2.756   1.00 15.93 ? 149 ASP A N   1 
ATOM   535  C  CA  . ASP A 1 65  ? -9.039  -14.419 2.749   1.00 16.96 ? 149 ASP A CA  1 
ATOM   536  C  C   . ASP A 1 65  ? -8.504  -14.883 4.091   1.00 18.72 ? 149 ASP A C   1 
ATOM   537  O  O   . ASP A 1 65  ? -7.293  -14.910 4.300   1.00 19.94 ? 149 ASP A O   1 
ATOM   538  C  CB  . ASP A 1 65  ? -8.159  -13.287 2.188   1.00 15.49 ? 149 ASP A CB  1 
ATOM   539  C  CG  . ASP A 1 65  ? -8.130  -12.055 3.069   1.00 14.27 ? 149 ASP A CG  1 
ATOM   540  O  OD1 . ASP A 1 65  ? -8.682  -12.086 4.185   1.00 13.23 ? 149 ASP A OD1 1 
ATOM   541  O  OD2 . ASP A 1 65  ? -7.534  -11.042 2.636   1.00 12.44 ? 149 ASP A OD2 1 
ATOM   542  N  N   . ASN A 1 66  ? -9.394  -15.182 5.028   1.00 19.91 ? 150 ASN A N   1 
ATOM   543  C  CA  . ASN A 1 66  ? -8.968  -15.672 6.338   1.00 21.05 ? 150 ASN A CA  1 
ATOM   544  C  C   . ASN A 1 66  ? -8.171  -14.703 7.215   1.00 20.63 ? 150 ASN A C   1 
ATOM   545  O  O   . ASN A 1 66  ? -7.360  -15.130 8.017   1.00 21.39 ? 150 ASN A O   1 
ATOM   546  C  CB  . ASN A 1 66  ? -8.180  -16.982 6.192   1.00 23.01 ? 150 ASN A CB  1 
ATOM   547  C  CG  . ASN A 1 66  ? -9.083  -18.210 5.995   1.00 25.03 ? 150 ASN A CG  1 
ATOM   548  O  OD1 . ASN A 1 66  ? -10.330 -18.112 5.954   1.00 26.17 ? 150 ASN A OD1 1 
ATOM   549  N  ND2 . ASN A 1 66  ? -8.451  -19.384 5.877   1.00 25.78 ? 150 ASN A ND2 1 
ATOM   550  N  N   . SER A 1 67  ? -8.407  -13.406 7.059   1.00 19.65 ? 151 SER A N   1 
ATOM   551  C  CA  . SER A 1 67  ? -7.752  -12.380 7.868   1.00 18.23 ? 151 SER A CA  1 
ATOM   552  C  C   . SER A 1 67  ? -8.737  -11.226 7.807   1.00 16.45 ? 151 SER A C   1 
ATOM   553  O  O   . SER A 1 67  ? -8.538  -10.253 7.079   1.00 16.17 ? 151 SER A O   1 
ATOM   554  C  CB  . SER A 1 67  ? -6.427  -11.965 7.239   1.00 19.19 ? 151 SER A CB  1 
ATOM   555  O  OG  . SER A 1 67  ? -5.614  -13.098 6.997   1.00 21.28 ? 151 SER A OG  1 
ATOM   556  N  N   . PRO A 1 68  ? -9.848  -11.349 8.537   1.00 15.03 ? 152 PRO A N   1 
ATOM   557  C  CA  . PRO A 1 68  ? -10.896 -10.326 8.561   1.00 14.02 ? 152 PRO A CA  1 
ATOM   558  C  C   . PRO A 1 68  ? -10.539 -8.977  9.187   1.00 12.64 ? 152 PRO A C   1 
ATOM   559  O  O   . PRO A 1 68  ? -9.709  -8.899  10.087  1.00 13.21 ? 152 PRO A O   1 
ATOM   560  C  CB  . PRO A 1 68  ? -12.017 -11.032 9.333   1.00 14.38 ? 152 PRO A CB  1 
ATOM   561  C  CG  . PRO A 1 68  ? -11.235 -11.836 10.350  1.00 14.89 ? 152 PRO A CG  1 
ATOM   562  C  CD  . PRO A 1 68  ? -10.136 -12.431 9.502   1.00 14.78 ? 152 PRO A CD  1 
ATOM   563  N  N   . PHE A 1 69  ? -11.150 -7.912  8.692   1.00 11.09 ? 153 PHE A N   1 
ATOM   564  C  CA  . PHE A 1 69  ? -10.919 -6.614  9.267   1.00 10.02 ? 153 PHE A CA  1 
ATOM   565  C  C   . PHE A 1 69  ? -11.669 -6.575  10.604  1.00 9.94  ? 153 PHE A C   1 
ATOM   566  O  O   . PHE A 1 69  ? -12.456 -7.478  10.884  1.00 9.83  ? 153 PHE A O   1 
ATOM   567  C  CB  . PHE A 1 69  ? -11.280 -5.505  8.301   1.00 10.30 ? 153 PHE A CB  1 
ATOM   568  C  CG  . PHE A 1 69  ? -10.227 -5.297  7.209   1.00 10.26 ? 153 PHE A CG  1 
ATOM   569  C  CD1 . PHE A 1 69  ? -8.865  -5.240  7.536   1.00 10.01 ? 153 PHE A CD1 1 
ATOM   570  C  CD2 . PHE A 1 69  ? -10.588 -5.198  5.867   1.00 10.19 ? 153 PHE A CD2 1 
ATOM   571  C  CE1 . PHE A 1 69  ? -7.882  -5.095  6.540   1.00 10.02 ? 153 PHE A CE1 1 
ATOM   572  C  CE2 . PHE A 1 69  ? -9.602  -5.051  4.868   1.00 9.75  ? 153 PHE A CE2 1 
ATOM   573  C  CZ  . PHE A 1 69  ? -8.253  -5.001  5.209   1.00 9.21  ? 153 PHE A CZ  1 
ATOM   574  N  N   . ASP A 1 70  ? -11.472 -5.524  11.392  1.00 8.91  ? 154 ASP A N   1 
ATOM   575  C  CA  . ASP A 1 70  ? -12.031 -5.438  12.750  1.00 8.80  ? 154 ASP A CA  1 
ATOM   576  C  C   . ASP A 1 70  ? -12.872 -4.202  13.061  1.00 8.90  ? 154 ASP A C   1 
ATOM   577  O  O   . ASP A 1 70  ? -13.043 -3.851  14.227  1.00 9.34  ? 154 ASP A O   1 
ATOM   578  C  CB  . ASP A 1 70  ? -10.863 -5.508  13.771  1.00 7.81  ? 154 ASP A CB  1 
ATOM   579  C  CG  . ASP A 1 70  ? -9.759  -4.405  13.525  1.00 8.01  ? 154 ASP A CG  1 
ATOM   580  O  OD1 . ASP A 1 70  ? -9.739  -3.732  12.442  1.00 6.17  ? 154 ASP A OD1 1 
ATOM   581  O  OD2 . ASP A 1 70  ? -8.903  -4.216  14.429  1.00 6.19  ? 154 ASP A OD2 1 
ATOM   582  N  N   . GLY A 1 71  ? -13.385 -3.537  12.041  1.00 8.71  ? 155 GLY A N   1 
ATOM   583  C  CA  . GLY A 1 71  ? -14.170 -2.344  12.300  1.00 9.60  ? 155 GLY A CA  1 
ATOM   584  C  C   . GLY A 1 71  ? -13.274 -1.113  12.439  1.00 9.99  ? 155 GLY A C   1 
ATOM   585  O  O   . GLY A 1 71  ? -12.045 -1.183  12.166  1.00 10.26 ? 155 GLY A O   1 
ATOM   586  N  N   . PRO A 1 72  ? -13.858 0.046   12.771  1.00 10.24 ? 156 PRO A N   1 
ATOM   587  C  CA  . PRO A 1 72  ? -13.166 1.335   12.951  1.00 11.00 ? 156 PRO A CA  1 
ATOM   588  C  C   . PRO A 1 72  ? -11.913 1.211   13.817  1.00 11.40 ? 156 PRO A C   1 
ATOM   589  O  O   . PRO A 1 72  ? -11.945 0.550   14.855  1.00 12.10 ? 156 PRO A O   1 
ATOM   590  C  CB  . PRO A 1 72  ? -14.229 2.195   13.622  1.00 11.19 ? 156 PRO A CB  1 
ATOM   591  C  CG  . PRO A 1 72  ? -15.488 1.711   12.938  1.00 10.49 ? 156 PRO A CG  1 
ATOM   592  C  CD  . PRO A 1 72  ? -15.303 0.203   12.992  1.00 10.56 ? 156 PRO A CD  1 
ATOM   593  N  N   . ASN A 1 73  ? -10.838 1.879   13.388  1.00 11.41 ? 157 ASN A N   1 
ATOM   594  C  CA  . ASN A 1 73  ? -9.523  1.869   14.041  1.00 10.98 ? 157 ASN A CA  1 
ATOM   595  C  C   . ASN A 1 73  ? -8.928  0.464   14.090  1.00 10.47 ? 157 ASN A C   1 
ATOM   596  O  O   . ASN A 1 73  ? -9.301  -0.393  13.269  1.00 10.24 ? 157 ASN A O   1 
ATOM   597  C  CB  . ASN A 1 73  ? -9.589  2.506   15.421  1.00 12.48 ? 157 ASN A CB  1 
ATOM   598  C  CG  . ASN A 1 73  ? -10.157 3.913   15.382  1.00 13.21 ? 157 ASN A CG  1 
ATOM   599  O  OD1 . ASN A 1 73  ? -9.548  4.837   14.832  1.00 14.40 ? 157 ASN A OD1 1 
ATOM   600  N  ND2 . ASN A 1 73  ? -11.333 4.084   15.958  1.00 14.15 ? 157 ASN A ND2 1 
ATOM   601  N  N   . GLY A 1 74  ? -7.998  0.222   15.013  1.00 9.90  ? 158 GLY A N   1 
ATOM   602  C  CA  . GLY A 1 74  ? -7.388  -1.090  15.102  1.00 9.43  ? 158 GLY A CA  1 
ATOM   603  C  C   . GLY A 1 74  ? -6.632  -1.438  13.828  1.00 9.63  ? 158 GLY A C   1 
ATOM   604  O  O   . GLY A 1 74  ? -5.757  -0.663  13.383  1.00 8.58  ? 158 GLY A O   1 
ATOM   605  N  N   . ILE A 1 75  ? -6.898  -2.601  13.239  1.00 9.02  ? 159 ILE A N   1 
ATOM   606  C  CA  . ILE A 1 75  ? -6.183  -2.885  12.007  1.00 9.85  ? 159 ILE A CA  1 
ATOM   607  C  C   . ILE A 1 75  ? -6.776  -2.038  10.876  1.00 9.61  ? 159 ILE A C   1 
ATOM   608  O  O   . ILE A 1 75  ? -8.014  -1.914  10.753  1.00 10.48 ? 159 ILE A O   1 
ATOM   609  C  CB  . ILE A 1 75  ? -5.967  -4.400  11.686  1.00 9.68  ? 159 ILE A CB  1 
ATOM   610  C  CG1 . ILE A 1 75  ? -6.520  -4.768  10.322  1.00 10.13 ? 159 ILE A CG1 1 
ATOM   611  C  CG2 . ILE A 1 75  ? -6.363  -5.277  12.804  1.00 9.83  ? 159 ILE A CG2 1 
ATOM   612  C  CD1 . ILE A 1 75  ? -5.494  -4.707  9.292   1.00 10.24 ? 159 ILE A CD1 1 
ATOM   613  N  N   . LEU A 1 76  ? -5.878  -1.386  10.131  1.00 8.86  ? 160 LEU A N   1 
ATOM   614  C  CA  . LEU A 1 76  ? -6.229  -0.459  9.053   1.00 8.22  ? 160 LEU A CA  1 
ATOM   615  C  C   . LEU A 1 76  ? -6.221  -1.047  7.638   1.00 7.68  ? 160 LEU A C   1 
ATOM   616  O  O   . LEU A 1 76  ? -7.023  -0.646  6.772   1.00 7.45  ? 160 LEU A O   1 
ATOM   617  C  CB  . LEU A 1 76  ? -5.240  0.710   9.088   1.00 8.85  ? 160 LEU A CB  1 
ATOM   618  C  CG  . LEU A 1 76  ? -5.535  2.015   9.828   1.00 9.10  ? 160 LEU A CG  1 
ATOM   619  C  CD1 . LEU A 1 76  ? -6.595  1.864   10.862  1.00 9.12  ? 160 LEU A CD1 1 
ATOM   620  C  CD2 . LEU A 1 76  ? -4.253  2.573   10.429  1.00 8.84  ? 160 LEU A CD2 1 
ATOM   621  N  N   . ALA A 1 77  ? -5.327  -2.001  7.419   1.00 6.89  ? 161 ALA A N   1 
ATOM   622  C  CA  . ALA A 1 77  ? -5.161  -2.596  6.109   1.00 6.77  ? 161 ALA A CA  1 
ATOM   623  C  C   . ALA A 1 77  ? -4.136  -3.688  6.192   1.00 6.50  ? 161 ALA A C   1 
ATOM   624  O  O   . ALA A 1 77  ? -3.474  -3.841  7.206   1.00 6.49  ? 161 ALA A O   1 
ATOM   625  C  CB  . ALA A 1 77  ? -4.671  -1.525  5.116   1.00 6.00  ? 161 ALA A CB  1 
ATOM   626  N  N   . HIS A 1 78  ? -4.047  -4.471  5.126   1.00 7.21  ? 162 HIS A N   1 
ATOM   627  C  CA  . HIS A 1 78  ? -3.057  -5.515  5.036   1.00 7.83  ? 162 HIS A CA  1 
ATOM   628  C  C   . HIS A 1 78  ? -2.720  -5.855  3.596   1.00 8.34  ? 162 HIS A C   1 
ATOM   629  O  O   . HIS A 1 78  ? -3.508  -5.565  2.686   1.00 8.91  ? 162 HIS A O   1 
ATOM   630  C  CB  . HIS A 1 78  ? -3.384  -6.735  5.907   1.00 8.45  ? 162 HIS A CB  1 
ATOM   631  C  CG  . HIS A 1 78  ? -4.633  -7.454  5.536   1.00 8.82  ? 162 HIS A CG  1 
ATOM   632  N  ND1 . HIS A 1 78  ? -5.518  -7.956  6.461   1.00 8.44  ? 162 HIS A ND1 1 
ATOM   633  C  CD2 . HIS A 1 78  ? -5.125  -7.803  4.318   1.00 8.95  ? 162 HIS A CD2 1 
ATOM   634  C  CE1 . HIS A 1 78  ? -6.499  -8.578  5.796   1.00 8.70  ? 162 HIS A CE1 1 
ATOM   635  N  NE2 . HIS A 1 78  ? -6.301  -8.514  4.494   1.00 9.54  ? 162 HIS A NE2 1 
ATOM   636  N  N   . ALA A 1 79  ? -1.527  -6.399  3.391   1.00 8.43  ? 163 ALA A N   1 
ATOM   637  C  CA  . ALA A 1 79  ? -1.054  -6.728  2.063   1.00 9.31  ? 163 ALA A CA  1 
ATOM   638  C  C   . ALA A 1 79  ? -0.408  -8.081  2.102   1.00 9.88  ? 163 ALA A C   1 
ATOM   639  O  O   . ALA A 1 79  ? -0.100  -8.589  3.187   1.00 10.46 ? 163 ALA A O   1 
ATOM   640  C  CB  . ALA A 1 79  ? -0.042  -5.681  1.580   1.00 8.72  ? 163 ALA A CB  1 
ATOM   641  N  N   . PHE A 1 80  ? -0.226  -8.679  0.928   1.00 10.37 ? 164 PHE A N   1 
ATOM   642  C  CA  . PHE A 1 80  ? 0.386   -9.991  0.825   1.00 11.08 ? 164 PHE A CA  1 
ATOM   643  C  C   . PHE A 1 80  ? 1.709   -9.868  0.092   1.00 12.17 ? 164 PHE A C   1 
ATOM   644  O  O   . PHE A 1 80  ? 1.833   -9.074  -0.848  1.00 11.71 ? 164 PHE A O   1 
ATOM   645  C  CB  . PHE A 1 80  ? -0.534  -10.939 0.078   1.00 11.24 ? 164 PHE A CB  1 
ATOM   646  C  CG  . PHE A 1 80  ? -1.856  -11.124 0.731   1.00 11.67 ? 164 PHE A CG  1 
ATOM   647  C  CD1 . PHE A 1 80  ? -2.837  -10.161 0.620   1.00 11.86 ? 164 PHE A CD1 1 
ATOM   648  C  CD2 . PHE A 1 80  ? -2.114  -12.256 1.465   1.00 12.23 ? 164 PHE A CD2 1 
ATOM   649  C  CE1 . PHE A 1 80  ? -4.091  -10.320 1.242   1.00 12.76 ? 164 PHE A CE1 1 
ATOM   650  C  CE2 . PHE A 1 80  ? -3.354  -12.433 2.097   1.00 13.42 ? 164 PHE A CE2 1 
ATOM   651  C  CZ  . PHE A 1 80  ? -4.351  -11.451 1.982   1.00 12.92 ? 164 PHE A CZ  1 
ATOM   652  N  N   . GLN A 1 81  ? 2.669   -10.701 0.471   1.00 13.48 ? 165 GLN A N   1 
ATOM   653  C  CA  . GLN A 1 81  ? 3.987   -10.672 -0.151  1.00 15.35 ? 165 GLN A CA  1 
ATOM   654  C  C   . GLN A 1 81  ? 3.953   -11.081 -1.630  1.00 15.33 ? 165 GLN A C   1 
ATOM   655  O  O   . GLN A 1 81  ? 3.004   -11.752 -2.068  1.00 15.33 ? 165 GLN A O   1 
ATOM   656  C  CB  . GLN A 1 81  ? 4.945   -11.556 0.631   1.00 16.95 ? 165 GLN A CB  1 
ATOM   657  C  CG  . GLN A 1 81  ? 4.639   -13.018 0.580   1.00 20.33 ? 165 GLN A CG  1 
ATOM   658  C  CD  . GLN A 1 81  ? 5.425   -13.789 1.627   1.00 22.58 ? 165 GLN A CD  1 
ATOM   659  O  OE1 . GLN A 1 81  ? 6.004   -13.193 2.546   1.00 23.85 ? 165 GLN A OE1 1 
ATOM   660  N  NE2 . GLN A 1 81  ? 5.444   -15.124 1.503   1.00 24.10 ? 165 GLN A NE2 1 
ATOM   661  N  N   . PRO A 1 82  ? 4.974   -10.674 -2.418  1.00 15.28 ? 166 PRO A N   1 
ATOM   662  C  CA  . PRO A 1 82  ? 5.041   -11.006 -3.849  1.00 15.54 ? 166 PRO A CA  1 
ATOM   663  C  C   . PRO A 1 82  ? 4.758   -12.483 -4.095  1.00 15.84 ? 166 PRO A C   1 
ATOM   664  O  O   . PRO A 1 82  ? 5.188   -13.322 -3.322  1.00 15.43 ? 166 PRO A O   1 
ATOM   665  C  CB  . PRO A 1 82  ? 6.486   -10.674 -4.203  1.00 15.22 ? 166 PRO A CB  1 
ATOM   666  C  CG  . PRO A 1 82  ? 6.796   -9.553  -3.330  1.00 15.18 ? 166 PRO A CG  1 
ATOM   667  C  CD  . PRO A 1 82  ? 6.178   -9.924  -2.009  1.00 15.27 ? 166 PRO A CD  1 
ATOM   668  N  N   . GLY A 1 83  ? 3.986   -12.779 -5.142  1.00 16.97 ? 167 GLY A N   1 
ATOM   669  C  CA  . GLY A 1 83  ? 3.641   -14.149 -5.494  1.00 17.44 ? 167 GLY A CA  1 
ATOM   670  C  C   . GLY A 1 83  ? 2.402   -14.174 -6.382  1.00 18.14 ? 167 GLY A C   1 
ATOM   671  O  O   . GLY A 1 83  ? 1.849   -13.125 -6.706  1.00 18.26 ? 167 GLY A O   1 
ATOM   672  N  N   . GLN A 1 84  ? 1.963   -15.367 -6.772  1.00 18.94 ? 168 GLN A N   1 
ATOM   673  C  CA  . GLN A 1 84  ? 0.790   -15.521 -7.635  1.00 19.73 ? 168 GLN A CA  1 
ATOM   674  C  C   . GLN A 1 84  ? -0.549  -15.341 -6.929  1.00 18.63 ? 168 GLN A C   1 
ATOM   675  O  O   . GLN A 1 84  ? -0.674  -15.542 -5.736  1.00 18.27 ? 168 GLN A O   1 
ATOM   676  C  CB  . GLN A 1 84  ? 0.798   -16.884 -8.334  1.00 21.66 ? 168 GLN A CB  1 
ATOM   677  C  CG  . GLN A 1 84  ? 1.418   -16.869 -9.708  1.00 25.20 ? 168 GLN A CG  1 
ATOM   678  C  CD  . GLN A 1 84  ? 0.769   -15.835 -10.627 1.00 27.29 ? 168 GLN A CD  1 
ATOM   679  O  OE1 . GLN A 1 84  ? -0.429  -15.511 -10.487 1.00 28.42 ? 168 GLN A OE1 1 
ATOM   680  N  NE2 . GLN A 1 84  ? 1.564   -15.283 -11.556 1.00 28.28 ? 168 GLN A NE2 1 
ATOM   681  N  N   . GLY A 1 85  ? -1.555  -14.933 -7.680  1.00 17.86 ? 169 GLY A N   1 
ATOM   682  C  CA  . GLY A 1 85  ? -2.869  -14.756 -7.084  1.00 17.11 ? 169 GLY A CA  1 
ATOM   683  C  C   . GLY A 1 85  ? -2.968  -13.663 -6.030  1.00 16.07 ? 169 GLY A C   1 
ATOM   684  O  O   . GLY A 1 85  ? -2.717  -12.477 -6.332  1.00 15.90 ? 169 GLY A O   1 
ATOM   685  N  N   . ILE A 1 86  ? -3.367  -14.063 -4.819  1.00 15.30 ? 170 ILE A N   1 
ATOM   686  C  CA  . ILE A 1 86  ? -3.522  -13.161 -3.681  1.00 14.23 ? 170 ILE A CA  1 
ATOM   687  C  C   . ILE A 1 86  ? -2.169  -12.440 -3.418  1.00 13.58 ? 170 ILE A C   1 
ATOM   688  O  O   . ILE A 1 86  ? -2.146  -11.282 -3.003  1.00 13.18 ? 170 ILE A O   1 
ATOM   689  C  CB  . ILE A 1 86  ? -4.006  -13.945 -2.418  1.00 14.18 ? 170 ILE A CB  1 
ATOM   690  C  CG1 . ILE A 1 86  ? -4.438  -13.002 -1.296  1.00 14.49 ? 170 ILE A CG1 1 
ATOM   691  C  CG2 . ILE A 1 86  ? -2.890  -14.821 -1.893  1.00 14.39 ? 170 ILE A CG2 1 
ATOM   692  C  CD1 . ILE A 1 86  ? -5.823  -12.400 -1.441  1.00 14.52 ? 170 ILE A CD1 1 
ATOM   693  N  N   . GLY A 1 87  ? -1.067  -13.094 -3.783  1.00 12.93 ? 171 GLY A N   1 
ATOM   694  C  CA  . GLY A 1 87  ? 0.250   -12.509 -3.609  1.00 12.06 ? 171 GLY A CA  1 
ATOM   695  C  C   . GLY A 1 87  ? 0.269   -11.088 -4.150  1.00 11.59 ? 171 GLY A C   1 
ATOM   696  O  O   . GLY A 1 87  ? -0.398  -10.774 -5.182  1.00 10.76 ? 171 GLY A O   1 
ATOM   697  N  N   . GLY A 1 88  ? 0.939   -10.219 -3.394  1.00 10.93 ? 172 GLY A N   1 
ATOM   698  C  CA  . GLY A 1 88  ? 1.063   -8.821  -3.757  1.00 9.79  ? 172 GLY A CA  1 
ATOM   699  C  C   . GLY A 1 88  ? -0.154  -7.937  -3.542  1.00 9.50  ? 172 GLY A C   1 
ATOM   700  O  O   . GLY A 1 88  ? -0.002  -6.724  -3.437  1.00 8.98  ? 172 GLY A O   1 
ATOM   701  N  N   . ASP A 1 89  ? -1.345  -8.526  -3.393  1.00 8.69  ? 173 ASP A N   1 
ATOM   702  C  CA  . ASP A 1 89  ? -2.590  -7.746  -3.242  1.00 8.18  ? 173 ASP A CA  1 
ATOM   703  C  C   . ASP A 1 89  ? -2.693  -6.953  -1.956  1.00 7.78  ? 173 ASP A C   1 
ATOM   704  O  O   . ASP A 1 89  ? -2.120  -7.352  -0.946  1.00 8.01  ? 173 ASP A O   1 
ATOM   705  C  CB  . ASP A 1 89  ? -3.805  -8.675  -3.384  1.00 7.67  ? 173 ASP A CB  1 
ATOM   706  C  CG  . ASP A 1 89  ? -3.903  -9.300  -4.774  1.00 7.88  ? 173 ASP A CG  1 
ATOM   707  O  OD1 . ASP A 1 89  ? -3.002  -9.106  -5.634  1.00 7.24  ? 173 ASP A OD1 1 
ATOM   708  O  OD2 . ASP A 1 89  ? -4.896  -10.006 -5.015  1.00 8.40  ? 173 ASP A OD2 1 
ATOM   709  N  N   . ALA A 1 90  ? -3.472  -5.875  -1.980  1.00 7.61  ? 174 ALA A N   1 
ATOM   710  C  CA  . ALA A 1 90  ? -3.638  -5.010  -0.817  1.00 8.04  ? 174 ALA A CA  1 
ATOM   711  C  C   . ALA A 1 90  ? -5.082  -4.668  -0.482  1.00 8.18  ? 174 ALA A C   1 
ATOM   712  O  O   . ALA A 1 90  ? -5.805  -4.122  -1.337  1.00 8.62  ? 174 ALA A O   1 
ATOM   713  C  CB  . ALA A 1 90  ? -2.832  -3.691  -1.010  1.00 7.91  ? 174 ALA A CB  1 
ATOM   714  N  N   . HIS A 1 91  ? -5.474  -4.870  0.787   1.00 8.17  ? 175 HIS A N   1 
ATOM   715  C  CA  . HIS A 1 91  ? -6.847  -4.577  1.216   1.00 7.86  ? 175 HIS A CA  1 
ATOM   716  C  C   . HIS A 1 91  ? -6.863  -3.523  2.292   1.00 7.97  ? 175 HIS A C   1 
ATOM   717  O  O   . HIS A 1 91  ? -6.050  -3.551  3.209   1.00 8.76  ? 175 HIS A O   1 
ATOM   718  C  CB  . HIS A 1 91  ? -7.596  -5.837  1.727   1.00 7.45  ? 175 HIS A CB  1 
ATOM   719  C  CG  . HIS A 1 91  ? -7.571  -6.993  0.766   1.00 7.41  ? 175 HIS A CG  1 
ATOM   720  N  ND1 . HIS A 1 91  ? -7.468  -8.295  1.213   1.00 7.58  ? 175 HIS A ND1 1 
ATOM   721  C  CD2 . HIS A 1 91  ? -7.474  -6.979  -0.583  1.00 7.45  ? 175 HIS A CD2 1 
ATOM   722  C  CE1 . HIS A 1 91  ? -7.304  -9.029  0.135   1.00 6.00  ? 175 HIS A CE1 1 
ATOM   723  N  NE2 . HIS A 1 91  ? -7.299  -8.289  -0.971  1.00 7.44  ? 175 HIS A NE2 1 
ATOM   724  N  N   . PHE A 1 92  ? -7.807  -2.605  2.178   1.00 7.80  ? 176 PHE A N   1 
ATOM   725  C  CA  . PHE A 1 92  ? -7.992  -1.535  3.130   1.00 7.76  ? 176 PHE A CA  1 
ATOM   726  C  C   . PHE A 1 92  ? -9.315  -1.759  3.815   1.00 7.74  ? 176 PHE A C   1 
ATOM   727  O  O   . PHE A 1 92  ? -10.272 -2.222  3.190   1.00 6.33  ? 176 PHE A O   1 
ATOM   728  C  CB  . PHE A 1 92  ? -7.990  -0.198  2.407   1.00 8.53  ? 176 PHE A CB  1 
ATOM   729  C  CG  . PHE A 1 92  ? -6.679  0.104   1.767   1.00 9.43  ? 176 PHE A CG  1 
ATOM   730  C  CD1 . PHE A 1 92  ? -6.358  -0.444  0.531   1.00 9.60  ? 176 PHE A CD1 1 
ATOM   731  C  CD2 . PHE A 1 92  ? -5.730  0.871   2.438   1.00 9.44  ? 176 PHE A CD2 1 
ATOM   732  C  CE1 . PHE A 1 92  ? -5.092  -0.236  -0.041  1.00 10.76 ? 176 PHE A CE1 1 
ATOM   733  C  CE2 . PHE A 1 92  ? -4.458  1.086   1.877   1.00 9.97  ? 176 PHE A CE2 1 
ATOM   734  C  CZ  . PHE A 1 92  ? -4.136  0.534   0.638   1.00 9.82  ? 176 PHE A CZ  1 
ATOM   735  N  N   . ASP A 1 93  ? -9.357  -1.441  5.107   1.00 7.67  ? 177 ASP A N   1 
ATOM   736  C  CA  . ASP A 1 93  ? -10.557 -1.612  5.900   1.00 7.98  ? 177 ASP A CA  1 
ATOM   737  C  C   . ASP A 1 93  ? -11.569 -0.511  5.495   1.00 8.30  ? 177 ASP A C   1 
ATOM   738  O  O   . ASP A 1 93  ? -11.347 0.683   5.728   1.00 8.17  ? 177 ASP A O   1 
ATOM   739  C  CB  . ASP A 1 93  ? -10.170 -1.556  7.396   1.00 8.37  ? 177 ASP A CB  1 
ATOM   740  C  CG  . ASP A 1 93  ? -11.321 -1.977  8.360   1.00 9.38  ? 177 ASP A CG  1 
ATOM   741  O  OD1 . ASP A 1 93  ? -12.542 -1.865  8.035   1.00 8.53  ? 177 ASP A OD1 1 
ATOM   742  O  OD2 . ASP A 1 93  ? -10.956 -2.423  9.467   1.00 9.05  ? 177 ASP A OD2 1 
ATOM   743  N  N   . ALA A 1 94  ? -12.657 -0.926  4.840   1.00 8.14  ? 178 ALA A N   1 
ATOM   744  C  CA  . ALA A 1 94  ? -13.701 -0.003  4.405   1.00 8.57  ? 178 ALA A CA  1 
ATOM   745  C  C   . ALA A 1 94  ? -14.339 0.727   5.588   1.00 8.98  ? 178 ALA A C   1 
ATOM   746  O  O   . ALA A 1 94  ? -14.903 1.803   5.429   1.00 8.97  ? 178 ALA A O   1 
ATOM   747  C  CB  . ALA A 1 94  ? -14.771 -0.749  3.603   1.00 7.99  ? 178 ALA A CB  1 
ATOM   748  N  N   . GLU A 1 95  ? -14.241 0.148   6.779   1.00 9.43  ? 179 GLU A N   1 
ATOM   749  C  CA  . GLU A 1 95  ? -14.815 0.781   7.961   1.00 10.48 ? 179 GLU A CA  1 
ATOM   750  C  C   . GLU A 1 95  ? -14.059 1.981   8.553   1.00 10.54 ? 179 GLU A C   1 
ATOM   751  O  O   . GLU A 1 95  ? -14.533 2.619   9.495   1.00 10.58 ? 179 GLU A O   1 
ATOM   752  C  CB  . GLU A 1 95  ? -15.135 -0.267  9.023   1.00 11.09 ? 179 GLU A CB  1 
ATOM   753  C  CG  . GLU A 1 95  ? -16.328 -1.079  8.586   1.00 12.45 ? 179 GLU A CG  1 
ATOM   754  C  CD  . GLU A 1 95  ? -16.901 -1.905  9.705   1.00 13.79 ? 179 GLU A CD  1 
ATOM   755  O  OE1 . GLU A 1 95  ? -17.710 -1.378  10.521  1.00 15.18 ? 179 GLU A OE1 1 
ATOM   756  O  OE2 . GLU A 1 95  ? -16.530 -3.091  9.763   1.00 14.49 ? 179 GLU A OE2 1 
ATOM   757  N  N   . GLU A 1 96  ? -12.939 2.345   7.934   1.00 10.65 ? 180 GLU A N   1 
ATOM   758  C  CA  . GLU A 1 96  ? -12.160 3.467   8.412   1.00 10.84 ? 180 GLU A CA  1 
ATOM   759  C  C   . GLU A 1 96  ? -12.553 4.771   7.788   1.00 11.78 ? 180 GLU A C   1 
ATOM   760  O  O   . GLU A 1 96  ? -13.223 4.843   6.751   1.00 11.90 ? 180 GLU A O   1 
ATOM   761  C  CB  . GLU A 1 96  ? -10.660 3.262   8.134   1.00 9.59  ? 180 GLU A CB  1 
ATOM   762  C  CG  . GLU A 1 96  ? -10.073 1.926   8.615   1.00 8.41  ? 180 GLU A CG  1 
ATOM   763  C  CD  . GLU A 1 96  ? -10.193 1.725   10.104  1.00 7.53  ? 180 GLU A CD  1 
ATOM   764  O  OE1 . GLU A 1 96  ? -10.413 2.716   10.827  1.00 6.40  ? 180 GLU A OE1 1 
ATOM   765  O  OE2 . GLU A 1 96  ? -10.050 0.569   10.563  1.00 8.25  ? 180 GLU A OE2 1 
ATOM   766  N  N   . THR A 1 97  ? -12.130 5.825   8.455   1.00 12.99 ? 181 THR A N   1 
ATOM   767  C  CA  . THR A 1 97  ? -12.307 7.174   7.944   1.00 13.89 ? 181 THR A CA  1 
ATOM   768  C  C   . THR A 1 97  ? -11.009 7.373   7.128   1.00 13.34 ? 181 THR A C   1 
ATOM   769  O  O   . THR A 1 97  ? -9.909  7.353   7.691   1.00 13.91 ? 181 THR A O   1 
ATOM   770  C  CB  . THR A 1 97  ? -12.361 8.191   9.090   1.00 14.75 ? 181 THR A CB  1 
ATOM   771  O  OG1 . THR A 1 97  ? -13.593 8.004   9.824   1.00 16.45 ? 181 THR A OG1 1 
ATOM   772  C  CG2 . THR A 1 97  ? -12.269 9.614   8.532   1.00 15.46 ? 181 THR A CG2 1 
ATOM   773  N  N   . TRP A 1 98  ? -11.144 7.406   5.804   1.00 12.58 ? 182 TRP A N   1 
ATOM   774  C  CA  . TRP A 1 98  ? -10.016 7.578   4.910   1.00 11.60 ? 182 TRP A CA  1 
ATOM   775  C  C   . TRP A 1 98  ? -9.964  9.038   4.491   1.00 11.91 ? 182 TRP A C   1 
ATOM   776  O  O   . TRP A 1 98  ? -10.990 9.637   4.127   1.00 11.65 ? 182 TRP A O   1 
ATOM   777  C  CB  . TRP A 1 98  ? -10.142 6.645   3.713   1.00 10.37 ? 182 TRP A CB  1 
ATOM   778  C  CG  . TRP A 1 98  ? -10.031 5.212   4.124   1.00 9.46  ? 182 TRP A CG  1 
ATOM   779  C  CD1 . TRP A 1 98  ? -11.023 4.280   4.106   1.00 9.46  ? 182 TRP A CD1 1 
ATOM   780  C  CD2 . TRP A 1 98  ? -8.867  4.549   4.641   1.00 9.08  ? 182 TRP A CD2 1 
ATOM   781  N  NE1 . TRP A 1 98  ? -10.563 3.065   4.595   1.00 9.10  ? 182 TRP A NE1 1 
ATOM   782  C  CE2 . TRP A 1 98  ? -9.243  3.198   4.925   1.00 8.83  ? 182 TRP A CE2 1 
ATOM   783  C  CE3 . TRP A 1 98  ? -7.542  4.952   4.889   1.00 8.32  ? 182 TRP A CE3 1 
ATOM   784  C  CZ2 . TRP A 1 98  ? -8.338  2.253   5.438   1.00 7.87  ? 182 TRP A CZ2 1 
ATOM   785  C  CZ3 . TRP A 1 98  ? -6.641  4.005   5.406   1.00 7.91  ? 182 TRP A CZ3 1 
ATOM   786  C  CH2 . TRP A 1 98  ? -7.051  2.671   5.672   1.00 7.29  ? 182 TRP A CH2 1 
ATOM   787  N  N   . THR A 1 99  ? -8.796  9.652   4.677   1.00 11.92 ? 183 THR A N   1 
ATOM   788  C  CA  . THR A 1 99  ? -8.668  11.058  4.350   1.00 11.96 ? 183 THR A CA  1 
ATOM   789  C  C   . THR A 1 99  ? -7.555  11.377  3.380   1.00 11.75 ? 183 THR A C   1 
ATOM   790  O  O   . THR A 1 99  ? -6.717  10.535  3.014   1.00 11.32 ? 183 THR A O   1 
ATOM   791  C  CB  . THR A 1 99  ? -8.473  11.956  5.621   1.00 12.37 ? 183 THR A CB  1 
ATOM   792  O  OG1 . THR A 1 99  ? -7.094  11.901  6.030   1.00 12.39 ? 183 THR A OG1 1 
ATOM   793  C  CG2 . THR A 1 99  ? -9.354  11.502  6.784   1.00 11.26 ? 183 THR A CG2 1 
ATOM   794  N  N   . ASN A 1 100 ? -7.517  12.670  3.097   1.00 12.69 ? 184 ASN A N   1 
ATOM   795  C  CA  . ASN A 1 100 ? -6.603  13.363  2.199   1.00 13.46 ? 184 ASN A CA  1 
ATOM   796  C  C   . ASN A 1 100 ? -5.840  14.365  3.068   1.00 13.11 ? 184 ASN A C   1 
ATOM   797  O  O   . ASN A 1 100 ? -5.029  15.137  2.573   1.00 13.92 ? 184 ASN A O   1 
ATOM   798  C  CB  . ASN A 1 100 ? -7.488  14.217  1.254   1.00 14.62 ? 184 ASN A CB  1 
ATOM   799  C  CG  . ASN A 1 100 ? -7.113  14.064  -0.161  1.00 15.96 ? 184 ASN A CG  1 
ATOM   800  O  OD1 . ASN A 1 100 ? -7.468  14.863  -1.007  1.00 16.82 ? 184 ASN A OD1 1 
ATOM   801  N  ND2 . ASN A 1 100 ? -6.384  13.011  -0.447  1.00 18.65 ? 184 ASN A ND2 1 
ATOM   802  N  N   . THR A 1 101 ? -6.051  14.313  4.375   1.00 12.84 ? 185 THR A N   1 
ATOM   803  C  CA  . THR A 1 101 ? -5.494  15.315  5.268   1.00 12.07 ? 185 THR A CA  1 
ATOM   804  C  C   . THR A 1 101 ? -4.665  14.794  6.449   1.00 11.76 ? 185 THR A C   1 
ATOM   805  O  O   . THR A 1 101 ? -4.195  13.642  6.453   1.00 11.48 ? 185 THR A O   1 
ATOM   806  C  CB  . THR A 1 101 ? -6.684  16.101  5.838   1.00 12.26 ? 185 THR A CB  1 
ATOM   807  O  OG1 . THR A 1 101 ? -7.381  15.230  6.734   1.00 12.17 ? 185 THR A OG1 1 
ATOM   808  C  CG2 . THR A 1 101 ? -7.652  16.509  4.725   1.00 11.12 ? 185 THR A CG2 1 
ATOM   809  N  N   . SER A 1 102 ? -4.491  15.655  7.458   1.00 10.93 ? 186 SER A N   1 
ATOM   810  C  CA  . SER A 1 102 ? -3.754  15.255  8.624   1.00 10.90 ? 186 SER A CA  1 
ATOM   811  C  C   . SER A 1 102 ? -4.661  14.416  9.517   1.00 10.91 ? 186 SER A C   1 
ATOM   812  O  O   . SER A 1 102 ? -4.173  13.725  10.430  1.00 10.75 ? 186 SER A O   1 
ATOM   813  C  CB  . SER A 1 102 ? -3.218  16.463  9.390   1.00 10.79 ? 186 SER A CB  1 
ATOM   814  O  OG  . SER A 1 102 ? -4.258  17.362  9.750   1.00 11.49 ? 186 SER A OG  1 
ATOM   815  N  N   . ALA A 1 103 ? -5.977  14.461  9.270   1.00 11.10 ? 187 ALA A N   1 
ATOM   816  C  CA  . ALA A 1 103 ? -6.906  13.679  10.103  1.00 11.02 ? 187 ALA A CA  1 
ATOM   817  C  C   . ALA A 1 103 ? -6.762  12.152  9.868   1.00 11.37 ? 187 ALA A C   1 
ATOM   818  O  O   . ALA A 1 103 ? -6.495  11.712  8.742   1.00 10.58 ? 187 ALA A O   1 
ATOM   819  C  CB  . ALA A 1 103 ? -8.337  14.142  9.866   1.00 11.10 ? 187 ALA A CB  1 
ATOM   820  N  N   . ASN A 1 104 ? -6.888  11.354  10.937  1.00 11.84 ? 188 ASN A N   1 
ATOM   821  C  CA  . ASN A 1 104 ? -6.778  9.883   10.827  1.00 12.22 ? 188 ASN A CA  1 
ATOM   822  C  C   . ASN A 1 104 ? -7.918  9.358   9.906   1.00 12.05 ? 188 ASN A C   1 
ATOM   823  O  O   . ASN A 1 104 ? -9.063  9.806   10.037  1.00 12.00 ? 188 ASN A O   1 
ATOM   824  C  CB  . ASN A 1 104 ? -6.876  9.214   12.216  1.00 13.18 ? 188 ASN A CB  1 
ATOM   825  C  CG  . ASN A 1 104 ? -5.597  9.401   13.077  1.00 13.84 ? 188 ASN A CG  1 
ATOM   826  O  OD1 . ASN A 1 104 ? -4.586  9.933   12.628  1.00 14.44 ? 188 ASN A OD1 1 
ATOM   827  N  ND2 . ASN A 1 104 ? -5.664  8.963   14.310  1.00 14.47 ? 188 ASN A ND2 1 
ATOM   828  N  N   . TYR A 1 105 ? -7.610  8.523   8.908   1.00 11.48 ? 189 TYR A N   1 
ATOM   829  C  CA  . TYR A 1 105 ? -6.268  8.035   8.553   1.00 10.55 ? 189 TYR A CA  1 
ATOM   830  C  C   . TYR A 1 105 ? -5.983  8.388   7.075   1.00 10.32 ? 189 TYR A C   1 
ATOM   831  O  O   . TYR A 1 105 ? -6.823  8.142   6.183   1.00 10.29 ? 189 TYR A O   1 
ATOM   832  C  CB  . TYR A 1 105 ? -6.179  6.502   8.703   1.00 10.54 ? 189 TYR A CB  1 
ATOM   833  C  CG  . TYR A 1 105 ? -6.362  6.023   10.120  1.00 10.22 ? 189 TYR A CG  1 
ATOM   834  C  CD1 . TYR A 1 105 ? -5.312  6.075   11.015  1.00 10.93 ? 189 TYR A CD1 1 
ATOM   835  C  CD2 . TYR A 1 105 ? -7.599  5.583   10.583  1.00 10.28 ? 189 TYR A CD2 1 
ATOM   836  C  CE1 . TYR A 1 105 ? -5.468  5.715   12.322  1.00 10.69 ? 189 TYR A CE1 1 
ATOM   837  C  CE2 . TYR A 1 105 ? -7.766  5.220   11.893  1.00 10.30 ? 189 TYR A CE2 1 
ATOM   838  C  CZ  . TYR A 1 105 ? -6.688  5.291   12.763  1.00 10.78 ? 189 TYR A CZ  1 
ATOM   839  O  OH  . TYR A 1 105 ? -6.794  4.935   14.089  1.00 10.66 ? 189 TYR A OH  1 
ATOM   840  N  N   . ASN A 1 106 ? -4.776  8.898   6.833   1.00 9.35  ? 190 ASN A N   1 
ATOM   841  C  CA  . ASN A 1 106 ? -4.309  9.308   5.509   1.00 8.22  ? 190 ASN A CA  1 
ATOM   842  C  C   . ASN A 1 106 ? -4.122  8.102   4.610   1.00 7.80  ? 190 ASN A C   1 
ATOM   843  O  O   . ASN A 1 106 ? -3.221  7.272   4.851   1.00 7.74  ? 190 ASN A O   1 
ATOM   844  C  CB  . ASN A 1 106 ? -2.979  10.067  5.648   1.00 7.44  ? 190 ASN A CB  1 
ATOM   845  C  CG  . ASN A 1 106 ? -2.642  10.871  4.421   1.00 6.18  ? 190 ASN A CG  1 
ATOM   846  O  OD1 . ASN A 1 106 ? -2.073  10.357  3.492   1.00 6.00  ? 190 ASN A OD1 1 
ATOM   847  N  ND2 . ASN A 1 106 ? -3.010  12.134  4.414   1.00 6.00  ? 190 ASN A ND2 1 
ATOM   848  N  N   . LEU A 1 107 ? -4.958  8.010   3.566   1.00 7.73  ? 191 LEU A N   1 
ATOM   849  C  CA  . LEU A 1 107 ? -4.898  6.871   2.616   1.00 7.31  ? 191 LEU A CA  1 
ATOM   850  C  C   . LEU A 1 107 ? -3.514  6.712   1.918   1.00 7.10  ? 191 LEU A C   1 
ATOM   851  O  O   . LEU A 1 107 ? -3.009  5.598   1.742   1.00 6.59  ? 191 LEU A O   1 
ATOM   852  C  CB  . LEU A 1 107 ? -6.036  6.958   1.563   1.00 6.59  ? 191 LEU A CB  1 
ATOM   853  C  CG  . LEU A 1 107 ? -6.086  5.786   0.573   1.00 6.51  ? 191 LEU A CG  1 
ATOM   854  C  CD1 . LEU A 1 107 ? -6.548  4.520   1.280   1.00 6.37  ? 191 LEU A CD1 1 
ATOM   855  C  CD2 . LEU A 1 107 ? -7.012  6.095   -0.595  1.00 6.00  ? 191 LEU A CD2 1 
ATOM   856  N  N   . PHE A 1 108 ? -2.909  7.824   1.520   1.00 7.10  ? 192 PHE A N   1 
ATOM   857  C  CA  . PHE A 1 108 ? -1.583  7.781   0.887   1.00 7.14  ? 192 PHE A CA  1 
ATOM   858  C  C   . PHE A 1 108 ? -0.530  7.129   1.792   1.00 6.97  ? 192 PHE A C   1 
ATOM   859  O  O   . PHE A 1 108 ? 0.160   6.212   1.374   1.00 6.56  ? 192 PHE A O   1 
ATOM   860  C  CB  . PHE A 1 108 ? -1.149  9.202   0.488   1.00 8.32  ? 192 PHE A CB  1 
ATOM   861  C  CG  . PHE A 1 108 ? 0.353   9.358   0.235   1.00 8.01  ? 192 PHE A CG  1 
ATOM   862  C  CD1 . PHE A 1 108 ? 0.953   8.805   -0.896  1.00 7.73  ? 192 PHE A CD1 1 
ATOM   863  C  CD2 . PHE A 1 108 ? 1.142   10.092  1.120   1.00 7.72  ? 192 PHE A CD2 1 
ATOM   864  C  CE1 . PHE A 1 108 ? 2.285   8.978   -1.144  1.00 6.72  ? 192 PHE A CE1 1 
ATOM   865  C  CE2 . PHE A 1 108 ? 2.484   10.268  0.878   1.00 8.09  ? 192 PHE A CE2 1 
ATOM   866  C  CZ  . PHE A 1 108 ? 3.055   9.701   -0.274  1.00 7.44  ? 192 PHE A CZ  1 
ATOM   867  N  N   . LEU A 1 109 ? -0.437  7.558   3.054   1.00 7.33  ? 193 LEU A N   1 
ATOM   868  C  CA  . LEU A 1 109 ? 0.560   6.965   3.964   1.00 7.50  ? 193 LEU A CA  1 
ATOM   869  C  C   . LEU A 1 109 ? 0.321   5.457   4.186   1.00 7.87  ? 193 LEU A C   1 
ATOM   870  O  O   . LEU A 1 109 ? 1.235   4.619   4.036   1.00 8.12  ? 193 LEU A O   1 
ATOM   871  C  CB  . LEU A 1 109 ? 0.613   7.744   5.296   1.00 7.35  ? 193 LEU A CB  1 
ATOM   872  C  CG  . LEU A 1 109 ? 1.238   9.160   5.171   1.00 7.09  ? 193 LEU A CG  1 
ATOM   873  C  CD1 . LEU A 1 109 ? 0.946   9.961   6.380   1.00 6.81  ? 193 LEU A CD1 1 
ATOM   874  C  CD2 . LEU A 1 109 ? 2.755   9.113   4.923   1.00 6.83  ? 193 LEU A CD2 1 
ATOM   875  N  N   . VAL A 1 110 ? -0.929  5.104   4.483   1.00 7.89  ? 194 VAL A N   1 
ATOM   876  C  CA  . VAL A 1 110 ? -1.302  3.698   4.695   1.00 7.82  ? 194 VAL A CA  1 
ATOM   877  C  C   . VAL A 1 110 ? -1.002  2.917   3.409   1.00 7.21  ? 194 VAL A C   1 
ATOM   878  O  O   . VAL A 1 110 ? -0.336  1.876   3.440   1.00 7.19  ? 194 VAL A O   1 
ATOM   879  C  CB  . VAL A 1 110 ? -2.826  3.573   5.090   1.00 8.40  ? 194 VAL A CB  1 
ATOM   880  C  CG1 . VAL A 1 110 ? -3.205  2.090   5.459   1.00 8.44  ? 194 VAL A CG1 1 
ATOM   881  C  CG2 . VAL A 1 110 ? -3.136  4.500   6.240   1.00 8.08  ? 194 VAL A CG2 1 
ATOM   882  N  N   . ALA A 1 111 ? -1.426  3.453   2.258   1.00 7.28  ? 195 ALA A N   1 
ATOM   883  C  CA  . ALA A 1 111 ? -1.175  2.776   0.976   1.00 6.70  ? 195 ALA A CA  1 
ATOM   884  C  C   . ALA A 1 111 ? 0.331   2.556   0.777   1.00 6.25  ? 195 ALA A C   1 
ATOM   885  O  O   . ALA A 1 111 ? 0.779   1.439   0.476   1.00 6.00  ? 195 ALA A O   1 
ATOM   886  C  CB  . ALA A 1 111 ? -1.750  3.586   -0.187  1.00 6.00  ? 195 ALA A CB  1 
ATOM   887  N  N   . ALA A 1 112 ? 1.108   3.622   0.962   1.00 6.00  ? 196 ALA A N   1 
ATOM   888  C  CA  . ALA A 1 112 ? 2.554   3.532   0.791   1.00 6.28  ? 196 ALA A CA  1 
ATOM   889  C  C   . ALA A 1 112 ? 3.122   2.410   1.632   1.00 6.00  ? 196 ALA A C   1 
ATOM   890  O  O   . ALA A 1 112 ? 3.949   1.626   1.168   1.00 6.00  ? 196 ALA A O   1 
ATOM   891  C  CB  . ALA A 1 112 ? 3.207   4.856   1.137   1.00 6.00  ? 196 ALA A CB  1 
ATOM   892  N  N   . HIS A 1 113 ? 2.628   2.307   2.872   1.00 6.72  ? 197 HIS A N   1 
ATOM   893  C  CA  . HIS A 1 113 ? 3.071   1.265   3.807   1.00 6.36  ? 197 HIS A CA  1 
ATOM   894  C  C   . HIS A 1 113 ? 2.755   -0.150  3.290   1.00 6.24  ? 197 HIS A C   1 
ATOM   895  O  O   . HIS A 1 113 ? 3.619   -1.049  3.284   1.00 6.00  ? 197 HIS A O   1 
ATOM   896  C  CB  . HIS A 1 113 ? 2.445   1.519   5.200   1.00 6.84  ? 197 HIS A CB  1 
ATOM   897  C  CG  . HIS A 1 113 ? 2.756   0.453   6.200   1.00 7.45  ? 197 HIS A CG  1 
ATOM   898  N  ND1 . HIS A 1 113 ? 3.819   0.492   7.074   1.00 7.62  ? 197 HIS A ND1 1 
ATOM   899  C  CD2 . HIS A 1 113 ? 2.164   -0.749  6.400   1.00 8.13  ? 197 HIS A CD2 1 
ATOM   900  C  CE1 . HIS A 1 113 ? 3.844   -0.659  7.750   1.00 8.45  ? 197 HIS A CE1 1 
ATOM   901  N  NE2 . HIS A 1 113 ? 2.855   -1.449  7.379   1.00 8.49  ? 197 HIS A NE2 1 
ATOM   902  N  N   . GLU A 1 114 ? 1.498   -0.345  2.896   1.00 6.29  ? 198 GLU A N   1 
ATOM   903  C  CA  . GLU A 1 114 ? 1.024   -1.620  2.361   1.00 6.43  ? 198 GLU A CA  1 
ATOM   904  C  C   . GLU A 1 114 ? 1.801   -2.064  1.123   1.00 6.86  ? 198 GLU A C   1 
ATOM   905  O  O   . GLU A 1 114 ? 2.209   -3.241  1.008   1.00 7.03  ? 198 GLU A O   1 
ATOM   906  C  CB  . GLU A 1 114 ? -0.473  -1.518  2.032   1.00 6.51  ? 198 GLU A CB  1 
ATOM   907  C  CG  . GLU A 1 114 ? -1.405  -1.333  3.246   1.00 6.35  ? 198 GLU A CG  1 
ATOM   908  C  CD  . GLU A 1 114 ? -1.020  -2.198  4.426   1.00 6.27  ? 198 GLU A CD  1 
ATOM   909  O  OE1 . GLU A 1 114 ? -0.613  -3.370  4.220   1.00 6.00  ? 198 GLU A OE1 1 
ATOM   910  O  OE2 . GLU A 1 114 ? -1.088  -1.675  5.567   1.00 6.00  ? 198 GLU A OE2 1 
ATOM   911  N  N   . PHE A 1 115 ? 2.038   -1.124  0.202   1.00 7.11  ? 199 PHE A N   1 
ATOM   912  C  CA  . PHE A 1 115 ? 2.806   -1.427  -1.013  1.00 7.26  ? 199 PHE A CA  1 
ATOM   913  C  C   . PHE A 1 115 ? 4.221   -1.922  -0.668  1.00 7.32  ? 199 PHE A C   1 
ATOM   914  O  O   . PHE A 1 115 ? 4.792   -2.761  -1.391  1.00 7.76  ? 199 PHE A O   1 
ATOM   915  C  CB  . PHE A 1 115 ? 2.804   -0.245  -2.006  1.00 7.31  ? 199 PHE A CB  1 
ATOM   916  C  CG  . PHE A 1 115 ? 1.427   0.120   -2.516  1.00 7.10  ? 199 PHE A CG  1 
ATOM   917  C  CD1 . PHE A 1 115 ? 0.370   -0.803  -2.442  1.00 7.21  ? 199 PHE A CD1 1 
ATOM   918  C  CD2 . PHE A 1 115 ? 1.158   1.410   -2.974  1.00 7.05  ? 199 PHE A CD2 1 
ATOM   919  C  CE1 . PHE A 1 115 ? -0.943  -0.443  -2.808  1.00 7.30  ? 199 PHE A CE1 1 
ATOM   920  C  CE2 . PHE A 1 115 ? -0.146  1.784   -3.342  1.00 7.12  ? 199 PHE A CE2 1 
ATOM   921  C  CZ  . PHE A 1 115 ? -1.213  0.842   -3.252  1.00 7.32  ? 199 PHE A CZ  1 
ATOM   922  N  N   . GLY A 1 116 ? 4.789   -1.440  0.439   1.00 6.86  ? 200 GLY A N   1 
ATOM   923  C  CA  . GLY A 1 116 ? 6.093   -1.958  0.818   1.00 6.36  ? 200 GLY A CA  1 
ATOM   924  C  C   . GLY A 1 116 ? 6.026   -3.476  1.006   1.00 6.00  ? 200 GLY A C   1 
ATOM   925  O  O   . GLY A 1 116 ? 6.926   -4.218  0.587   1.00 6.00  ? 200 GLY A O   1 
ATOM   926  N  N   . HIS A 1 117 ? 4.960   -3.927  1.679   1.00 6.03  ? 201 HIS A N   1 
ATOM   927  C  CA  . HIS A 1 117 ? 4.722   -5.355  1.919   1.00 6.24  ? 201 HIS A CA  1 
ATOM   928  C  C   . HIS A 1 117 ? 4.470   -6.049  0.592   1.00 6.06  ? 201 HIS A C   1 
ATOM   929  O  O   . HIS A 1 117 ? 4.975   -7.148  0.374   1.00 6.00  ? 201 HIS A O   1 
ATOM   930  C  CB  . HIS A 1 117 ? 3.489   -5.589  2.815   1.00 6.89  ? 201 HIS A CB  1 
ATOM   931  C  CG  . HIS A 1 117 ? 3.704   -5.261  4.263   1.00 7.41  ? 201 HIS A CG  1 
ATOM   932  N  ND1 . HIS A 1 117 ? 4.675   -5.828  5.046   1.00 7.49  ? 201 HIS A ND1 1 
ATOM   933  C  CD2 . HIS A 1 117 ? 3.087   -4.347  5.053   1.00 8.21  ? 201 HIS A CD2 1 
ATOM   934  C  CE1 . HIS A 1 117 ? 4.624   -5.262  6.248   1.00 8.54  ? 201 HIS A CE1 1 
ATOM   935  N  NE2 . HIS A 1 117 ? 3.678   -4.352  6.303   1.00 8.69  ? 201 HIS A NE2 1 
ATOM   936  N  N   . SER A 1 118 ? 3.657   -5.431  -0.270  1.00 6.00  ? 202 SER A N   1 
ATOM   937  C  CA  . SER A 1 118 ? 3.343   -6.002  -1.600  1.00 6.59  ? 202 SER A CA  1 
ATOM   938  C  C   . SER A 1 118 ? 4.634   -6.198  -2.419  1.00 6.93  ? 202 SER A C   1 
ATOM   939  O  O   . SER A 1 118 ? 4.699   -7.048  -3.309  1.00 6.67  ? 202 SER A O   1 
ATOM   940  C  CB  . SER A 1 118 ? 2.395   -5.086  -2.393  1.00 6.48  ? 202 SER A CB  1 
ATOM   941  O  OG  . SER A 1 118 ? 1.127   -4.942  -1.783  1.00 6.72  ? 202 SER A OG  1 
ATOM   942  N  N   . LEU A 1 119 ? 5.656   -5.394  -2.122  1.00 7.20  ? 203 LEU A N   1 
ATOM   943  C  CA  . LEU A 1 119 ? 6.925   -5.510  -2.834  1.00 7.42  ? 203 LEU A CA  1 
ATOM   944  C  C   . LEU A 1 119 ? 7.917   -6.439  -2.138  1.00 7.69  ? 203 LEU A C   1 
ATOM   945  O  O   . LEU A 1 119 ? 8.989   -6.727  -2.685  1.00 8.67  ? 203 LEU A O   1 
ATOM   946  C  CB  . LEU A 1 119 ? 7.529   -4.134  -3.039  1.00 6.65  ? 203 LEU A CB  1 
ATOM   947  C  CG  . LEU A 1 119 ? 6.645   -3.249  -3.909  1.00 6.51  ? 203 LEU A CG  1 
ATOM   948  C  CD1 . LEU A 1 119 ? 7.309   -1.902  -3.937  1.00 7.57  ? 203 LEU A CD1 1 
ATOM   949  C  CD2 . LEU A 1 119 ? 6.500   -3.783  -5.351  1.00 6.32  ? 203 LEU A CD2 1 
ATOM   950  N  N   . GLY A 1 120 ? 7.591   -6.880  -0.925  1.00 7.34  ? 204 GLY A N   1 
ATOM   951  C  CA  . GLY A 1 120 ? 8.488   -7.784  -0.233  1.00 6.89  ? 204 GLY A CA  1 
ATOM   952  C  C   . GLY A 1 120 ? 9.162   -7.304  1.042   1.00 7.09  ? 204 GLY A C   1 
ATOM   953  O  O   . GLY A 1 120 ? 9.979   -8.039  1.592   1.00 6.66  ? 204 GLY A O   1 
ATOM   954  N  N   . LEU A 1 121 ? 8.892   -6.082  1.486   1.00 6.96  ? 205 LEU A N   1 
ATOM   955  C  CA  . LEU A 1 121 ? 9.500   -5.640  2.734   1.00 7.67  ? 205 LEU A CA  1 
ATOM   956  C  C   . LEU A 1 121 ? 8.688   -6.090  3.960   1.00 8.01  ? 205 LEU A C   1 
ATOM   957  O  O   . LEU A 1 121 ? 7.466   -6.291  3.904   1.00 7.76  ? 205 LEU A O   1 
ATOM   958  C  CB  . LEU A 1 121 ? 9.630   -4.122  2.806   1.00 8.29  ? 205 LEU A CB  1 
ATOM   959  C  CG  . LEU A 1 121 ? 10.774  -3.382  2.133   1.00 8.93  ? 205 LEU A CG  1 
ATOM   960  C  CD1 . LEU A 1 121 ? 10.611  -3.441  0.634   1.00 9.05  ? 205 LEU A CD1 1 
ATOM   961  C  CD2 . LEU A 1 121 ? 10.677  -1.929  2.566   1.00 9.86  ? 205 LEU A CD2 1 
ATOM   962  N  N   . ALA A 1 122 ? 9.388   -6.173  5.076   1.00 8.54  ? 206 ALA A N   1 
ATOM   963  C  CA  . ALA A 1 122 ? 8.808   -6.525  6.359   1.00 8.62  ? 206 ALA A CA  1 
ATOM   964  C  C   . ALA A 1 122 ? 8.795   -5.238  7.215   1.00 9.17  ? 206 ALA A C   1 
ATOM   965  O  O   . ALA A 1 122 ? 9.198   -4.149  6.756   1.00 9.29  ? 206 ALA A O   1 
ATOM   966  C  CB  . ALA A 1 122 ? 9.635   -7.598  6.987   1.00 8.42  ? 206 ALA A CB  1 
ATOM   967  N  N   . HIS A 1 123 ? 8.298   -5.330  8.438   1.00 9.45  ? 207 HIS A N   1 
ATOM   968  C  CA  . HIS A 1 123 ? 8.250   -4.164  9.301   1.00 10.20 ? 207 HIS A CA  1 
ATOM   969  C  C   . HIS A 1 123 ? 9.636   -3.780  9.793   1.00 10.72 ? 207 HIS A C   1 
ATOM   970  O  O   . HIS A 1 123 ? 10.479  -4.645  10.007  1.00 10.35 ? 207 HIS A O   1 
ATOM   971  C  CB  . HIS A 1 123 ? 7.342   -4.420  10.503  1.00 9.97  ? 207 HIS A CB  1 
ATOM   972  C  CG  . HIS A 1 123 ? 5.885   -4.340  10.171  1.00 10.05 ? 207 HIS A CG  1 
ATOM   973  N  ND1 . HIS A 1 123 ? 4.911   -5.074  10.803  1.00 9.83  ? 207 HIS A ND1 1 
ATOM   974  C  CD2 . HIS A 1 123 ? 5.245   -3.606  9.224   1.00 10.06 ? 207 HIS A CD2 1 
ATOM   975  C  CE1 . HIS A 1 123 ? 3.739   -4.780  10.233  1.00 10.23 ? 207 HIS A CE1 1 
ATOM   976  N  NE2 . HIS A 1 123 ? 3.899   -3.890  9.270   1.00 10.35 ? 207 HIS A NE2 1 
ATOM   977  N  N   . SER A 1 124 ? 9.850   -2.476  9.921   1.00 11.43 ? 208 SER A N   1 
ATOM   978  C  CA  . SER A 1 124 ? 11.104  -1.904  10.394  1.00 12.46 ? 208 SER A CA  1 
ATOM   979  C  C   . SER A 1 124 ? 10.971  -1.558  11.887  1.00 13.03 ? 208 SER A C   1 
ATOM   980  O  O   . SER A 1 124 ? 9.876   -1.302  12.367  1.00 12.85 ? 208 SER A O   1 
ATOM   981  C  CB  . SER A 1 124 ? 11.396  -0.634  9.598   1.00 12.04 ? 208 SER A CB  1 
ATOM   982  O  OG  . SER A 1 124 ? 12.541  0.032   10.082  1.00 11.94 ? 208 SER A OG  1 
ATOM   983  N  N   . SER A 1 125 ? 12.076  -1.585  12.632  1.00 14.31 ? 209 SER A N   1 
ATOM   984  C  CA  . SER A 1 125 ? 12.002  -1.211  14.043  1.00 15.03 ? 209 SER A CA  1 
ATOM   985  C  C   . SER A 1 125 ? 12.451  0.246   14.207  1.00 15.02 ? 209 SER A C   1 
ATOM   986  O  O   . SER A 1 125 ? 12.500  0.761   15.320  1.00 14.86 ? 209 SER A O   1 
ATOM   987  C  CB  . SER A 1 125 ? 12.821  -2.149  14.926  1.00 15.46 ? 209 SER A CB  1 
ATOM   988  O  OG  . SER A 1 125 ? 14.197  -2.007  14.650  1.00 17.69 ? 209 SER A OG  1 
ATOM   989  N  N   . ASP A 1 126 ? 12.771  0.910   13.091  1.00 14.73 ? 210 ASP A N   1 
ATOM   990  C  CA  . ASP A 1 126 ? 13.181  2.317   13.113  1.00 14.69 ? 210 ASP A CA  1 
ATOM   991  C  C   . ASP A 1 126 ? 11.887  3.137   13.103  1.00 14.17 ? 210 ASP A C   1 
ATOM   992  O  O   . ASP A 1 126 ? 11.208  3.179   12.097  1.00 14.52 ? 210 ASP A O   1 
ATOM   993  C  CB  . ASP A 1 126 ? 14.046  2.653   11.869  1.00 14.76 ? 210 ASP A CB  1 
ATOM   994  C  CG  . ASP A 1 126 ? 14.377  4.151   11.747  1.00 15.33 ? 210 ASP A CG  1 
ATOM   995  O  OD1 . ASP A 1 126 ? 13.845  4.978   12.515  1.00 15.61 ? 210 ASP A OD1 1 
ATOM   996  O  OD2 . ASP A 1 126 ? 15.187  4.511   10.860  1.00 15.83 ? 210 ASP A OD2 1 
ATOM   997  N  N   . PRO A 1 127 ? 11.595  3.878   14.188  1.00 13.79 ? 211 PRO A N   1 
ATOM   998  C  CA  . PRO A 1 127 ? 10.388  4.710   14.324  1.00 13.41 ? 211 PRO A CA  1 
ATOM   999  C  C   . PRO A 1 127 ? 10.157  5.771   13.245  1.00 13.08 ? 211 PRO A C   1 
ATOM   1000 O  O   . PRO A 1 127 ? 9.045   6.301   13.111  1.00 13.01 ? 211 PRO A O   1 
ATOM   1001 C  CB  . PRO A 1 127 ? 10.540  5.319   15.732  1.00 13.29 ? 211 PRO A CB  1 
ATOM   1002 C  CG  . PRO A 1 127 ? 12.024  5.330   15.946  1.00 14.21 ? 211 PRO A CG  1 
ATOM   1003 C  CD  . PRO A 1 127 ? 12.418  3.964   15.410  1.00 14.18 ? 211 PRO A CD  1 
ATOM   1004 N  N   . GLY A 1 128 ? 11.214  6.113   12.506  1.00 12.75 ? 212 GLY A N   1 
ATOM   1005 C  CA  . GLY A 1 128 ? 11.092  7.085   11.425  1.00 11.33 ? 212 GLY A CA  1 
ATOM   1006 C  C   . GLY A 1 128 ? 10.858  6.408   10.076  1.00 10.70 ? 212 GLY A C   1 
ATOM   1007 O  O   . GLY A 1 128 ? 10.614  7.065   9.060   1.00 11.64 ? 212 GLY A O   1 
ATOM   1008 N  N   . ALA A 1 129 ? 10.904  5.086   10.037  1.00 9.77  ? 213 ALA A N   1 
ATOM   1009 C  CA  . ALA A 1 129 ? 10.699  4.398   8.782   1.00 8.97  ? 213 ALA A CA  1 
ATOM   1010 C  C   . ALA A 1 129 ? 9.186   4.209   8.472   1.00 8.81  ? 213 ALA A C   1 
ATOM   1011 O  O   . ALA A 1 129 ? 8.344   4.108   9.392   1.00 8.01  ? 213 ALA A O   1 
ATOM   1012 C  CB  . ALA A 1 129 ? 11.431  3.063   8.812   1.00 8.60  ? 213 ALA A CB  1 
ATOM   1013 N  N   . LEU A 1 130 ? 8.849   4.202   7.181   1.00 7.95  ? 214 LEU A N   1 
ATOM   1014 C  CA  . LEU A 1 130 ? 7.475   4.011   6.733   1.00 7.79  ? 214 LEU A CA  1 
ATOM   1015 C  C   . LEU A 1 130 ? 7.038   2.584   7.063   1.00 7.83  ? 214 LEU A C   1 
ATOM   1016 O  O   . LEU A 1 130 ? 5.880   2.335   7.310   1.00 8.14  ? 214 LEU A O   1 
ATOM   1017 C  CB  . LEU A 1 130 ? 7.377   4.248   5.229   1.00 7.87  ? 214 LEU A CB  1 
ATOM   1018 C  CG  . LEU A 1 130 ? 5.990   4.118   4.579   1.00 8.38  ? 214 LEU A CG  1 
ATOM   1019 C  CD1 . LEU A 1 130 ? 5.048   5.262   5.008   1.00 7.61  ? 214 LEU A CD1 1 
ATOM   1020 C  CD2 . LEU A 1 130 ? 6.150   4.137   3.070   1.00 8.24  ? 214 LEU A CD2 1 
ATOM   1021 N  N   . MET A 1 131 ? 7.978   1.651   7.077   1.00 7.91  ? 215 MET A N   1 
ATOM   1022 C  CA  . MET A 1 131 ? 7.653   0.276   7.372   1.00 8.50  ? 215 MET A CA  1 
ATOM   1023 C  C   . MET A 1 131 ? 7.546   -0.037  8.875   1.00 8.60  ? 215 MET A C   1 
ATOM   1024 O  O   . MET A 1 131 ? 7.458   -1.205  9.284   1.00 7.94  ? 215 MET A O   1 
ATOM   1025 C  CB  . MET A 1 131 ? 8.606   -0.661  6.633   1.00 8.54  ? 215 MET A CB  1 
ATOM   1026 C  CG  . MET A 1 131 ? 8.434   -0.545  5.105   1.00 9.01  ? 215 MET A CG  1 
ATOM   1027 S  SD  . MET A 1 131 ? 6.705   -0.865  4.535   1.00 10.04 ? 215 MET A SD  1 
ATOM   1028 C  CE  . MET A 1 131 ? 6.237   0.598   4.206   1.00 9.95  ? 215 MET A CE  1 
ATOM   1029 N  N   . TYR A 1 132 ? 7.533   1.026   9.680   1.00 9.16  ? 216 TYR A N   1 
ATOM   1030 C  CA  . TYR A 1 132 ? 7.367   0.897   11.125  1.00 9.83  ? 216 TYR A CA  1 
ATOM   1031 C  C   . TYR A 1 132 ? 5.908   0.399   11.278  1.00 10.01 ? 216 TYR A C   1 
ATOM   1032 O  O   . TYR A 1 132 ? 5.001   0.907   10.606  1.00 8.98  ? 216 TYR A O   1 
ATOM   1033 C  CB  . TYR A 1 132 ? 7.549   2.249   11.797  1.00 10.93 ? 216 TYR A CB  1 
ATOM   1034 C  CG  . TYR A 1 132 ? 7.594   2.163   13.311  1.00 11.74 ? 216 TYR A CG  1 
ATOM   1035 C  CD1 . TYR A 1 132 ? 8.730   1.697   13.979  1.00 12.50 ? 216 TYR A CD1 1 
ATOM   1036 C  CD2 . TYR A 1 132 ? 6.491   2.526   14.068  1.00 12.40 ? 216 TYR A CD2 1 
ATOM   1037 C  CE1 . TYR A 1 132 ? 8.750   1.602   15.369  1.00 12.29 ? 216 TYR A CE1 1 
ATOM   1038 C  CE2 . TYR A 1 132 ? 6.505   2.424   15.448  1.00 12.05 ? 216 TYR A CE2 1 
ATOM   1039 C  CZ  . TYR A 1 132 ? 7.622   1.969   16.084  1.00 12.32 ? 216 TYR A CZ  1 
ATOM   1040 O  OH  . TYR A 1 132 ? 7.586   1.888   17.457  1.00 13.32 ? 216 TYR A OH  1 
ATOM   1041 N  N   . PRO A 1 133 ? 5.670   -0.572  12.195  1.00 11.10 ? 217 PRO A N   1 
ATOM   1042 C  CA  . PRO A 1 133 ? 4.345   -1.172  12.444  1.00 11.39 ? 217 PRO A CA  1 
ATOM   1043 C  C   . PRO A 1 133 ? 3.129   -0.300  12.778  1.00 11.94 ? 217 PRO A C   1 
ATOM   1044 O  O   . PRO A 1 133 ? 2.013   -0.657  12.393  1.00 13.00 ? 217 PRO A O   1 
ATOM   1045 C  CB  . PRO A 1 133 ? 4.635   -2.197  13.543  1.00 11.52 ? 217 PRO A CB  1 
ATOM   1046 C  CG  . PRO A 1 133 ? 6.070   -2.550  13.326  1.00 10.84 ? 217 PRO A CG  1 
ATOM   1047 C  CD  . PRO A 1 133 ? 6.686   -1.208  13.060  1.00 10.55 ? 217 PRO A CD  1 
ATOM   1048 N  N   . ASN A 1 134 ? 3.297   0.819   13.473  1.00 11.95 ? 218 ASN A N   1 
ATOM   1049 C  CA  . ASN A 1 134 ? 2.141   1.659   13.814  1.00 11.91 ? 218 ASN A CA  1 
ATOM   1050 C  C   . ASN A 1 134 ? 2.054   2.901   12.970  1.00 11.97 ? 218 ASN A C   1 
ATOM   1051 O  O   . ASN A 1 134 ? 3.068   3.423   12.554  1.00 12.78 ? 218 ASN A O   1 
ATOM   1052 C  CB  . ASN A 1 134 ? 2.170   2.015   15.310  1.00 12.71 ? 218 ASN A CB  1 
ATOM   1053 C  CG  . ASN A 1 134 ? 2.036   0.781   16.193  1.00 13.22 ? 218 ASN A CG  1 
ATOM   1054 O  OD1 . ASN A 1 134 ? 2.609   0.696   17.283  1.00 13.99 ? 218 ASN A OD1 1 
ATOM   1055 N  ND2 . ASN A 1 134 ? 1.326   -0.207  15.694  1.00 13.15 ? 218 ASN A ND2 1 
ATOM   1056 N  N   . TYR A 1 135 ? 0.842   3.378   12.721  1.00 11.62 ? 219 TYR A N   1 
ATOM   1057 C  CA  . TYR A 1 135 ? 0.578   4.567   11.906  1.00 11.35 ? 219 TYR A CA  1 
ATOM   1058 C  C   . TYR A 1 135 ? 0.941   5.886   12.575  1.00 11.85 ? 219 TYR A C   1 
ATOM   1059 O  O   . TYR A 1 135 ? 0.635   6.096   13.734  1.00 12.37 ? 219 TYR A O   1 
ATOM   1060 C  CB  . TYR A 1 135 ? -0.928  4.611   11.562  1.00 10.41 ? 219 TYR A CB  1 
ATOM   1061 C  CG  . TYR A 1 135 ? -1.422  5.876   10.898  1.00 8.81  ? 219 TYR A CG  1 
ATOM   1062 C  CD1 . TYR A 1 135 ? -1.410  6.005   9.519   1.00 8.20  ? 219 TYR A CD1 1 
ATOM   1063 C  CD2 . TYR A 1 135 ? -1.911  6.934   11.653  1.00 8.38  ? 219 TYR A CD2 1 
ATOM   1064 C  CE1 . TYR A 1 135 ? -1.874  7.170   8.889   1.00 7.77  ? 219 TYR A CE1 1 
ATOM   1065 C  CE2 . TYR A 1 135 ? -2.375  8.099   11.048  1.00 8.22  ? 219 TYR A CE2 1 
ATOM   1066 C  CZ  . TYR A 1 135 ? -2.348  8.208   9.655   1.00 8.00  ? 219 TYR A CZ  1 
ATOM   1067 O  OH  . TYR A 1 135 ? -2.761  9.355   9.037   1.00 7.82  ? 219 TYR A OH  1 
ATOM   1068 N  N   . ALA A 1 136 ? 1.489   6.809   11.799  1.00 12.51 ? 220 ALA A N   1 
ATOM   1069 C  CA  . ALA A 1 136 ? 1.850   8.147   12.280  1.00 12.76 ? 220 ALA A CA  1 
ATOM   1070 C  C   . ALA A 1 136 ? 1.751   9.030   11.058  1.00 13.04 ? 220 ALA A C   1 
ATOM   1071 O  O   . ALA A 1 136 ? 2.131   8.606   9.957   1.00 12.85 ? 220 ALA A O   1 
ATOM   1072 C  CB  . ALA A 1 136 ? 3.282   8.172   12.815  1.00 13.01 ? 220 ALA A CB  1 
ATOM   1073 N  N   . PHE A 1 137 ? 1.153   10.204  11.220  1.00 13.69 ? 221 PHE A N   1 
ATOM   1074 C  CA  . PHE A 1 137 ? 1.023   11.143  10.110  1.00 14.52 ? 221 PHE A CA  1 
ATOM   1075 C  C   . PHE A 1 137 ? 2.319   11.925  9.990   1.00 15.62 ? 221 PHE A C   1 
ATOM   1076 O  O   . PHE A 1 137 ? 2.993   12.190  10.987  1.00 14.97 ? 221 PHE A O   1 
ATOM   1077 C  CB  . PHE A 1 137 ? -0.122  12.145  10.354  1.00 13.96 ? 221 PHE A CB  1 
ATOM   1078 C  CG  . PHE A 1 137 ? -0.221  13.230  9.301   1.00 13.58 ? 221 PHE A CG  1 
ATOM   1079 C  CD1 . PHE A 1 137 ? -0.642  12.926  8.005   1.00 13.08 ? 221 PHE A CD1 1 
ATOM   1080 C  CD2 . PHE A 1 137 ? 0.125   14.551  9.590   1.00 12.72 ? 221 PHE A CD2 1 
ATOM   1081 C  CE1 . PHE A 1 137 ? -0.715  13.911  7.027   1.00 11.85 ? 221 PHE A CE1 1 
ATOM   1082 C  CE2 . PHE A 1 137 ? 0.053   15.537  8.612   1.00 12.24 ? 221 PHE A CE2 1 
ATOM   1083 C  CZ  . PHE A 1 137 ? -0.370  15.210  7.331   1.00 12.32 ? 221 PHE A CZ  1 
ATOM   1084 N  N   . ARG A 1 138 ? 2.661   12.276  8.759   1.00 17.03 ? 222 ARG A N   1 
ATOM   1085 C  CA  . ARG A 1 138 ? 3.849   13.060  8.445   1.00 18.46 ? 222 ARG A CA  1 
ATOM   1086 C  C   . ARG A 1 138 ? 3.394   13.857  7.246   1.00 18.42 ? 222 ARG A C   1 
ATOM   1087 O  O   . ARG A 1 138 ? 2.450   13.447  6.575   1.00 18.11 ? 222 ARG A O   1 
ATOM   1088 C  CB  . ARG A 1 138 ? 5.006   12.143  8.062   1.00 20.12 ? 222 ARG A CB  1 
ATOM   1089 C  CG  . ARG A 1 138 ? 5.189   11.011  9.050   1.00 23.34 ? 222 ARG A CG  1 
ATOM   1090 C  CD  . ARG A 1 138 ? 6.293   10.067  8.638   1.00 25.79 ? 222 ARG A CD  1 
ATOM   1091 N  NE  . ARG A 1 138 ? 6.077   8.701   9.124   1.00 28.40 ? 222 ARG A NE  1 
ATOM   1092 C  CZ  . ARG A 1 138 ? 6.560   7.623   8.512   1.00 29.56 ? 222 ARG A CZ  1 
ATOM   1093 N  NH1 . ARG A 1 138 ? 7.280   7.776   7.399   1.00 29.48 ? 222 ARG A NH1 1 
ATOM   1094 N  NH2 . ARG A 1 138 ? 6.324   6.401   9.004   1.00 30.28 ? 222 ARG A NH2 1 
ATOM   1095 N  N   . GLU A 1 139 ? 4.006   15.006  6.994   1.00 18.36 ? 223 GLU A N   1 
ATOM   1096 C  CA  . GLU A 1 139 ? 3.601   15.806  5.854   1.00 19.10 ? 223 GLU A CA  1 
ATOM   1097 C  C   . GLU A 1 139 ? 3.695   14.995  4.554   1.00 19.63 ? 223 GLU A C   1 
ATOM   1098 O  O   . GLU A 1 139 ? 4.656   14.246  4.324   1.00 19.52 ? 223 GLU A O   1 
ATOM   1099 C  CB  . GLU A 1 139 ? 4.401   17.090  5.794   1.00 19.47 ? 223 GLU A CB  1 
ATOM   1100 C  CG  . GLU A 1 139 ? 4.212   17.930  7.033   1.00 20.44 ? 223 GLU A CG  1 
ATOM   1101 C  CD  . GLU A 1 139 ? 2.756   18.290  7.291   1.00 20.28 ? 223 GLU A CD  1 
ATOM   1102 O  OE1 . GLU A 1 139 ? 2.053   18.655  6.327   1.00 20.30 ? 223 GLU A OE1 1 
ATOM   1103 O  OE2 . GLU A 1 139 ? 2.329   18.224  8.459   1.00 21.17 ? 223 GLU A OE2 1 
ATOM   1104 N  N   . THR A 1 140 ? 2.660   15.106  3.734   1.00 20.00 ? 224 THR A N   1 
ATOM   1105 C  CA  . THR A 1 140 ? 2.586   14.338  2.507   1.00 20.68 ? 224 THR A CA  1 
ATOM   1106 C  C   . THR A 1 140 ? 2.863   15.123  1.248   1.00 21.26 ? 224 THR A C   1 
ATOM   1107 O  O   . THR A 1 140 ? 3.042   14.528  0.179   1.00 21.28 ? 224 THR A O   1 
ATOM   1108 C  CB  . THR A 1 140 ? 1.202   13.625  2.391   1.00 20.57 ? 224 THR A CB  1 
ATOM   1109 O  OG1 . THR A 1 140 ? 0.144   14.599  2.421   1.00 20.58 ? 224 THR A OG1 1 
ATOM   1110 C  CG2 . THR A 1 140 ? 1.003   12.675  3.552   1.00 20.31 ? 224 THR A CG2 1 
ATOM   1111 N  N   . SER A 1 141 ? 2.820   16.446  1.329   1.00 21.94 ? 225 SER A N   1 
ATOM   1112 C  CA  . SER A 1 141 ? 3.098   17.239  0.127   1.00 23.06 ? 225 SER A CA  1 
ATOM   1113 C  C   . SER A 1 141 ? 4.610   17.199  -0.023  1.00 23.00 ? 225 SER A C   1 
ATOM   1114 O  O   . SER A 1 141 ? 5.321   17.605  0.881   1.00 23.95 ? 225 SER A O   1 
ATOM   1115 C  CB  . SER A 1 141 ? 2.638   18.678  0.313   1.00 23.18 ? 225 SER A CB  1 
ATOM   1116 O  OG  . SER A 1 141 ? 3.271   19.257  1.444   1.00 24.08 ? 225 SER A OG  1 
ATOM   1117 N  N   . ASN A 1 142 ? 5.106   16.689  -1.133  1.00 23.11 ? 226 ASN A N   1 
ATOM   1118 C  CA  . ASN A 1 142 ? 6.550   16.603  -1.323  1.00 22.91 ? 226 ASN A CA  1 
ATOM   1119 C  C   . ASN A 1 142 ? 7.107   15.477  -0.417  1.00 22.72 ? 226 ASN A C   1 
ATOM   1120 O  O   . ASN A 1 142 ? 8.272   15.522  0.024   1.00 23.11 ? 226 ASN A O   1 
ATOM   1121 C  CB  . ASN A 1 142 ? 7.257   17.942  -0.958  1.00 23.08 ? 226 ASN A CB  1 
ATOM   1122 C  CG  . ASN A 1 142 ? 6.742   19.137  -1.742  1.00 22.92 ? 226 ASN A CG  1 
ATOM   1123 O  OD1 . ASN A 1 142 ? 7.031   19.284  -2.915  1.00 23.16 ? 226 ASN A OD1 1 
ATOM   1124 N  ND2 . ASN A 1 142 ? 6.019   20.019  -1.078  1.00 22.73 ? 226 ASN A ND2 1 
ATOM   1125 N  N   . TYR A 1 143 ? 6.286   14.473  -0.113  1.00 22.05 ? 227 TYR A N   1 
ATOM   1126 C  CA  . TYR A 1 143 ? 6.751   13.370  0.733   1.00 21.17 ? 227 TYR A CA  1 
ATOM   1127 C  C   . TYR A 1 143 ? 7.813   12.565  0.014   1.00 20.20 ? 227 TYR A C   1 
ATOM   1128 O  O   . TYR A 1 143 ? 7.759   12.405  -1.204  1.00 20.32 ? 227 TYR A O   1 
ATOM   1129 C  CB  . TYR A 1 143 ? 5.606   12.427  1.161   1.00 21.41 ? 227 TYR A CB  1 
ATOM   1130 C  CG  . TYR A 1 143 ? 6.057   11.300  2.093   1.00 21.34 ? 227 TYR A CG  1 
ATOM   1131 C  CD1 . TYR A 1 143 ? 6.073   11.472  3.485   1.00 21.47 ? 227 TYR A CD1 1 
ATOM   1132 C  CD2 . TYR A 1 143 ? 6.456   10.068  1.583   1.00 21.36 ? 227 TYR A CD2 1 
ATOM   1133 C  CE1 . TYR A 1 143 ? 6.479   10.431  4.346   1.00 21.45 ? 227 TYR A CE1 1 
ATOM   1134 C  CE2 . TYR A 1 143 ? 6.860   9.024   2.425   1.00 21.53 ? 227 TYR A CE2 1 
ATOM   1135 C  CZ  . TYR A 1 143 ? 6.867   9.208   3.803   1.00 21.62 ? 227 TYR A CZ  1 
ATOM   1136 O  OH  . TYR A 1 143 ? 7.250   8.163   4.628   1.00 21.35 ? 227 TYR A OH  1 
ATOM   1137 N  N   . SER A 1 144 ? 8.792   12.092  0.768   1.00 18.92 ? 228 SER A N   1 
ATOM   1138 C  CA  . SER A 1 144 ? 9.839   11.278  0.201   1.00 17.92 ? 228 SER A CA  1 
ATOM   1139 C  C   . SER A 1 144 ? 10.152  10.129  1.122   1.00 16.27 ? 228 SER A C   1 
ATOM   1140 O  O   . SER A 1 144 ? 10.004  10.238  2.323   1.00 16.48 ? 228 SER A O   1 
ATOM   1141 C  CB  . SER A 1 144 ? 11.071  12.114  -0.100  1.00 18.97 ? 228 SER A CB  1 
ATOM   1142 O  OG  . SER A 1 144 ? 11.353  12.988  0.978   1.00 20.87 ? 228 SER A OG  1 
ATOM   1143 N  N   . LEU A 1 145 ? 10.519  9.006   0.529   1.00 14.92 ? 229 LEU A N   1 
ATOM   1144 C  CA  . LEU A 1 145 ? 10.830  7.769   1.239   1.00 14.24 ? 229 LEU A CA  1 
ATOM   1145 C  C   . LEU A 1 145 ? 11.959  7.902   2.267   1.00 13.67 ? 229 LEU A C   1 
ATOM   1146 O  O   . LEU A 1 145 ? 13.059  8.367   1.947   1.00 13.22 ? 229 LEU A O   1 
ATOM   1147 C  CB  . LEU A 1 145 ? 11.203  6.690   0.218   1.00 14.40 ? 229 LEU A CB  1 
ATOM   1148 C  CG  . LEU A 1 145 ? 10.687  5.266   0.388   1.00 15.00 ? 229 LEU A CG  1 
ATOM   1149 C  CD1 . LEU A 1 145 ? 9.148   5.299   0.565   1.00 14.99 ? 229 LEU A CD1 1 
ATOM   1150 C  CD2 . LEU A 1 145 ? 11.102  4.416   -0.814  1.00 14.45 ? 229 LEU A CD2 1 
ATOM   1151 N  N   . PRO A 1 146 ? 11.679  7.540   3.535   1.00 13.21 ? 230 PRO A N   1 
ATOM   1152 C  CA  . PRO A 1 146 ? 12.708  7.627   4.585   1.00 12.41 ? 230 PRO A CA  1 
ATOM   1153 C  C   . PRO A 1 146 ? 13.887  6.727   4.185   1.00 12.00 ? 230 PRO A C   1 
ATOM   1154 O  O   . PRO A 1 146 ? 13.682  5.693   3.517   1.00 11.11 ? 230 PRO A O   1 
ATOM   1155 C  CB  . PRO A 1 146 ? 11.983  7.061   5.819   1.00 12.34 ? 230 PRO A CB  1 
ATOM   1156 C  CG  . PRO A 1 146 ? 10.565  7.432   5.576   1.00 12.62 ? 230 PRO A CG  1 
ATOM   1157 C  CD  . PRO A 1 146 ? 10.379  7.129   4.104   1.00 12.48 ? 230 PRO A CD  1 
ATOM   1158 N  N   . GLN A 1 147 ? 15.095  7.079   4.643   1.00 11.41 ? 231 GLN A N   1 
ATOM   1159 C  CA  . GLN A 1 147 ? 16.298  6.313   4.326   1.00 11.28 ? 231 GLN A CA  1 
ATOM   1160 C  C   . GLN A 1 147 ? 16.322  4.850   4.717   1.00 10.65 ? 231 GLN A C   1 
ATOM   1161 O  O   . GLN A 1 147 ? 17.002  4.057   4.053   1.00 10.89 ? 231 GLN A O   1 
ATOM   1162 C  CB  . GLN A 1 147 ? 17.557  7.012   4.842   1.00 12.27 ? 231 GLN A CB  1 
ATOM   1163 C  CG  . GLN A 1 147 ? 18.143  8.014   3.828   1.00 14.62 ? 231 GLN A CG  1 
ATOM   1164 C  CD  . GLN A 1 147 ? 19.008  7.355   2.765   1.00 15.31 ? 231 GLN A CD  1 
ATOM   1165 O  OE1 . GLN A 1 147 ? 18.856  7.590   1.562   1.00 15.32 ? 231 GLN A OE1 1 
ATOM   1166 N  NE2 . GLN A 1 147 ? 19.948  6.535   3.220   1.00 17.39 ? 231 GLN A NE2 1 
ATOM   1167 N  N   . ASP A 1 148 ? 15.593  4.464   5.773   1.00 10.16 ? 232 ASP A N   1 
ATOM   1168 C  CA  . ASP A 1 148 ? 15.566  3.060   6.170   1.00 9.49  ? 232 ASP A CA  1 
ATOM   1169 C  C   . ASP A 1 148 ? 14.795  2.220   5.122   1.00 9.00  ? 232 ASP A C   1 
ATOM   1170 O  O   . ASP A 1 148 ? 15.142  1.084   4.834   1.00 8.95  ? 232 ASP A O   1 
ATOM   1171 C  CB  . ASP A 1 148 ? 14.918  2.880   7.542   1.00 9.97  ? 232 ASP A CB  1 
ATOM   1172 C  CG  . ASP A 1 148 ? 14.981  1.441   8.022   1.00 10.67 ? 232 ASP A CG  1 
ATOM   1173 O  OD1 . ASP A 1 148 ? 16.070  0.994   8.435   1.00 10.68 ? 232 ASP A OD1 1 
ATOM   1174 O  OD2 . ASP A 1 148 ? 13.957  0.731   7.964   1.00 10.20 ? 232 ASP A OD2 1 
ATOM   1175 N  N   . ASP A 1 149 ? 13.790  2.819   4.508   1.00 8.31  ? 233 ASP A N   1 
ATOM   1176 C  CA  . ASP A 1 149 ? 12.968  2.121   3.511   1.00 8.18  ? 233 ASP A CA  1 
ATOM   1177 C  C   . ASP A 1 149 ? 13.684  1.976   2.159   1.00 7.58  ? 233 ASP A C   1 
ATOM   1178 O  O   . ASP A 1 149 ? 13.541  0.960   1.469   1.00 7.32  ? 233 ASP A O   1 
ATOM   1179 C  CB  . ASP A 1 149 ? 11.638  2.834   3.368   1.00 7.69  ? 233 ASP A CB  1 
ATOM   1180 C  CG  . ASP A 1 149 ? 10.898  2.942   4.710   1.00 8.07  ? 233 ASP A CG  1 
ATOM   1181 O  OD1 . ASP A 1 149 ? 10.460  1.892   5.217   1.00 6.33  ? 233 ASP A OD1 1 
ATOM   1182 O  OD2 . ASP A 1 149 ? 10.807  4.076   5.256   1.00 7.19  ? 233 ASP A OD2 1 
ATOM   1183 N  N   . ILE A 1 150 ? 14.480  2.989   1.828   1.00 6.90  ? 234 ILE A N   1 
ATOM   1184 C  CA  . ILE A 1 150 ? 15.284  2.987   0.622   1.00 6.68  ? 234 ILE A CA  1 
ATOM   1185 C  C   . ILE A 1 150 ? 16.258  1.809   0.802   1.00 6.68  ? 234 ILE A C   1 
ATOM   1186 O  O   . ILE A 1 150 ? 16.377  0.950   -0.076  1.00 6.39  ? 234 ILE A O   1 
ATOM   1187 C  CB  . ILE A 1 150 ? 16.061  4.324   0.486   1.00 6.88  ? 234 ILE A CB  1 
ATOM   1188 C  CG1 . ILE A 1 150 ? 15.114  5.433   0.078   1.00 6.74  ? 234 ILE A CG1 1 
ATOM   1189 C  CG2 . ILE A 1 150 ? 17.213  4.197   -0.493  1.00 6.65  ? 234 ILE A CG2 1 
ATOM   1190 C  CD1 . ILE A 1 150 ? 15.763  6.833   0.125   1.00 8.19  ? 234 ILE A CD1 1 
ATOM   1191 N  N   . ASP A 1 151 ? 16.932  1.751   1.953   1.00 6.76  ? 235 ASP A N   1 
ATOM   1192 C  CA  . ASP A 1 151 ? 17.858  0.670   2.231   1.00 7.26  ? 235 ASP A CA  1 
ATOM   1193 C  C   . ASP A 1 151 ? 17.126  -0.666  2.010   1.00 7.78  ? 235 ASP A C   1 
ATOM   1194 O  O   . ASP A 1 151 ? 17.658  -1.585  1.391   1.00 7.49  ? 235 ASP A O   1 
ATOM   1195 C  CB  . ASP A 1 151 ? 18.355  0.734   3.686   1.00 7.84  ? 235 ASP A CB  1 
ATOM   1196 C  CG  . ASP A 1 151 ? 19.320  1.878   3.947   1.00 8.53  ? 235 ASP A CG  1 
ATOM   1197 O  OD1 . ASP A 1 151 ? 19.872  2.424   2.961   1.00 9.27  ? 235 ASP A OD1 1 
ATOM   1198 O  OD2 . ASP A 1 151 ? 19.541  2.209   5.140   1.00 8.52  ? 235 ASP A OD2 1 
ATOM   1199 N  N   . GLY A 1 152 ? 15.905  -0.743  2.547   1.00 8.62  ? 236 GLY A N   1 
ATOM   1200 C  CA  . GLY A 1 152 ? 15.070  -1.931  2.435   1.00 8.95  ? 236 GLY A CA  1 
ATOM   1201 C  C   . GLY A 1 152 ? 14.781  -2.406  1.026   1.00 9.30  ? 236 GLY A C   1 
ATOM   1202 O  O   . GLY A 1 152 ? 15.046  -3.574  0.754   1.00 8.91  ? 236 GLY A O   1 
ATOM   1203 N  N   . ILE A 1 153 ? 14.265  -1.542  0.134   1.00 9.91  ? 237 ILE A N   1 
ATOM   1204 C  CA  . ILE A 1 153 ? 13.972  -1.978  -1.259  1.00 10.97 ? 237 ILE A CA  1 
ATOM   1205 C  C   . ILE A 1 153 ? 15.228  -2.246  -2.083  1.00 11.53 ? 237 ILE A C   1 
ATOM   1206 O  O   . ILE A 1 153 ? 15.258  -3.152  -2.950  1.00 10.65 ? 237 ILE A O   1 
ATOM   1207 C  CB  . ILE A 1 153 ? 13.095  -1.009  -2.138  1.00 11.29 ? 237 ILE A CB  1 
ATOM   1208 C  CG1 . ILE A 1 153 ? 12.979  0.360   -1.537  1.00 11.18 ? 237 ILE A CG1 1 
ATOM   1209 C  CG2 . ILE A 1 153 ? 11.762  -1.656  -2.583  1.00 11.43 ? 237 ILE A CG2 1 
ATOM   1210 C  CD1 . ILE A 1 153 ? 14.029  1.241   -2.042  1.00 12.54 ? 237 ILE A CD1 1 
ATOM   1211 N  N   . GLN A 1 154 ? 16.259  -1.441  -1.832  1.00 12.14 ? 238 GLN A N   1 
ATOM   1212 C  CA  . GLN A 1 154 ? 17.525  -1.597  -2.528  1.00 12.77 ? 238 GLN A CA  1 
ATOM   1213 C  C   . GLN A 1 154 ? 18.122  -2.944  -2.161  1.00 12.91 ? 238 GLN A C   1 
ATOM   1214 O  O   . GLN A 1 154 ? 18.694  -3.596  -3.002  1.00 13.34 ? 238 GLN A O   1 
ATOM   1215 C  CB  . GLN A 1 154 ? 18.478  -0.463  -2.148  1.00 13.28 ? 238 GLN A CB  1 
ATOM   1216 C  CG  . GLN A 1 154 ? 18.253  0.848   -2.871  1.00 16.39 ? 238 GLN A CG  1 
ATOM   1217 C  CD  . GLN A 1 154 ? 18.959  0.886   -4.243  1.00 16.31 ? 238 GLN A CD  1 
ATOM   1218 O  OE1 . GLN A 1 154 ? 20.139  0.518   -4.370  1.00 16.30 ? 238 GLN A OE1 1 
ATOM   1219 N  NE2 . GLN A 1 154 ? 18.244  1.348   -5.254  1.00 17.25 ? 238 GLN A NE2 1 
ATOM   1220 N  N   . ALA A 1 155 ? 17.973  -3.371  -0.909  1.00 13.17 ? 239 ALA A N   1 
ATOM   1221 C  CA  . ALA A 1 155 ? 18.509  -4.658  -0.485  1.00 13.73 ? 239 ALA A CA  1 
ATOM   1222 C  C   . ALA A 1 155 ? 17.797  -5.820  -1.159  1.00 14.59 ? 239 ALA A C   1 
ATOM   1223 O  O   . ALA A 1 155 ? 18.345  -6.924  -1.241  1.00 14.70 ? 239 ALA A O   1 
ATOM   1224 C  CB  . ALA A 1 155 ? 18.436  -4.805  1.026   1.00 13.38 ? 239 ALA A CB  1 
ATOM   1225 N  N   . ILE A 1 156 ? 16.581  -5.572  -1.639  1.00 15.30 ? 240 ILE A N   1 
ATOM   1226 C  CA  . ILE A 1 156 ? 15.805  -6.609  -2.305  1.00 16.87 ? 240 ILE A CA  1 
ATOM   1227 C  C   . ILE A 1 156 ? 16.046  -6.671  -3.820  1.00 17.61 ? 240 ILE A C   1 
ATOM   1228 O  O   . ILE A 1 156 ? 16.333  -7.732  -4.382  1.00 16.84 ? 240 ILE A O   1 
ATOM   1229 C  CB  . ILE A 1 156 ? 14.304  -6.445  -2.034  1.00 16.45 ? 240 ILE A CB  1 
ATOM   1230 C  CG1 . ILE A 1 156 ? 14.032  -6.657  -0.555  1.00 16.95 ? 240 ILE A CG1 1 
ATOM   1231 C  CG2 . ILE A 1 156 ? 13.534  -7.488  -2.783  1.00 17.13 ? 240 ILE A CG2 1 
ATOM   1232 C  CD1 . ILE A 1 156 ? 12.652  -6.230  -0.110  1.00 17.69 ? 240 ILE A CD1 1 
ATOM   1233 N  N   . TYR A 1 157 ? 15.853  -5.525  -4.459  1.00 19.11 ? 241 TYR A N   1 
ATOM   1234 C  CA  . TYR A 1 157 ? 16.009  -5.369  -5.891  1.00 21.08 ? 241 TYR A CA  1 
ATOM   1235 C  C   . TYR A 1 157 ? 17.287  -4.561  -6.091  1.00 22.42 ? 241 TYR A C   1 
ATOM   1236 O  O   . TYR A 1 157 ? 18.380  -5.049  -5.802  1.00 23.17 ? 241 TYR A O   1 
ATOM   1237 C  CB  . TYR A 1 157 ? 14.805  -4.619  -6.447  1.00 20.90 ? 241 TYR A CB  1 
ATOM   1238 C  CG  . TYR A 1 157 ? 13.493  -5.274  -6.133  1.00 21.60 ? 241 TYR A CG  1 
ATOM   1239 C  CD1 . TYR A 1 157 ? 13.001  -6.315  -6.938  1.00 21.91 ? 241 TYR A CD1 1 
ATOM   1240 C  CD2 . TYR A 1 157 ? 12.726  -4.863  -5.037  1.00 21.37 ? 241 TYR A CD2 1 
ATOM   1241 C  CE1 . TYR A 1 157 ? 11.779  -6.934  -6.668  1.00 21.68 ? 241 TYR A CE1 1 
ATOM   1242 C  CE2 . TYR A 1 157 ? 11.497  -5.484  -4.754  1.00 22.02 ? 241 TYR A CE2 1 
ATOM   1243 C  CZ  . TYR A 1 157 ? 11.037  -6.520  -5.577  1.00 21.95 ? 241 TYR A CZ  1 
ATOM   1244 O  OH  . TYR A 1 157 ? 9.872   -7.175  -5.292  1.00 22.37 ? 241 TYR A OH  1 
ATOM   1245 N  N   . GLY A 1 158 ? 17.150  -3.298  -6.483  1.00 23.74 ? 242 GLY A N   1 
ATOM   1246 C  CA  . GLY A 1 158 ? 18.322  -2.466  -6.698  1.00 24.81 ? 242 GLY A CA  1 
ATOM   1247 C  C   . GLY A 1 158 ? 17.908  -1.129  -7.262  1.00 25.31 ? 242 GLY A C   1 
HETATM 1248 N  N   . 0ZB B 2 .   ? -0.498  -3.329  7.400   1.00 45.04 ? 1   0ZB A N   1 
HETATM 1249 O  OH  . 0ZB B 2 .   ? 0.607   -3.656  6.610   1.00 45.06 ? 1   0ZB A OH  1 
HETATM 1250 C  C1  . 0ZB B 2 .   ? -0.115  -3.688  8.609   1.00 45.20 ? 1   0ZB A C1  1 
HETATM 1251 O  O1  . 0ZB B 2 .   ? 1.072   -3.572  8.971   1.00 44.71 ? 1   0ZB A O1  1 
HETATM 1252 C  CA  . 0ZB B 2 .   ? -1.279  -3.947  9.594   1.00 45.57 ? 1   0ZB A CA  1 
HETATM 1253 C  CB  . 0ZB B 2 .   ? -0.909  -5.005  10.653  1.00 45.70 ? 1   0ZB A CB  1 
HETATM 1254 C  CG  . 0ZB B 2 .   ? -1.135  -6.499  10.347  1.00 45.73 ? 1   0ZB A CG  1 
HETATM 1255 C  CD1 . 0ZB B 2 .   ? -2.617  -6.806  10.247  1.00 45.93 ? 1   0ZB A CD1 1 
HETATM 1256 C  CD2 . 0ZB B 2 .   ? -0.443  -6.925  9.069   1.00 45.94 ? 1   0ZB A CD2 1 
HETATM 1257 C  C   . 0ZB B 2 .   ? -1.920  -2.724  10.257  1.00 45.78 ? 1   0ZB A C   1 
HETATM 1258 O  O   . 0ZB B 2 .   ? -3.121  -2.483  10.108  1.00 45.57 ? 1   0ZB A O   1 
HETATM 1259 N  N1  . 0ZB B 2 .   ? -1.117  -1.941  10.966  1.00 46.27 ? 1   0ZB A N1  1 
HETATM 1260 C  CA1 . 0ZB B 2 .   ? -1.636  -0.745  11.607  1.00 46.92 ? 1   0ZB A CA1 1 
HETATM 1261 C  C2  . 0ZB B 2 .   ? -1.273  0.486   10.768  1.00 47.31 ? 1   0ZB A C2  1 
HETATM 1262 O  O2  . 0ZB B 2 .   ? -1.403  1.628   11.225  1.00 47.41 ? 1   0ZB A O2  1 
HETATM 1263 C  CB1 . 0ZB B 2 .   ? -1.088  -0.616  13.031  1.00 46.95 ? 1   0ZB A CB1 1 
HETATM 1264 C  CG1 . 0ZB B 2 .   ? -1.834  0.417   13.853  1.00 47.00 ? 1   0ZB A CG1 1 
HETATM 1265 O  OD1 . 0ZB B 2 .   ? -2.963  0.125   14.303  0.00 46.98 ? 1   0ZB A OD1 1 
HETATM 1266 O  OD2 . 0ZB B 2 .   ? -1.285  1.519   14.050  1.00 47.00 ? 1   0ZB A OD2 1 
HETATM 1267 N  N2  . 0ZB B 2 .   ? -0.808  0.249   9.542   1.00 47.48 ? 1   0ZB A N2  1 
HETATM 1268 C  C3  . 0ZB B 2 .   ? -0.427  1.288   8.591   1.00 47.70 ? 1   0ZB A C3  1 
HETATM 1269 C  C11 . 0ZB B 2 .   ? 0.772   2.192   8.719   1.00 47.98 ? 1   0ZB A C11 1 
HETATM 1270 C  C21 . 0ZB B 2 .   ? 0.830   3.400   8.009   1.00 48.11 ? 1   0ZB A C21 1 
HETATM 1271 C  C31 . 0ZB B 2 .   ? 1.953   4.221   8.097   1.00 48.53 ? 1   0ZB A C31 1 
HETATM 1272 C  C4  . 0ZB B 2 .   ? 3.045   3.852   8.898   1.00 48.64 ? 1   0ZB A C4  1 
HETATM 1273 C  C5  . 0ZB B 2 .   ? 2.997   2.649   9.614   1.00 48.39 ? 1   0ZB A C5  1 
HETATM 1274 C  C6  . 0ZB B 2 .   ? 1.861   1.829   9.518   1.00 48.05 ? 1   0ZB A C6  1 
HETATM 1275 H  HN  . 0ZB B 2 .   ? -1.428  -3.581  7.141   0.00 0.00  ? 1   0ZB A HN  1 
HETATM 1276 H  HOH . 0ZB B 2 .   ? 0.285   -4.328  5.967   0.00 0.00  ? 1   0ZB A HOH 1 
HETATM 1277 H  H   . 0ZB B 2 .   ? -0.177  -2.157  11.142  0.00 0.00  ? 1   0ZB A H   1 
HETATM 1278 H  HN2 . 0ZB B 2 .   ? -0.768  -0.676  9.258   0.00 0.00  ? 1   0ZB A HN2 1 
HETATM 1279 CA CA  . CA  C 3 .   ? -1.716  -10.685 -6.945  1.00 7.34  ? 996 CA  A CA  1 
HETATM 1280 CA CA  . CA  D 3 .   ? -10.035 -1.429  11.463  1.00 6.00  ? 997 CA  A CA  1 
HETATM 1281 ZN ZN  . ZN  E 4 .   ? -7.784  -9.152  3.159   1.00 9.75  ? 998 ZN  A ZN  1 
HETATM 1282 ZN ZN  . ZN  F 4 .   ? 2.605   -3.344  7.918   1.00 10.11 ? 999 ZN  A ZN  1 
# 
